data_1P6S
#
_entry.id   1P6S
#
_entity_poly.entity_id   1
_entity_poly.type   'polypeptide(L)'
_entity_poly.pdbx_seq_one_letter_code
;MNEVSVIKEGWLHKRGEYIKTWRPRYFLLKSDGSFIGYKERPEAPDQTLPPLNNFSVAECQLMKTERPRPNTFVIRCLQW
TTVIERTFHVDSPDEREEWMRAIQMVANSLK
;
_entity_poly.pdbx_strand_id   A
#
# COMPACT_ATOMS: atom_id res chain seq x y z
N MET A 1 20.44 -6.85 -8.83
CA MET A 1 19.74 -6.78 -7.52
C MET A 1 18.44 -7.59 -7.57
N ASN A 2 18.31 -8.56 -6.71
CA ASN A 2 17.07 -9.40 -6.69
C ASN A 2 16.96 -10.16 -5.35
N GLU A 3 17.24 -9.50 -4.25
CA GLU A 3 17.15 -10.16 -2.92
C GLU A 3 16.22 -9.38 -1.98
N VAL A 4 15.14 -8.86 -2.51
CA VAL A 4 14.18 -8.09 -1.65
C VAL A 4 13.14 -9.02 -1.04
N SER A 5 13.04 -9.05 0.27
CA SER A 5 12.03 -9.92 0.94
C SER A 5 10.82 -9.09 1.35
N VAL A 6 9.79 -9.72 1.88
CA VAL A 6 8.58 -8.95 2.32
C VAL A 6 8.81 -8.37 3.72
N ILE A 7 8.51 -7.12 3.90
CA ILE A 7 8.71 -6.47 5.23
C ILE A 7 7.44 -6.55 6.07
N LYS A 8 6.29 -6.27 5.48
CA LYS A 8 5.01 -6.32 6.27
C LYS A 8 3.83 -6.66 5.36
N GLU A 9 2.96 -7.53 5.82
CA GLU A 9 1.75 -7.91 5.01
C GLU A 9 0.49 -7.63 5.83
N GLY A 10 -0.47 -6.93 5.27
CA GLY A 10 -1.71 -6.62 6.04
C GLY A 10 -2.87 -6.26 5.10
N TRP A 11 -4.06 -6.16 5.62
CA TRP A 11 -5.23 -5.80 4.77
C TRP A 11 -5.45 -4.29 4.78
N LEU A 12 -5.75 -3.70 3.66
CA LEU A 12 -5.99 -2.22 3.60
C LEU A 12 -7.36 -1.93 2.99
N HIS A 13 -7.98 -0.84 3.36
CA HIS A 13 -9.33 -0.52 2.79
C HIS A 13 -9.21 0.52 1.67
N LYS A 14 -9.64 0.17 0.49
CA LYS A 14 -9.58 1.12 -0.66
C LYS A 14 -10.99 1.31 -1.24
N ARG A 15 -11.35 2.54 -1.56
CA ARG A 15 -12.71 2.79 -2.13
C ARG A 15 -12.88 2.05 -3.46
N GLY A 16 -14.03 1.46 -3.67
CA GLY A 16 -14.27 0.71 -4.94
C GLY A 16 -15.77 0.45 -5.09
N GLU A 17 -16.58 1.47 -5.13
CA GLU A 17 -18.05 1.29 -5.28
C GLU A 17 -18.70 2.57 -5.82
N TYR A 18 -19.89 2.46 -6.34
CA TYR A 18 -20.60 3.67 -6.88
C TYR A 18 -20.81 4.71 -5.76
N ILE A 19 -20.82 4.29 -4.52
CA ILE A 19 -21.00 5.26 -3.40
C ILE A 19 -19.66 5.44 -2.64
N LYS A 20 -19.69 5.93 -1.43
CA LYS A 20 -18.40 6.11 -0.68
C LYS A 20 -18.12 4.89 0.21
N THR A 21 -17.82 3.76 -0.39
CA THR A 21 -17.52 2.54 0.41
C THR A 21 -16.09 2.08 0.14
N TRP A 22 -15.42 1.56 1.15
CA TRP A 22 -14.01 1.09 0.96
C TRP A 22 -13.95 -0.43 1.19
N ARG A 23 -13.33 -1.15 0.29
CA ARG A 23 -13.23 -2.63 0.45
C ARG A 23 -11.83 -3.02 0.93
N PRO A 24 -11.78 -4.03 1.78
CA PRO A 24 -10.49 -4.53 2.31
C PRO A 24 -9.70 -5.30 1.25
N ARG A 25 -8.42 -5.02 1.14
CA ARG A 25 -7.56 -5.72 0.14
C ARG A 25 -6.28 -6.20 0.82
N TYR A 26 -5.83 -7.39 0.50
CA TYR A 26 -4.58 -7.91 1.14
C TYR A 26 -3.35 -7.25 0.51
N PHE A 27 -2.71 -6.36 1.22
CA PHE A 27 -1.50 -5.67 0.67
C PHE A 27 -0.22 -6.27 1.24
N LEU A 28 0.79 -6.40 0.42
CA LEU A 28 2.09 -6.97 0.91
C LEU A 28 3.21 -5.97 0.64
N LEU A 29 3.93 -5.57 1.66
CA LEU A 29 5.04 -4.58 1.46
C LEU A 29 6.40 -5.29 1.43
N LYS A 30 7.23 -4.95 0.48
CA LYS A 30 8.57 -5.59 0.39
C LYS A 30 9.67 -4.63 0.87
N SER A 31 10.89 -5.11 0.96
CA SER A 31 12.02 -4.24 1.42
C SER A 31 12.51 -3.34 0.28
N ASP A 32 11.88 -3.37 -0.87
CA ASP A 32 12.32 -2.51 -2.01
C ASP A 32 11.58 -1.16 -1.98
N GLY A 33 10.79 -0.92 -0.97
CA GLY A 33 10.04 0.37 -0.90
C GLY A 33 8.80 0.28 -1.80
N SER A 34 8.18 -0.87 -1.84
CA SER A 34 6.97 -1.04 -2.71
C SER A 34 6.06 -2.13 -2.15
N PHE A 35 4.77 -1.90 -2.16
CA PHE A 35 3.82 -2.93 -1.65
C PHE A 35 2.67 -3.14 -2.64
N ILE A 36 2.28 -4.37 -2.85
CA ILE A 36 1.19 -4.66 -3.83
C ILE A 36 -0.12 -5.00 -3.11
N GLY A 37 -1.23 -4.60 -3.67
CA GLY A 37 -2.56 -4.89 -3.06
C GLY A 37 -3.25 -6.02 -3.82
N TYR A 38 -3.78 -6.98 -3.10
CA TYR A 38 -4.47 -8.13 -3.75
C TYR A 38 -5.94 -8.17 -3.29
N LYS A 39 -6.85 -8.43 -4.20
CA LYS A 39 -8.30 -8.50 -3.81
C LYS A 39 -8.48 -9.57 -2.73
N GLU A 40 -7.91 -10.74 -2.94
CA GLU A 40 -8.02 -11.84 -1.94
C GLU A 40 -6.62 -12.31 -1.54
N ARG A 41 -6.48 -13.52 -1.06
CA ARG A 41 -5.13 -14.01 -0.66
C ARG A 41 -4.73 -15.24 -1.51
N PRO A 42 -4.51 -14.99 -2.79
CA PRO A 42 -4.11 -16.09 -3.72
C PRO A 42 -2.65 -16.50 -3.45
N GLU A 43 -2.33 -17.74 -3.68
CA GLU A 43 -0.92 -18.22 -3.44
C GLU A 43 -0.69 -19.60 -4.06
N ALA A 44 -1.23 -19.83 -5.24
CA ALA A 44 -1.06 -21.15 -5.90
C ALA A 44 0.35 -21.29 -6.49
N PRO A 45 1.00 -22.38 -6.15
CA PRO A 45 2.37 -22.66 -6.65
C PRO A 45 2.34 -23.17 -8.11
N ASP A 46 1.22 -23.69 -8.54
CA ASP A 46 1.11 -24.21 -9.94
C ASP A 46 0.59 -23.11 -10.89
N GLN A 47 -0.05 -22.11 -10.36
CA GLN A 47 -0.58 -21.00 -11.21
C GLN A 47 -0.47 -19.68 -10.45
N THR A 48 0.75 -19.24 -10.19
CA THR A 48 0.96 -17.96 -9.44
C THR A 48 0.03 -16.85 -9.98
N LEU A 49 -0.63 -16.15 -9.10
CA LEU A 49 -1.56 -15.07 -9.54
C LEU A 49 -0.84 -13.70 -9.55
N PRO A 50 -1.08 -12.95 -10.60
CA PRO A 50 -0.44 -11.61 -10.74
C PRO A 50 -1.03 -10.61 -9.75
N PRO A 51 -0.25 -9.59 -9.45
CA PRO A 51 -0.68 -8.54 -8.48
C PRO A 51 -1.76 -7.63 -9.11
N LEU A 52 -2.80 -7.33 -8.36
CA LEU A 52 -3.88 -6.44 -8.90
C LEU A 52 -3.51 -4.97 -8.70
N ASN A 53 -3.12 -4.60 -7.50
CA ASN A 53 -2.74 -3.18 -7.23
C ASN A 53 -1.24 -3.08 -6.96
N ASN A 54 -0.57 -2.13 -7.56
CA ASN A 54 0.90 -1.99 -7.34
C ASN A 54 1.20 -0.61 -6.74
N PHE A 55 1.60 -0.57 -5.49
CA PHE A 55 1.91 0.74 -4.84
C PHE A 55 3.41 0.87 -4.58
N SER A 56 4.04 1.89 -5.13
CA SER A 56 5.51 2.08 -4.92
C SER A 56 5.77 3.36 -4.12
N VAL A 57 6.64 3.27 -3.13
CA VAL A 57 6.96 4.48 -2.30
C VAL A 57 8.47 4.81 -2.40
N ALA A 58 9.11 4.48 -3.49
CA ALA A 58 10.57 4.78 -3.63
C ALA A 58 10.78 6.30 -3.77
N GLU A 59 9.95 6.96 -4.55
CA GLU A 59 10.10 8.44 -4.73
C GLU A 59 8.93 9.16 -4.06
N CYS A 60 9.01 10.48 -3.99
CA CYS A 60 7.93 11.30 -3.36
C CYS A 60 7.66 10.86 -1.91
N GLN A 61 6.53 11.24 -1.35
CA GLN A 61 6.23 10.86 0.07
C GLN A 61 4.71 10.74 0.30
N LEU A 62 4.32 10.08 1.36
CA LEU A 62 2.87 9.93 1.67
C LEU A 62 2.53 10.68 2.98
N MET A 63 1.29 11.03 3.17
CA MET A 63 0.90 11.75 4.42
C MET A 63 -0.28 11.06 5.10
N LYS A 64 -0.26 10.98 6.40
CA LYS A 64 -1.37 10.33 7.15
C LYS A 64 -2.51 11.33 7.36
N THR A 65 -3.72 10.94 7.05
CA THR A 65 -4.88 11.87 7.21
C THR A 65 -6.04 11.19 7.94
N GLU A 66 -7.13 11.91 8.16
CA GLU A 66 -8.31 11.32 8.86
C GLU A 66 -9.58 11.51 8.01
N ARG A 67 -9.43 11.72 6.72
CA ARG A 67 -10.62 11.91 5.84
C ARG A 67 -10.51 10.99 4.62
N PRO A 68 -11.62 10.40 4.24
CA PRO A 68 -12.91 10.59 4.96
C PRO A 68 -12.91 9.87 6.32
N ARG A 69 -12.11 8.83 6.47
CA ARG A 69 -12.08 8.10 7.78
C ARG A 69 -10.72 8.31 8.47
N PRO A 70 -10.70 8.07 9.76
CA PRO A 70 -9.45 8.24 10.56
C PRO A 70 -8.41 7.18 10.15
N ASN A 71 -7.15 7.44 10.43
CA ASN A 71 -6.06 6.48 10.08
C ASN A 71 -6.08 6.19 8.56
N THR A 72 -5.82 7.21 7.77
CA THR A 72 -5.81 7.03 6.29
C THR A 72 -4.47 7.51 5.71
N PHE A 73 -4.11 7.01 4.56
CA PHE A 73 -2.81 7.42 3.94
C PHE A 73 -3.06 8.10 2.58
N VAL A 74 -2.50 9.26 2.37
CA VAL A 74 -2.70 9.97 1.07
C VAL A 74 -1.34 10.23 0.39
N ILE A 75 -1.30 10.09 -0.91
CA ILE A 75 -0.03 10.34 -1.65
C ILE A 75 -0.30 11.19 -2.90
N ARG A 76 0.57 12.11 -3.21
CA ARG A 76 0.36 12.97 -4.42
C ARG A 76 1.53 12.80 -5.39
N CYS A 77 1.60 11.66 -6.05
CA CYS A 77 2.72 11.42 -7.01
C CYS A 77 2.39 10.24 -7.93
N LEU A 78 1.88 10.52 -9.10
CA LEU A 78 1.55 9.41 -10.06
C LEU A 78 2.66 9.28 -11.09
N GLN A 79 3.31 8.14 -11.14
CA GLN A 79 4.42 7.95 -12.12
C GLN A 79 3.99 7.03 -13.26
N TRP A 80 3.72 5.77 -12.98
CA TRP A 80 3.30 4.83 -14.07
C TRP A 80 2.52 3.65 -13.46
N THR A 81 1.37 3.91 -12.89
CA THR A 81 0.56 2.81 -12.29
C THR A 81 -0.72 2.60 -13.10
N THR A 82 -1.16 1.36 -13.25
CA THR A 82 -2.42 1.10 -14.02
C THR A 82 -3.62 1.67 -13.27
N VAL A 83 -3.58 1.65 -11.96
CA VAL A 83 -4.72 2.19 -11.15
C VAL A 83 -4.32 3.56 -10.57
N ILE A 84 -5.29 4.43 -10.36
CA ILE A 84 -4.98 5.77 -9.79
C ILE A 84 -5.31 5.78 -8.29
N GLU A 85 -4.35 5.48 -7.46
CA GLU A 85 -4.60 5.45 -5.98
C GLU A 85 -4.11 6.75 -5.32
N ARG A 86 -5.01 7.62 -4.95
CA ARG A 86 -4.61 8.90 -4.28
C ARG A 86 -4.56 8.70 -2.76
N THR A 87 -5.60 8.15 -2.19
CA THR A 87 -5.62 7.92 -0.71
C THR A 87 -6.12 6.49 -0.41
N PHE A 88 -5.56 5.85 0.58
CA PHE A 88 -6.00 4.47 0.94
C PHE A 88 -6.16 4.36 2.46
N HIS A 89 -7.05 3.52 2.92
CA HIS A 89 -7.27 3.37 4.40
C HIS A 89 -6.64 2.09 4.93
N VAL A 90 -6.33 2.05 6.21
CA VAL A 90 -5.72 0.81 6.80
C VAL A 90 -6.75 0.06 7.65
N ASP A 91 -6.49 -1.20 7.92
CA ASP A 91 -7.44 -2.01 8.75
C ASP A 91 -7.55 -1.46 10.18
N SER A 92 -6.48 -0.95 10.73
CA SER A 92 -6.53 -0.40 12.13
C SER A 92 -5.51 0.73 12.31
N PRO A 93 -5.59 1.40 13.45
CA PRO A 93 -4.64 2.51 13.74
C PRO A 93 -3.24 1.93 13.94
N ASP A 94 -3.13 0.81 14.61
CA ASP A 94 -1.79 0.18 14.82
C ASP A 94 -1.20 -0.20 13.45
N GLU A 95 -2.04 -0.61 12.52
CA GLU A 95 -1.53 -0.97 11.16
C GLU A 95 -1.06 0.29 10.43
N ARG A 96 -1.80 1.38 10.56
CA ARG A 96 -1.37 2.65 9.89
C ARG A 96 0.06 3.01 10.33
N GLU A 97 0.37 2.85 11.58
CA GLU A 97 1.74 3.16 12.07
C GLU A 97 2.73 2.11 11.55
N GLU A 98 2.31 0.87 11.45
CA GLU A 98 3.23 -0.20 10.94
C GLU A 98 3.63 0.11 9.49
N TRP A 99 2.71 0.58 8.69
CA TRP A 99 3.05 0.91 7.27
C TRP A 99 4.03 2.10 7.24
N MET A 100 3.72 3.15 7.95
CA MET A 100 4.63 4.33 8.01
C MET A 100 6.01 3.92 8.53
N ARG A 101 6.03 3.07 9.54
CA ARG A 101 7.34 2.62 10.11
C ARG A 101 8.14 1.84 9.06
N ALA A 102 7.48 0.96 8.33
CA ALA A 102 8.19 0.16 7.28
C ALA A 102 8.75 1.10 6.20
N ILE A 103 7.96 2.06 5.76
CA ILE A 103 8.43 3.01 4.70
C ILE A 103 9.70 3.72 5.20
N GLN A 104 9.72 4.16 6.43
CA GLN A 104 10.92 4.85 6.98
C GLN A 104 12.10 3.87 7.09
N MET A 105 11.85 2.68 7.57
CA MET A 105 12.95 1.66 7.71
C MET A 105 13.45 1.24 6.32
N VAL A 106 12.55 1.01 5.39
CA VAL A 106 12.98 0.62 4.02
C VAL A 106 13.62 1.82 3.32
N ALA A 107 13.15 3.02 3.61
CA ALA A 107 13.74 4.24 2.97
C ALA A 107 15.24 4.34 3.30
N ASN A 108 15.65 3.89 4.47
CA ASN A 108 17.11 3.95 4.83
C ASN A 108 17.93 3.19 3.79
N SER A 109 17.46 2.03 3.37
CA SER A 109 18.21 1.24 2.34
C SER A 109 17.78 1.67 0.93
N LEU A 110 16.57 2.15 0.78
CA LEU A 110 16.08 2.60 -0.56
C LEU A 110 16.90 3.80 -1.04
N LYS A 111 17.13 4.77 -0.17
CA LYS A 111 17.93 5.99 -0.54
C LYS A 111 17.32 6.71 -1.76
N MET A 1 17.21 -11.74 -10.36
CA MET A 1 16.47 -10.68 -11.12
C MET A 1 15.26 -10.19 -10.30
N ASN A 2 15.31 -8.96 -9.84
CA ASN A 2 14.18 -8.39 -9.04
C ASN A 2 13.79 -9.36 -7.90
N GLU A 3 14.71 -9.62 -7.00
CA GLU A 3 14.40 -10.54 -5.86
C GLU A 3 14.25 -9.74 -4.56
N VAL A 4 13.39 -8.76 -4.57
CA VAL A 4 13.18 -7.91 -3.34
C VAL A 4 12.38 -8.71 -2.29
N SER A 5 12.73 -8.55 -1.04
CA SER A 5 12.01 -9.28 0.06
C SER A 5 10.83 -8.45 0.57
N VAL A 6 9.96 -9.07 1.33
CA VAL A 6 8.77 -8.32 1.87
C VAL A 6 9.10 -7.76 3.26
N ILE A 7 8.69 -6.55 3.53
CA ILE A 7 8.97 -5.94 4.87
C ILE A 7 7.74 -6.11 5.78
N LYS A 8 6.55 -5.91 5.27
CA LYS A 8 5.34 -6.08 6.13
C LYS A 8 4.09 -6.33 5.26
N GLU A 9 3.25 -7.24 5.68
CA GLU A 9 2.00 -7.54 4.91
C GLU A 9 0.78 -7.35 5.81
N GLY A 10 -0.31 -6.85 5.28
CA GLY A 10 -1.53 -6.65 6.12
C GLY A 10 -2.74 -6.34 5.23
N TRP A 11 -3.92 -6.32 5.81
CA TRP A 11 -5.14 -6.02 5.01
C TRP A 11 -5.47 -4.52 5.09
N LEU A 12 -5.61 -3.88 3.96
CA LEU A 12 -5.92 -2.42 3.96
C LEU A 12 -7.16 -2.14 3.11
N HIS A 13 -7.81 -1.02 3.34
CA HIS A 13 -9.05 -0.70 2.56
C HIS A 13 -8.76 0.30 1.44
N LYS A 14 -9.21 -0.02 0.25
CA LYS A 14 -9.00 0.90 -0.92
C LYS A 14 -10.37 1.23 -1.55
N ARG A 15 -10.59 2.47 -1.91
CA ARG A 15 -11.91 2.83 -2.52
C ARG A 15 -12.03 2.22 -3.92
N GLY A 16 -13.20 1.77 -4.29
CA GLY A 16 -13.38 1.15 -5.63
C GLY A 16 -13.32 2.22 -6.73
N GLU A 17 -14.44 2.85 -7.01
CA GLU A 17 -14.46 3.90 -8.08
C GLU A 17 -15.08 5.21 -7.54
N TYR A 18 -15.92 5.86 -8.32
CA TYR A 18 -16.55 7.15 -7.87
C TYR A 18 -17.36 6.95 -6.58
N ILE A 19 -17.80 5.75 -6.29
CA ILE A 19 -18.59 5.51 -5.04
C ILE A 19 -17.71 5.75 -3.80
N LYS A 20 -18.29 6.12 -2.69
CA LYS A 20 -17.50 6.37 -1.45
C LYS A 20 -17.43 5.11 -0.58
N THR A 21 -16.89 4.05 -1.12
CA THR A 21 -16.78 2.78 -0.32
C THR A 21 -15.35 2.24 -0.43
N TRP A 22 -14.84 1.68 0.64
CA TRP A 22 -13.44 1.13 0.60
C TRP A 22 -13.48 -0.39 0.82
N ARG A 23 -12.84 -1.13 -0.05
CA ARG A 23 -12.84 -2.63 0.10
C ARG A 23 -11.53 -3.11 0.73
N PRO A 24 -11.65 -4.14 1.54
CA PRO A 24 -10.45 -4.72 2.21
C PRO A 24 -9.60 -5.52 1.21
N ARG A 25 -8.34 -5.18 1.10
CA ARG A 25 -7.44 -5.89 0.16
C ARG A 25 -6.12 -6.23 0.86
N TYR A 26 -5.54 -7.37 0.55
CA TYR A 26 -4.25 -7.75 1.21
C TYR A 26 -3.10 -6.91 0.63
N PHE A 27 -2.69 -5.89 1.32
CA PHE A 27 -1.57 -5.04 0.81
C PHE A 27 -0.27 -5.35 1.57
N LEU A 28 0.81 -5.50 0.85
CA LEU A 28 2.12 -5.81 1.51
C LEU A 28 3.22 -4.89 0.97
N LEU A 29 4.05 -4.36 1.84
CA LEU A 29 5.15 -3.46 1.37
C LEU A 29 6.48 -4.24 1.30
N LYS A 30 7.12 -4.22 0.16
CA LYS A 30 8.42 -4.95 0.00
C LYS A 30 9.61 -4.02 0.25
N SER A 31 10.80 -4.55 0.18
CA SER A 31 12.03 -3.71 0.39
C SER A 31 12.30 -2.82 -0.82
N ASP A 32 11.52 -2.94 -1.87
CA ASP A 32 11.74 -2.09 -3.09
C ASP A 32 11.00 -0.76 -2.96
N GLY A 33 10.24 -0.57 -1.90
CA GLY A 33 9.48 0.69 -1.75
C GLY A 33 8.20 0.59 -2.59
N SER A 34 7.58 -0.56 -2.62
CA SER A 34 6.35 -0.73 -3.42
C SER A 34 5.31 -1.54 -2.64
N PHE A 35 4.12 -1.02 -2.53
CA PHE A 35 3.04 -1.74 -1.79
C PHE A 35 2.22 -2.58 -2.79
N ILE A 36 2.13 -3.86 -2.58
CA ILE A 36 1.35 -4.72 -3.52
C ILE A 36 -0.01 -5.05 -2.91
N GLY A 37 -1.07 -4.71 -3.61
CA GLY A 37 -2.45 -5.00 -3.09
C GLY A 37 -3.00 -6.26 -3.74
N TYR A 38 -3.47 -7.17 -2.94
CA TYR A 38 -4.04 -8.44 -3.47
C TYR A 38 -5.54 -8.53 -3.14
N LYS A 39 -6.34 -8.99 -4.07
CA LYS A 39 -7.81 -9.11 -3.80
C LYS A 39 -8.04 -10.10 -2.66
N GLU A 40 -7.35 -11.22 -2.70
CA GLU A 40 -7.48 -12.25 -1.62
C GLU A 40 -6.08 -12.75 -1.26
N ARG A 41 -5.73 -12.74 0.01
CA ARG A 41 -4.36 -13.19 0.44
C ARG A 41 -3.96 -14.52 -0.25
N PRO A 42 -3.13 -14.40 -1.26
CA PRO A 42 -2.66 -15.58 -2.01
C PRO A 42 -1.37 -16.13 -1.40
N GLU A 43 -1.10 -17.38 -1.59
CA GLU A 43 0.15 -17.98 -1.03
C GLU A 43 0.87 -18.81 -2.10
N ALA A 44 0.16 -19.70 -2.76
CA ALA A 44 0.79 -20.56 -3.82
C ALA A 44 1.84 -21.51 -3.23
N PRO A 45 2.23 -22.49 -4.01
CA PRO A 45 3.24 -23.47 -3.57
C PRO A 45 4.64 -22.83 -3.60
N ASP A 46 4.96 -22.16 -4.68
CA ASP A 46 6.29 -21.49 -4.80
C ASP A 46 6.10 -19.99 -5.00
N GLN A 47 5.57 -19.59 -6.15
CA GLN A 47 5.33 -18.15 -6.42
C GLN A 47 4.54 -17.98 -7.73
N THR A 48 3.33 -18.48 -7.78
CA THR A 48 2.50 -18.35 -9.02
C THR A 48 1.26 -17.50 -8.73
N LEU A 49 1.46 -16.33 -8.20
CA LEU A 49 0.31 -15.43 -7.88
C LEU A 49 0.43 -14.12 -8.68
N PRO A 50 -0.58 -13.84 -9.48
CA PRO A 50 -0.59 -12.59 -10.28
C PRO A 50 -0.92 -11.39 -9.40
N PRO A 51 -0.13 -10.35 -9.50
CA PRO A 51 -0.36 -9.12 -8.70
C PRO A 51 -1.61 -8.38 -9.15
N LEU A 52 -2.38 -7.86 -8.22
CA LEU A 52 -3.62 -7.12 -8.59
C LEU A 52 -3.37 -5.61 -8.53
N ASN A 53 -2.93 -5.11 -7.39
CA ASN A 53 -2.65 -3.65 -7.26
C ASN A 53 -1.16 -3.42 -7.00
N ASN A 54 -0.56 -2.49 -7.71
CA ASN A 54 0.90 -2.22 -7.49
C ASN A 54 1.11 -0.75 -7.10
N PHE A 55 1.47 -0.51 -5.86
CA PHE A 55 1.70 0.90 -5.39
C PHE A 55 3.20 1.19 -5.38
N SER A 56 3.65 2.16 -6.13
CA SER A 56 5.12 2.47 -6.14
C SER A 56 5.41 3.74 -5.33
N VAL A 57 6.32 3.65 -4.38
CA VAL A 57 6.67 4.83 -3.55
C VAL A 57 8.16 4.80 -3.16
N ALA A 58 9.03 4.85 -4.14
CA ALA A 58 10.50 4.82 -3.84
C ALA A 58 11.00 6.26 -3.57
N GLU A 59 10.64 7.18 -4.42
CA GLU A 59 11.06 8.60 -4.23
C GLU A 59 9.84 9.52 -4.29
N CYS A 60 8.87 9.26 -3.47
CA CYS A 60 7.63 10.11 -3.47
C CYS A 60 7.30 10.57 -2.05
N GLN A 61 6.51 11.61 -1.92
CA GLN A 61 6.16 12.12 -0.56
C GLN A 61 4.73 11.68 -0.18
N LEU A 62 4.58 11.10 0.98
CA LEU A 62 3.21 10.64 1.43
C LEU A 62 2.79 11.39 2.70
N MET A 63 1.52 11.42 2.99
CA MET A 63 1.03 12.14 4.20
C MET A 63 -0.06 11.35 4.91
N LYS A 64 -0.18 11.50 6.20
CA LYS A 64 -1.23 10.75 6.96
C LYS A 64 -2.48 11.63 7.15
N THR A 65 -3.64 11.05 7.09
CA THR A 65 -4.89 11.84 7.26
C THR A 65 -5.98 10.99 7.93
N GLU A 66 -7.13 11.57 8.19
CA GLU A 66 -8.24 10.81 8.84
C GLU A 66 -9.55 11.03 8.07
N ARG A 67 -9.48 11.24 6.78
CA ARG A 67 -10.72 11.45 5.97
C ARG A 67 -10.66 10.59 4.70
N PRO A 68 -11.76 9.94 4.39
CA PRO A 68 -13.00 10.02 5.22
C PRO A 68 -12.83 9.26 6.55
N ARG A 69 -12.02 8.23 6.57
CA ARG A 69 -11.83 7.45 7.84
C ARG A 69 -10.50 7.81 8.49
N PRO A 70 -10.41 7.58 9.79
CA PRO A 70 -9.17 7.88 10.54
C PRO A 70 -8.05 6.89 10.18
N ASN A 71 -6.83 7.20 10.54
CA ASN A 71 -5.67 6.30 10.21
C ASN A 71 -5.60 6.07 8.70
N THR A 72 -5.36 7.11 7.94
CA THR A 72 -5.30 6.98 6.45
C THR A 72 -3.98 7.48 5.90
N PHE A 73 -3.57 6.98 4.77
CA PHE A 73 -2.30 7.43 4.13
C PHE A 73 -2.59 7.93 2.72
N VAL A 74 -2.14 9.12 2.38
CA VAL A 74 -2.40 9.67 1.02
C VAL A 74 -1.09 10.15 0.38
N ILE A 75 -0.95 9.98 -0.90
CA ILE A 75 0.31 10.43 -1.58
C ILE A 75 -0.01 11.40 -2.72
N ARG A 76 0.79 12.43 -2.90
CA ARG A 76 0.52 13.42 -3.98
C ARG A 76 1.40 13.14 -5.20
N CYS A 77 2.71 13.31 -5.08
CA CYS A 77 3.64 13.06 -6.23
C CYS A 77 3.23 13.88 -7.46
N LEU A 78 3.73 13.52 -8.62
CA LEU A 78 3.37 14.28 -9.87
C LEU A 78 3.16 13.30 -11.03
N GLN A 79 3.78 13.53 -12.18
CA GLN A 79 3.61 12.61 -13.36
C GLN A 79 2.16 12.64 -13.89
N TRP A 80 1.95 12.11 -15.06
CA TRP A 80 0.57 12.09 -15.65
C TRP A 80 0.22 10.69 -16.15
N THR A 81 -1.05 10.44 -16.43
CA THR A 81 -1.50 9.09 -16.91
C THR A 81 -1.32 8.02 -15.83
N THR A 82 -0.10 7.65 -15.53
CA THR A 82 0.14 6.63 -14.45
C THR A 82 -0.02 7.27 -13.08
N VAL A 83 -1.21 7.23 -12.54
CA VAL A 83 -1.46 7.84 -11.19
C VAL A 83 -2.75 7.25 -10.57
N ILE A 84 -2.88 5.96 -10.57
CA ILE A 84 -4.11 5.32 -9.98
C ILE A 84 -3.95 5.19 -8.45
N GLU A 85 -2.79 4.76 -7.99
CA GLU A 85 -2.58 4.60 -6.53
C GLU A 85 -2.43 5.97 -5.85
N ARG A 86 -3.26 6.26 -4.87
CA ARG A 86 -3.17 7.58 -4.17
C ARG A 86 -3.79 7.48 -2.77
N THR A 87 -5.02 7.03 -2.67
CA THR A 87 -5.68 6.92 -1.34
C THR A 87 -5.44 5.53 -0.73
N PHE A 88 -5.10 5.49 0.53
CA PHE A 88 -4.85 4.19 1.22
C PHE A 88 -5.38 4.27 2.66
N HIS A 89 -6.26 3.38 3.04
CA HIS A 89 -6.82 3.40 4.42
C HIS A 89 -6.58 2.07 5.13
N VAL A 90 -6.45 2.09 6.44
CA VAL A 90 -6.22 0.82 7.20
C VAL A 90 -7.45 0.52 8.07
N ASP A 91 -7.61 -0.72 8.47
CA ASP A 91 -8.80 -1.06 9.32
C ASP A 91 -8.36 -1.26 10.79
N SER A 92 -7.29 -0.63 11.19
CA SER A 92 -6.81 -0.75 12.60
C SER A 92 -5.84 0.39 12.93
N PRO A 93 -5.88 0.84 14.16
CA PRO A 93 -4.98 1.95 14.60
C PRO A 93 -3.52 1.47 14.63
N ASP A 94 -3.28 0.29 15.15
CA ASP A 94 -1.88 -0.24 15.18
C ASP A 94 -1.41 -0.49 13.75
N GLU A 95 -2.32 -0.82 12.85
CA GLU A 95 -1.93 -1.06 11.43
C GLU A 95 -1.33 0.21 10.85
N ARG A 96 -2.00 1.33 10.99
CA ARG A 96 -1.47 2.62 10.47
C ARG A 96 -0.07 2.90 11.03
N GLU A 97 0.12 2.68 12.30
CA GLU A 97 1.46 2.91 12.92
C GLU A 97 2.51 1.95 12.33
N GLU A 98 2.12 0.73 12.05
CA GLU A 98 3.09 -0.25 11.47
C GLU A 98 3.47 0.14 10.04
N TRP A 99 2.53 0.66 9.28
CA TRP A 99 2.84 1.06 7.86
C TRP A 99 3.79 2.26 7.87
N MET A 100 3.55 3.23 8.71
CA MET A 100 4.47 4.43 8.76
C MET A 100 5.88 3.97 9.11
N ARG A 101 6.02 3.13 10.11
CA ARG A 101 7.37 2.62 10.50
C ARG A 101 7.96 1.76 9.37
N ALA A 102 7.16 0.92 8.77
CA ALA A 102 7.66 0.06 7.66
C ALA A 102 8.06 0.92 6.46
N ILE A 103 7.26 1.91 6.12
CA ILE A 103 7.60 2.80 4.97
C ILE A 103 8.95 3.48 5.21
N GLN A 104 9.19 3.95 6.40
CA GLN A 104 10.50 4.62 6.71
C GLN A 104 11.66 3.61 6.64
N MET A 105 11.44 2.41 7.13
CA MET A 105 12.53 1.38 7.10
C MET A 105 12.88 1.03 5.65
N VAL A 106 11.90 0.88 4.80
CA VAL A 106 12.18 0.56 3.35
C VAL A 106 12.94 1.73 2.69
N ALA A 107 12.60 2.94 3.06
CA ALA A 107 13.30 4.13 2.47
C ALA A 107 14.79 4.11 2.84
N ASN A 108 15.10 3.69 4.04
CA ASN A 108 16.53 3.63 4.48
C ASN A 108 17.34 2.71 3.55
N SER A 109 16.81 1.56 3.22
CA SER A 109 17.54 0.63 2.30
C SER A 109 17.34 1.04 0.84
N LEU A 110 16.24 1.69 0.53
CA LEU A 110 15.99 2.12 -0.88
C LEU A 110 17.13 3.02 -1.37
N LYS A 111 17.56 3.95 -0.55
CA LYS A 111 18.66 4.86 -0.96
C LYS A 111 19.75 4.92 0.13
N MET A 1 11.23 -5.28 -11.11
CA MET A 1 11.61 -6.68 -11.50
C MET A 1 13.05 -6.99 -11.07
N ASN A 2 13.41 -6.66 -9.85
CA ASN A 2 14.79 -6.92 -9.37
C ASN A 2 14.76 -7.75 -8.07
N GLU A 3 15.88 -7.90 -7.42
CA GLU A 3 15.90 -8.69 -6.15
C GLU A 3 15.27 -7.87 -5.01
N VAL A 4 13.98 -7.74 -5.03
CA VAL A 4 13.28 -6.95 -3.96
C VAL A 4 12.34 -7.86 -3.17
N SER A 5 12.44 -7.83 -1.85
CA SER A 5 11.55 -8.69 -1.01
C SER A 5 10.50 -7.81 -0.32
N VAL A 6 9.46 -8.41 0.21
CA VAL A 6 8.40 -7.62 0.91
C VAL A 6 8.84 -7.29 2.34
N ILE A 7 8.62 -6.08 2.78
CA ILE A 7 9.01 -5.70 4.17
C ILE A 7 7.81 -5.81 5.11
N LYS A 8 6.64 -5.42 4.67
CA LYS A 8 5.45 -5.51 5.56
C LYS A 8 4.17 -5.69 4.72
N GLU A 9 3.29 -6.55 5.16
CA GLU A 9 2.02 -6.77 4.40
C GLU A 9 0.84 -6.92 5.37
N GLY A 10 -0.30 -6.44 5.00
CA GLY A 10 -1.49 -6.54 5.91
C GLY A 10 -2.77 -6.19 5.13
N TRP A 11 -3.90 -6.58 5.64
CA TRP A 11 -5.18 -6.27 4.94
C TRP A 11 -5.60 -4.82 5.22
N LEU A 12 -5.72 -4.03 4.19
CA LEU A 12 -6.11 -2.60 4.37
C LEU A 12 -7.34 -2.27 3.51
N HIS A 13 -8.02 -1.18 3.79
CA HIS A 13 -9.23 -0.82 2.99
C HIS A 13 -8.87 0.21 1.91
N LYS A 14 -8.93 -0.20 0.67
CA LYS A 14 -8.59 0.73 -0.46
C LYS A 14 -9.77 0.78 -1.45
N ARG A 15 -10.03 1.93 -2.01
CA ARG A 15 -11.16 2.07 -2.99
C ARG A 15 -10.73 1.58 -4.38
N GLY A 16 -11.64 1.00 -5.13
CA GLY A 16 -11.28 0.51 -6.49
C GLY A 16 -11.99 -0.81 -6.78
N GLU A 17 -13.13 -0.77 -7.42
CA GLU A 17 -13.88 -2.02 -7.74
C GLU A 17 -14.98 -1.73 -8.78
N TYR A 18 -15.92 -0.89 -8.43
CA TYR A 18 -17.03 -0.55 -9.39
C TYR A 18 -17.42 0.93 -9.25
N ILE A 19 -17.45 1.46 -8.04
CA ILE A 19 -17.80 2.90 -7.84
C ILE A 19 -16.90 3.50 -6.75
N LYS A 20 -17.24 4.65 -6.22
CA LYS A 20 -16.39 5.29 -5.16
C LYS A 20 -16.59 4.56 -3.82
N THR A 21 -16.19 3.32 -3.74
CA THR A 21 -16.35 2.55 -2.46
C THR A 21 -14.99 1.99 -2.01
N TRP A 22 -14.87 1.68 -0.74
CA TRP A 22 -13.59 1.12 -0.22
C TRP A 22 -13.78 -0.33 0.23
N ARG A 23 -12.86 -1.20 -0.09
CA ARG A 23 -12.99 -2.63 0.32
C ARG A 23 -11.66 -3.15 0.88
N PRO A 24 -11.74 -4.18 1.69
CA PRO A 24 -10.54 -4.78 2.31
C PRO A 24 -9.68 -5.51 1.26
N ARG A 25 -8.41 -5.19 1.20
CA ARG A 25 -7.49 -5.85 0.22
C ARG A 25 -6.14 -6.15 0.88
N TYR A 26 -5.51 -7.24 0.52
CA TYR A 26 -4.18 -7.57 1.13
C TYR A 26 -3.11 -6.64 0.56
N PHE A 27 -2.69 -5.66 1.31
CA PHE A 27 -1.64 -4.72 0.79
C PHE A 27 -0.24 -5.17 1.25
N LEU A 28 0.69 -5.19 0.35
CA LEU A 28 2.08 -5.61 0.70
C LEU A 28 3.10 -4.55 0.26
N LEU A 29 3.90 -4.08 1.18
CA LEU A 29 4.93 -3.05 0.84
C LEU A 29 6.29 -3.73 0.65
N LYS A 30 6.92 -3.51 -0.49
CA LYS A 30 8.24 -4.15 -0.75
C LYS A 30 9.41 -3.18 -0.50
N SER A 31 10.63 -3.65 -0.66
CA SER A 31 11.83 -2.78 -0.44
C SER A 31 12.05 -1.83 -1.63
N ASP A 32 11.33 -2.01 -2.71
CA ASP A 32 11.52 -1.12 -3.90
C ASP A 32 10.53 0.06 -3.84
N GLY A 33 9.85 0.23 -2.74
CA GLY A 33 8.85 1.34 -2.64
C GLY A 33 7.63 0.96 -3.46
N SER A 34 7.25 -0.30 -3.42
CA SER A 34 6.07 -0.75 -4.21
C SER A 34 5.00 -1.33 -3.28
N PHE A 35 3.76 -0.96 -3.50
CA PHE A 35 2.65 -1.49 -2.66
C PHE A 35 1.76 -2.41 -3.51
N ILE A 36 1.61 -3.64 -3.11
CA ILE A 36 0.76 -4.59 -3.91
C ILE A 36 -0.55 -4.86 -3.16
N GLY A 37 -1.68 -4.63 -3.79
CA GLY A 37 -2.99 -4.86 -3.10
C GLY A 37 -3.72 -6.04 -3.76
N TYR A 38 -3.83 -7.14 -3.05
CA TYR A 38 -4.55 -8.33 -3.62
C TYR A 38 -6.01 -8.34 -3.15
N LYS A 39 -6.93 -8.52 -4.06
CA LYS A 39 -8.38 -8.52 -3.68
C LYS A 39 -8.68 -9.64 -2.67
N GLU A 40 -7.99 -10.75 -2.77
CA GLU A 40 -8.22 -11.88 -1.82
C GLU A 40 -6.88 -12.43 -1.32
N ARG A 41 -6.85 -13.66 -0.88
CA ARG A 41 -5.58 -14.26 -0.38
C ARG A 41 -5.25 -15.54 -1.18
N PRO A 42 -4.99 -15.37 -2.46
CA PRO A 42 -4.65 -16.54 -3.32
C PRO A 42 -3.20 -16.98 -3.09
N GLU A 43 -2.91 -18.23 -3.33
CA GLU A 43 -1.51 -18.73 -3.14
C GLU A 43 -1.02 -19.46 -4.39
N ALA A 44 -1.88 -20.17 -5.08
CA ALA A 44 -1.50 -20.92 -6.32
C ALA A 44 -0.57 -22.11 -5.98
N PRO A 45 -0.56 -23.08 -6.86
CA PRO A 45 0.29 -24.28 -6.67
C PRO A 45 1.77 -23.95 -6.93
N ASP A 46 2.04 -23.18 -7.96
CA ASP A 46 3.46 -22.82 -8.29
C ASP A 46 3.63 -21.29 -8.19
N GLN A 47 3.11 -20.56 -9.15
CA GLN A 47 3.24 -19.06 -9.11
C GLN A 47 2.27 -18.42 -10.11
N THR A 48 1.04 -18.91 -10.14
CA THR A 48 0.03 -18.32 -11.08
C THR A 48 -0.93 -17.41 -10.31
N LEU A 49 -0.39 -16.45 -9.61
CA LEU A 49 -1.26 -15.51 -8.83
C LEU A 49 -1.54 -14.25 -9.66
N PRO A 50 -2.81 -14.02 -9.93
CA PRO A 50 -3.21 -12.83 -10.72
C PRO A 50 -3.17 -11.55 -9.86
N PRO A 51 -2.38 -10.60 -10.30
CA PRO A 51 -2.26 -9.32 -9.55
C PRO A 51 -3.51 -8.46 -9.73
N LEU A 52 -4.03 -7.92 -8.65
CA LEU A 52 -5.25 -7.06 -8.75
C LEU A 52 -4.87 -5.57 -8.69
N ASN A 53 -4.16 -5.16 -7.66
CA ASN A 53 -3.76 -3.71 -7.57
C ASN A 53 -2.24 -3.62 -7.38
N ASN A 54 -1.58 -2.86 -8.21
CA ASN A 54 -0.09 -2.72 -8.09
C ASN A 54 0.29 -1.24 -7.93
N PHE A 55 1.23 -0.95 -7.09
CA PHE A 55 1.66 0.47 -6.89
C PHE A 55 3.19 0.56 -6.85
N SER A 56 3.76 1.51 -7.55
CA SER A 56 5.25 1.65 -7.56
C SER A 56 5.65 3.12 -7.29
N VAL A 57 6.47 3.34 -6.28
CA VAL A 57 6.92 4.72 -5.96
C VAL A 57 7.99 4.65 -4.84
N ALA A 58 9.21 5.03 -5.15
CA ALA A 58 10.31 4.96 -4.14
C ALA A 58 10.06 5.93 -2.97
N GLU A 59 9.08 5.63 -2.15
CA GLU A 59 8.73 6.49 -0.96
C GLU A 59 9.01 7.97 -1.23
N CYS A 60 8.35 8.53 -2.22
CA CYS A 60 8.58 9.96 -2.56
C CYS A 60 8.00 10.86 -1.46
N GLN A 61 6.74 10.65 -1.10
CA GLN A 61 6.12 11.48 -0.02
C GLN A 61 4.97 10.70 0.63
N LEU A 62 4.98 10.62 1.95
CA LEU A 62 3.88 9.89 2.66
C LEU A 62 3.08 10.86 3.53
N MET A 63 1.82 10.57 3.76
CA MET A 63 0.98 11.47 4.59
C MET A 63 -0.18 10.70 5.23
N LYS A 64 -0.63 11.15 6.38
CA LYS A 64 -1.76 10.46 7.07
C LYS A 64 -2.96 11.42 7.17
N THR A 65 -4.15 10.93 6.93
CA THR A 65 -5.35 11.82 6.99
C THR A 65 -6.56 11.11 7.60
N GLU A 66 -7.65 11.82 7.75
CA GLU A 66 -8.89 11.22 8.34
C GLU A 66 -10.05 11.30 7.34
N ARG A 67 -9.75 11.40 6.05
CA ARG A 67 -10.83 11.47 5.03
C ARG A 67 -10.44 10.62 3.80
N PRO A 68 -11.43 10.03 3.16
CA PRO A 68 -12.84 10.17 3.61
C PRO A 68 -13.11 9.40 4.92
N ARG A 69 -12.20 8.53 5.32
CA ARG A 69 -12.40 7.75 6.59
C ARG A 69 -11.23 8.02 7.56
N PRO A 70 -11.46 7.69 8.82
CA PRO A 70 -10.40 7.91 9.85
C PRO A 70 -9.23 6.94 9.65
N ASN A 71 -8.06 7.31 10.14
CA ASN A 71 -6.84 6.45 9.99
C ASN A 71 -6.60 6.13 8.50
N THR A 72 -6.27 7.14 7.73
CA THR A 72 -6.03 6.92 6.28
C THR A 72 -4.58 7.24 5.91
N PHE A 73 -4.09 6.66 4.85
CA PHE A 73 -2.68 6.89 4.40
C PHE A 73 -2.66 7.41 2.97
N VAL A 74 -1.88 8.42 2.70
CA VAL A 74 -1.80 8.98 1.31
C VAL A 74 -0.34 9.06 0.86
N ILE A 75 -0.07 8.80 -0.40
CA ILE A 75 1.34 8.88 -0.90
C ILE A 75 1.37 9.59 -2.26
N ARG A 76 2.36 10.41 -2.50
CA ARG A 76 2.45 11.12 -3.82
C ARG A 76 3.91 11.53 -4.12
N CYS A 77 4.13 12.13 -5.26
CA CYS A 77 5.52 12.54 -5.64
C CYS A 77 5.48 13.83 -6.47
N LEU A 78 6.61 14.46 -6.66
CA LEU A 78 6.65 15.72 -7.46
C LEU A 78 6.43 15.41 -8.94
N GLN A 79 5.23 15.64 -9.43
CA GLN A 79 4.94 15.35 -10.87
C GLN A 79 4.29 16.58 -11.53
N TRP A 80 3.95 16.47 -12.80
CA TRP A 80 3.32 17.63 -13.50
C TRP A 80 1.83 17.73 -13.13
N THR A 81 1.08 16.70 -13.39
CA THR A 81 -0.38 16.73 -13.04
C THR A 81 -0.72 15.58 -12.08
N THR A 82 -1.94 15.52 -11.61
CA THR A 82 -2.36 14.44 -10.66
C THR A 82 -1.53 14.51 -9.37
N VAL A 83 -1.81 15.46 -8.53
CA VAL A 83 -1.03 15.59 -7.24
C VAL A 83 -1.33 14.40 -6.30
N ILE A 84 -2.47 13.78 -6.44
CA ILE A 84 -2.81 12.61 -5.56
C ILE A 84 -2.41 11.31 -6.28
N GLU A 85 -1.45 10.60 -5.74
CA GLU A 85 -1.01 9.33 -6.40
C GLU A 85 -1.82 8.13 -5.89
N ARG A 86 -1.86 7.91 -4.59
CA ARG A 86 -2.64 6.74 -4.07
C ARG A 86 -3.08 6.98 -2.61
N THR A 87 -4.28 6.59 -2.28
CA THR A 87 -4.79 6.76 -0.89
C THR A 87 -5.39 5.43 -0.39
N PHE A 88 -5.09 5.05 0.81
CA PHE A 88 -5.64 3.76 1.35
C PHE A 88 -5.93 3.88 2.85
N HIS A 89 -6.91 3.15 3.34
CA HIS A 89 -7.27 3.22 4.80
C HIS A 89 -6.84 1.94 5.51
N VAL A 90 -6.58 2.01 6.79
CA VAL A 90 -6.17 0.77 7.54
C VAL A 90 -7.33 0.30 8.41
N ASP A 91 -7.32 -0.95 8.81
CA ASP A 91 -8.43 -1.48 9.67
C ASP A 91 -8.20 -1.12 11.15
N SER A 92 -6.97 -0.91 11.56
CA SER A 92 -6.70 -0.55 12.98
C SER A 92 -5.86 0.72 13.08
N PRO A 93 -5.92 1.36 14.23
CA PRO A 93 -5.13 2.59 14.46
C PRO A 93 -3.65 2.23 14.55
N ASP A 94 -3.34 1.11 15.15
CA ASP A 94 -1.91 0.66 15.25
C ASP A 94 -1.36 0.37 13.85
N GLU A 95 -2.21 -0.09 12.95
CA GLU A 95 -1.74 -0.38 11.56
C GLU A 95 -1.16 0.88 10.93
N ARG A 96 -1.86 1.98 11.00
CA ARG A 96 -1.33 3.25 10.39
C ARG A 96 0.04 3.59 10.98
N GLU A 97 0.19 3.52 12.27
CA GLU A 97 1.52 3.82 12.89
C GLU A 97 2.54 2.73 12.49
N GLU A 98 2.07 1.50 12.34
CA GLU A 98 2.99 0.39 11.94
C GLU A 98 3.47 0.58 10.50
N TRP A 99 2.58 0.97 9.60
CA TRP A 99 2.99 1.19 8.17
C TRP A 99 4.05 2.30 8.09
N MET A 100 3.85 3.38 8.81
CA MET A 100 4.85 4.49 8.79
C MET A 100 6.22 3.97 9.26
N ARG A 101 6.23 3.16 10.31
CA ARG A 101 7.52 2.61 10.82
C ARG A 101 8.17 1.72 9.75
N ALA A 102 7.37 0.94 9.05
CA ALA A 102 7.94 0.06 7.98
C ALA A 102 8.54 0.89 6.86
N ILE A 103 7.87 1.95 6.46
CA ILE A 103 8.40 2.84 5.37
C ILE A 103 9.74 3.45 5.81
N GLN A 104 9.86 3.84 7.06
CA GLN A 104 11.13 4.43 7.56
C GLN A 104 12.26 3.39 7.46
N MET A 105 11.97 2.15 7.79
CA MET A 105 13.02 1.08 7.69
C MET A 105 13.37 0.85 6.22
N VAL A 106 12.38 0.86 5.35
CA VAL A 106 12.65 0.67 3.90
C VAL A 106 13.37 1.89 3.34
N ALA A 107 13.03 3.07 3.82
CA ALA A 107 13.70 4.32 3.34
C ALA A 107 15.21 4.22 3.56
N ASN A 108 15.63 3.59 4.63
CA ASN A 108 17.09 3.44 4.90
C ASN A 108 17.76 2.68 3.74
N SER A 109 17.07 1.72 3.18
CA SER A 109 17.65 0.94 2.02
C SER A 109 17.24 1.57 0.69
N LEU A 110 16.15 2.29 0.65
CA LEU A 110 15.68 2.93 -0.63
C LEU A 110 16.66 4.01 -1.12
N LYS A 111 17.59 4.42 -0.30
CA LYS A 111 18.58 5.47 -0.71
C LYS A 111 19.24 5.13 -2.06
N MET A 1 18.72 -10.84 -10.79
CA MET A 1 17.47 -10.14 -10.37
C MET A 1 17.69 -9.44 -9.02
N ASN A 2 16.66 -8.82 -8.48
CA ASN A 2 16.82 -8.12 -7.17
C ASN A 2 16.54 -9.09 -6.00
N GLU A 3 17.46 -9.16 -5.07
CA GLU A 3 17.26 -10.09 -3.90
C GLU A 3 16.49 -9.35 -2.79
N VAL A 4 15.21 -9.19 -2.96
CA VAL A 4 14.38 -8.48 -1.93
C VAL A 4 13.22 -9.37 -1.46
N SER A 5 12.95 -9.35 -0.18
CA SER A 5 11.82 -10.15 0.38
C SER A 5 10.72 -9.22 0.88
N VAL A 6 9.64 -9.76 1.41
CA VAL A 6 8.55 -8.88 1.91
C VAL A 6 8.89 -8.38 3.32
N ILE A 7 8.61 -7.13 3.59
CA ILE A 7 8.92 -6.56 4.94
C ILE A 7 7.67 -6.57 5.81
N LYS A 8 6.56 -6.08 5.31
CA LYS A 8 5.31 -6.06 6.12
C LYS A 8 4.09 -6.46 5.27
N GLU A 9 3.21 -7.25 5.82
CA GLU A 9 1.99 -7.68 5.07
C GLU A 9 0.75 -7.43 5.92
N GLY A 10 -0.29 -6.86 5.35
CA GLY A 10 -1.52 -6.58 6.13
C GLY A 10 -2.68 -6.22 5.20
N TRP A 11 -3.88 -6.12 5.72
CA TRP A 11 -5.04 -5.78 4.86
C TRP A 11 -5.42 -4.30 5.04
N LEU A 12 -5.60 -3.60 3.95
CA LEU A 12 -5.97 -2.15 4.04
C LEU A 12 -7.25 -1.89 3.26
N HIS A 13 -7.92 -0.78 3.52
CA HIS A 13 -9.18 -0.48 2.78
C HIS A 13 -8.94 0.69 1.81
N LYS A 14 -9.29 0.50 0.56
CA LYS A 14 -9.09 1.59 -0.45
C LYS A 14 -10.42 1.94 -1.14
N ARG A 15 -10.64 3.21 -1.38
CA ARG A 15 -11.90 3.65 -2.05
C ARG A 15 -11.83 3.30 -3.54
N GLY A 16 -12.72 2.47 -4.02
CA GLY A 16 -12.69 2.09 -5.46
C GLY A 16 -14.10 1.73 -5.95
N GLU A 17 -15.06 2.61 -5.76
CA GLU A 17 -16.45 2.31 -6.20
C GLU A 17 -17.13 3.60 -6.69
N TYR A 18 -18.15 3.46 -7.51
CA TYR A 18 -18.87 4.66 -8.04
C TYR A 18 -19.50 5.50 -6.91
N ILE A 19 -19.75 4.90 -5.77
CA ILE A 19 -20.37 5.67 -4.64
C ILE A 19 -19.32 5.97 -3.53
N LYS A 20 -18.06 6.01 -3.89
CA LYS A 20 -16.99 6.32 -2.88
C LYS A 20 -16.99 5.28 -1.75
N THR A 21 -16.96 4.02 -2.06
CA THR A 21 -16.95 2.96 -1.00
C THR A 21 -15.53 2.46 -0.77
N TRP A 22 -15.22 2.07 0.45
CA TRP A 22 -13.85 1.56 0.77
C TRP A 22 -13.88 0.02 0.85
N ARG A 23 -13.21 -0.64 -0.05
CA ARG A 23 -13.19 -2.13 -0.03
C ARG A 23 -11.88 -2.64 0.59
N PRO A 24 -11.96 -3.78 1.24
CA PRO A 24 -10.77 -4.38 1.90
C PRO A 24 -9.82 -4.98 0.86
N ARG A 25 -8.54 -4.73 1.00
CA ARG A 25 -7.54 -5.28 0.02
C ARG A 25 -6.29 -5.76 0.77
N TYR A 26 -5.73 -6.88 0.37
CA TYR A 26 -4.50 -7.38 1.06
C TYR A 26 -3.28 -6.60 0.54
N PHE A 27 -2.70 -5.75 1.36
CA PHE A 27 -1.52 -4.96 0.91
C PHE A 27 -0.21 -5.56 1.43
N LEU A 28 0.77 -5.66 0.57
CA LEU A 28 2.08 -6.24 0.99
C LEU A 28 3.22 -5.27 0.66
N LEU A 29 4.15 -5.08 1.57
CA LEU A 29 5.29 -4.14 1.31
C LEU A 29 6.61 -4.93 1.22
N LYS A 30 7.41 -4.66 0.22
CA LYS A 30 8.71 -5.40 0.09
C LYS A 30 9.88 -4.52 0.54
N SER A 31 11.07 -5.05 0.54
CA SER A 31 12.27 -4.25 0.98
C SER A 31 12.85 -3.44 -0.20
N ASP A 32 12.27 -3.55 -1.38
CA ASP A 32 12.80 -2.78 -2.55
C ASP A 32 11.98 -1.49 -2.78
N GLY A 33 11.05 -1.19 -1.91
CA GLY A 33 10.24 0.04 -2.09
C GLY A 33 9.08 -0.26 -3.04
N SER A 34 8.57 -1.47 -3.01
CA SER A 34 7.43 -1.84 -3.90
C SER A 34 6.24 -2.31 -3.06
N PHE A 35 5.06 -1.86 -3.41
CA PHE A 35 3.84 -2.25 -2.64
C PHE A 35 2.94 -3.16 -3.49
N ILE A 36 2.50 -4.26 -2.94
CA ILE A 36 1.60 -5.17 -3.71
C ILE A 36 0.17 -5.02 -3.17
N GLY A 37 -0.78 -4.78 -4.05
CA GLY A 37 -2.18 -4.60 -3.60
C GLY A 37 -3.05 -5.75 -4.10
N TYR A 38 -3.87 -6.29 -3.23
CA TYR A 38 -4.78 -7.41 -3.64
C TYR A 38 -6.22 -6.96 -3.55
N LYS A 39 -7.01 -7.25 -4.57
CA LYS A 39 -8.45 -6.82 -4.54
C LYS A 39 -9.29 -7.71 -3.62
N GLU A 40 -8.94 -8.96 -3.47
CA GLU A 40 -9.73 -9.88 -2.58
C GLU A 40 -9.10 -11.26 -2.58
N ARG A 41 -8.96 -11.88 -1.42
CA ARG A 41 -8.31 -13.24 -1.36
C ARG A 41 -8.09 -13.67 0.10
N PRO A 42 -7.78 -14.94 0.26
CA PRO A 42 -7.48 -15.47 1.60
C PRO A 42 -6.00 -15.20 1.93
N GLU A 43 -5.73 -14.55 3.02
CA GLU A 43 -4.29 -14.25 3.38
C GLU A 43 -3.53 -15.55 3.73
N ALA A 44 -4.23 -16.57 4.18
CA ALA A 44 -3.57 -17.88 4.54
C ALA A 44 -2.69 -17.74 5.79
N PRO A 45 -2.36 -18.85 6.39
CA PRO A 45 -1.51 -18.86 7.60
C PRO A 45 -0.07 -18.44 7.26
N ASP A 46 0.46 -18.94 6.16
CA ASP A 46 1.84 -18.57 5.75
C ASP A 46 1.77 -17.52 4.64
N GLN A 47 1.92 -17.89 3.39
CA GLN A 47 1.86 -16.89 2.29
C GLN A 47 1.86 -17.59 0.91
N THR A 48 0.86 -18.39 0.65
CA THR A 48 0.78 -19.08 -0.68
C THR A 48 -0.24 -18.37 -1.57
N LEU A 49 -0.11 -17.09 -1.69
CA LEU A 49 -1.07 -16.30 -2.52
C LEU A 49 -0.35 -15.68 -3.73
N PRO A 50 -0.97 -15.81 -4.89
CA PRO A 50 -0.38 -15.24 -6.14
C PRO A 50 -0.56 -13.71 -6.19
N PRO A 51 0.33 -13.05 -6.89
CA PRO A 51 0.28 -11.57 -7.02
C PRO A 51 -0.91 -11.14 -7.89
N LEU A 52 -1.38 -9.93 -7.69
CA LEU A 52 -2.53 -9.41 -8.50
C LEU A 52 -2.22 -7.99 -8.99
N ASN A 53 -1.94 -7.09 -8.09
CA ASN A 53 -1.61 -5.68 -8.51
C ASN A 53 -0.29 -5.25 -7.85
N ASN A 54 0.62 -4.71 -8.62
CA ASN A 54 1.93 -4.28 -8.05
C ASN A 54 2.08 -2.76 -8.13
N PHE A 55 2.59 -2.16 -7.09
CA PHE A 55 2.78 -0.67 -7.07
C PHE A 55 4.24 -0.33 -6.77
N SER A 56 4.76 0.68 -7.41
CA SER A 56 6.19 1.09 -7.16
C SER A 56 6.22 2.38 -6.34
N VAL A 57 6.98 2.39 -5.26
CA VAL A 57 7.07 3.61 -4.41
C VAL A 57 8.51 3.80 -3.88
N ALA A 58 9.42 4.14 -4.75
CA ALA A 58 10.84 4.35 -4.31
C ALA A 58 11.05 5.81 -3.90
N GLU A 59 10.38 6.73 -4.57
CA GLU A 59 10.53 8.18 -4.21
C GLU A 59 9.16 8.87 -4.25
N CYS A 60 8.18 8.28 -3.62
CA CYS A 60 6.81 8.88 -3.62
C CYS A 60 6.60 9.69 -2.32
N GLN A 61 5.40 10.15 -2.09
CA GLN A 61 5.13 10.95 -0.85
C GLN A 61 3.89 10.40 -0.12
N LEU A 62 4.00 10.20 1.17
CA LEU A 62 2.84 9.67 1.95
C LEU A 62 2.52 10.60 3.12
N MET A 63 1.26 10.91 3.32
CA MET A 63 0.85 11.82 4.43
C MET A 63 -0.26 11.18 5.27
N LYS A 64 -0.15 11.25 6.57
CA LYS A 64 -1.20 10.67 7.44
C LYS A 64 -2.36 11.68 7.59
N THR A 65 -3.58 11.20 7.72
CA THR A 65 -4.73 12.15 7.85
C THR A 65 -5.89 11.51 8.63
N GLU A 66 -6.90 12.29 8.93
CA GLU A 66 -8.08 11.77 9.69
C GLU A 66 -9.35 11.89 8.84
N ARG A 67 -9.21 12.13 7.56
CA ARG A 67 -10.40 12.27 6.67
C ARG A 67 -10.23 11.39 5.42
N PRO A 68 -11.31 10.80 4.95
CA PRO A 68 -12.65 10.99 5.59
C PRO A 68 -12.72 10.30 6.97
N ARG A 69 -11.97 9.25 7.18
CA ARG A 69 -12.01 8.55 8.50
C ARG A 69 -10.65 8.70 9.22
N PRO A 70 -10.67 8.49 10.51
CA PRO A 70 -9.43 8.62 11.33
C PRO A 70 -8.45 7.50 10.99
N ASN A 71 -7.17 7.70 11.26
CA ASN A 71 -6.14 6.66 10.96
C ASN A 71 -6.15 6.33 9.45
N THR A 72 -5.91 7.33 8.63
CA THR A 72 -5.90 7.11 7.15
C THR A 72 -4.58 7.60 6.54
N PHE A 73 -4.25 7.13 5.36
CA PHE A 73 -2.98 7.56 4.71
C PHE A 73 -3.25 8.15 3.32
N VAL A 74 -2.47 9.11 2.92
CA VAL A 74 -2.67 9.75 1.57
C VAL A 74 -1.35 9.70 0.78
N ILE A 75 -1.39 9.24 -0.44
CA ILE A 75 -0.14 9.18 -1.27
C ILE A 75 -0.39 9.73 -2.67
N ARG A 76 0.54 10.46 -3.23
CA ARG A 76 0.34 11.02 -4.60
C ARG A 76 1.30 10.35 -5.61
N CYS A 77 2.51 10.84 -5.73
CA CYS A 77 3.50 10.23 -6.69
C CYS A 77 2.90 10.12 -8.09
N LEU A 78 2.37 11.20 -8.62
CA LEU A 78 1.78 11.15 -9.99
C LEU A 78 2.33 12.29 -10.86
N GLN A 79 2.00 12.33 -12.12
CA GLN A 79 2.49 13.41 -13.01
C GLN A 79 1.32 14.29 -13.50
N TRP A 80 0.22 14.29 -12.79
CA TRP A 80 -0.95 15.11 -13.20
C TRP A 80 -1.59 15.79 -11.99
N THR A 81 -1.64 17.10 -11.99
CA THR A 81 -2.26 17.83 -10.83
C THR A 81 -3.72 18.17 -11.14
N THR A 82 -4.62 17.26 -10.86
CA THR A 82 -6.06 17.52 -11.12
C THR A 82 -6.91 17.21 -9.88
N VAL A 83 -6.77 16.03 -9.33
CA VAL A 83 -7.55 15.66 -8.11
C VAL A 83 -6.65 14.96 -7.09
N ILE A 84 -7.08 14.89 -5.85
CA ILE A 84 -6.25 14.21 -4.80
C ILE A 84 -7.04 13.07 -4.14
N GLU A 85 -7.61 12.19 -4.93
CA GLU A 85 -8.39 11.06 -4.35
C GLU A 85 -7.50 9.81 -4.21
N ARG A 86 -6.25 9.98 -3.82
CA ARG A 86 -5.34 8.82 -3.65
C ARG A 86 -5.13 8.54 -2.16
N THR A 87 -6.21 8.39 -1.43
CA THR A 87 -6.11 8.13 0.04
C THR A 87 -6.48 6.67 0.34
N PHE A 88 -5.81 6.05 1.28
CA PHE A 88 -6.12 4.63 1.64
C PHE A 88 -6.29 4.50 3.16
N HIS A 89 -7.22 3.69 3.58
CA HIS A 89 -7.46 3.52 5.05
C HIS A 89 -6.86 2.18 5.53
N VAL A 90 -6.54 2.09 6.80
CA VAL A 90 -5.96 0.81 7.34
C VAL A 90 -7.03 0.04 8.13
N ASP A 91 -6.81 -1.24 8.33
CA ASP A 91 -7.80 -2.06 9.09
C ASP A 91 -7.86 -1.63 10.56
N SER A 92 -6.74 -1.21 11.12
CA SER A 92 -6.74 -0.77 12.56
C SER A 92 -5.78 0.41 12.77
N PRO A 93 -5.94 1.09 13.87
CA PRO A 93 -5.06 2.25 14.18
C PRO A 93 -3.62 1.77 14.43
N ASP A 94 -3.47 0.68 15.15
CA ASP A 94 -2.11 0.13 15.40
C ASP A 94 -1.47 -0.27 14.05
N GLU A 95 -2.29 -0.73 13.13
CA GLU A 95 -1.76 -1.12 11.78
C GLU A 95 -1.22 0.11 11.07
N ARG A 96 -1.95 1.20 11.09
CA ARG A 96 -1.47 2.46 10.42
C ARG A 96 -0.10 2.86 10.98
N GLU A 97 0.04 2.86 12.28
CA GLU A 97 1.36 3.22 12.89
C GLU A 97 2.45 2.24 12.40
N GLU A 98 2.10 0.99 12.26
CA GLU A 98 3.09 -0.02 11.76
C GLU A 98 3.44 0.26 10.30
N TRP A 99 2.47 0.61 9.49
CA TRP A 99 2.73 0.91 8.05
C TRP A 99 3.71 2.09 7.93
N MET A 100 3.48 3.14 8.68
CA MET A 100 4.40 4.32 8.62
C MET A 100 5.84 3.91 8.95
N ARG A 101 6.01 3.09 9.96
CA ARG A 101 7.39 2.63 10.33
C ARG A 101 7.99 1.81 9.18
N ALA A 102 7.21 0.97 8.56
CA ALA A 102 7.72 0.14 7.43
C ALA A 102 8.12 1.03 6.26
N ILE A 103 7.31 2.00 5.93
CA ILE A 103 7.66 2.93 4.79
C ILE A 103 8.99 3.61 5.07
N GLN A 104 9.20 4.06 6.28
CA GLN A 104 10.49 4.74 6.63
C GLN A 104 11.66 3.75 6.56
N MET A 105 11.45 2.54 7.05
CA MET A 105 12.54 1.51 7.00
C MET A 105 12.98 1.28 5.55
N VAL A 106 12.05 1.17 4.64
CA VAL A 106 12.39 0.95 3.20
C VAL A 106 13.10 2.20 2.64
N ALA A 107 12.70 3.37 3.07
CA ALA A 107 13.35 4.63 2.57
C ALA A 107 14.82 4.68 3.01
N ASN A 108 15.11 4.24 4.21
CA ASN A 108 16.52 4.25 4.70
C ASN A 108 17.39 3.34 3.83
N SER A 109 16.82 2.28 3.30
CA SER A 109 17.60 1.35 2.42
C SER A 109 17.52 1.83 0.96
N LEU A 110 16.47 2.52 0.61
CA LEU A 110 16.32 3.01 -0.80
C LEU A 110 17.29 4.16 -1.08
N LYS A 111 17.38 5.11 -0.17
CA LYS A 111 18.31 6.27 -0.38
C LYS A 111 19.20 6.47 0.86
N MET A 1 22.04 -10.03 -8.14
CA MET A 1 21.40 -10.82 -7.04
C MET A 1 19.87 -10.76 -7.16
N ASN A 2 19.30 -9.57 -7.11
CA ASN A 2 17.81 -9.43 -7.22
C ASN A 2 17.11 -10.26 -6.13
N GLU A 3 17.58 -10.18 -4.90
CA GLU A 3 16.95 -10.97 -3.80
C GLU A 3 16.16 -10.03 -2.87
N VAL A 4 14.89 -9.88 -3.12
CA VAL A 4 14.06 -8.98 -2.25
C VAL A 4 13.00 -9.80 -1.49
N SER A 5 12.87 -9.57 -0.21
CA SER A 5 11.86 -10.31 0.58
C SER A 5 10.76 -9.37 1.07
N VAL A 6 9.70 -9.88 1.63
CA VAL A 6 8.61 -8.98 2.12
C VAL A 6 8.98 -8.39 3.49
N ILE A 7 8.71 -7.14 3.69
CA ILE A 7 9.05 -6.49 4.99
C ILE A 7 7.79 -6.36 5.88
N LYS A 8 6.68 -5.97 5.30
CA LYS A 8 5.43 -5.81 6.11
C LYS A 8 4.23 -6.41 5.37
N GLU A 9 3.38 -7.11 6.10
CA GLU A 9 2.17 -7.73 5.45
C GLU A 9 0.91 -7.42 6.27
N GLY A 10 -0.14 -6.95 5.63
CA GLY A 10 -1.38 -6.62 6.40
C GLY A 10 -2.56 -6.38 5.44
N TRP A 11 -3.74 -6.18 5.96
CA TRP A 11 -4.92 -5.93 5.09
C TRP A 11 -5.29 -4.44 5.12
N LEU A 12 -5.67 -3.88 4.00
CA LEU A 12 -6.02 -2.42 3.97
C LEU A 12 -7.32 -2.18 3.18
N HIS A 13 -7.92 -1.03 3.34
CA HIS A 13 -9.17 -0.71 2.60
C HIS A 13 -8.87 0.24 1.44
N LYS A 14 -9.28 -0.11 0.25
CA LYS A 14 -9.02 0.77 -0.93
C LYS A 14 -10.36 1.28 -1.51
N ARG A 15 -10.45 2.56 -1.75
CA ARG A 15 -11.72 3.12 -2.31
C ARG A 15 -11.92 2.66 -3.75
N GLY A 16 -13.16 2.47 -4.15
CA GLY A 16 -13.45 2.00 -5.54
C GLY A 16 -13.65 3.22 -6.46
N GLU A 17 -14.63 4.04 -6.19
CA GLU A 17 -14.89 5.22 -7.06
C GLU A 17 -14.99 6.50 -6.21
N TYR A 18 -15.56 7.55 -6.77
CA TYR A 18 -15.70 8.84 -6.02
C TYR A 18 -16.53 8.67 -4.73
N ILE A 19 -17.41 7.70 -4.71
CA ILE A 19 -18.24 7.47 -3.47
C ILE A 19 -17.33 7.11 -2.29
N LYS A 20 -17.74 7.45 -1.09
CA LYS A 20 -16.90 7.13 0.11
C LYS A 20 -17.00 5.64 0.47
N THR A 21 -16.68 4.77 -0.44
CA THR A 21 -16.74 3.31 -0.16
C THR A 21 -15.34 2.71 -0.29
N TRP A 22 -14.91 1.95 0.68
CA TRP A 22 -13.56 1.33 0.64
C TRP A 22 -13.68 -0.20 0.72
N ARG A 23 -13.01 -0.89 -0.16
CA ARG A 23 -13.07 -2.39 -0.15
C ARG A 23 -11.82 -2.98 0.51
N PRO A 24 -12.03 -3.98 1.33
CA PRO A 24 -10.91 -4.64 2.04
C PRO A 24 -10.02 -5.44 1.06
N ARG A 25 -8.75 -5.14 1.05
CA ARG A 25 -7.80 -5.85 0.15
C ARG A 25 -6.49 -6.13 0.89
N TYR A 26 -5.87 -7.26 0.66
CA TYR A 26 -4.59 -7.55 1.37
C TYR A 26 -3.45 -6.74 0.76
N PHE A 27 -2.66 -6.08 1.57
CA PHE A 27 -1.54 -5.26 1.03
C PHE A 27 -0.22 -5.62 1.73
N LEU A 28 0.86 -5.64 1.01
CA LEU A 28 2.17 -5.97 1.66
C LEU A 28 3.32 -5.13 1.07
N LEU A 29 4.28 -4.80 1.88
CA LEU A 29 5.44 -3.98 1.42
C LEU A 29 6.72 -4.84 1.38
N LYS A 30 7.45 -4.80 0.29
CA LYS A 30 8.70 -5.62 0.19
C LYS A 30 9.94 -4.81 0.59
N SER A 31 11.08 -5.46 0.63
CA SER A 31 12.36 -4.76 0.99
C SER A 31 12.86 -3.88 -0.17
N ASP A 32 12.28 -4.02 -1.34
CA ASP A 32 12.73 -3.20 -2.51
C ASP A 32 11.96 -1.87 -2.56
N GLY A 33 11.10 -1.63 -1.60
CA GLY A 33 10.32 -0.35 -1.62
C GLY A 33 9.14 -0.50 -2.59
N SER A 34 8.51 -1.64 -2.59
CA SER A 34 7.36 -1.86 -3.51
C SER A 34 6.13 -2.32 -2.72
N PHE A 35 5.01 -1.66 -2.90
CA PHE A 35 3.78 -2.06 -2.17
C PHE A 35 2.81 -2.74 -3.14
N ILE A 36 2.46 -3.97 -2.90
CA ILE A 36 1.52 -4.66 -3.83
C ILE A 36 0.15 -4.87 -3.17
N GLY A 37 -0.91 -4.56 -3.87
CA GLY A 37 -2.28 -4.72 -3.31
C GLY A 37 -2.91 -6.01 -3.86
N TYR A 38 -3.54 -6.76 -3.01
CA TYR A 38 -4.19 -8.03 -3.44
C TYR A 38 -5.71 -7.96 -3.23
N LYS A 39 -6.47 -8.49 -4.16
CA LYS A 39 -7.95 -8.47 -4.02
C LYS A 39 -8.40 -9.43 -2.92
N GLU A 40 -7.65 -10.49 -2.68
CA GLU A 40 -8.02 -11.48 -1.63
C GLU A 40 -6.76 -12.23 -1.16
N ARG A 41 -6.94 -13.40 -0.58
CA ARG A 41 -5.75 -14.18 -0.10
C ARG A 41 -5.78 -15.59 -0.73
N PRO A 42 -5.62 -15.64 -2.03
CA PRO A 42 -5.62 -16.94 -2.75
C PRO A 42 -4.32 -17.70 -2.51
N GLU A 43 -4.38 -19.00 -2.42
CA GLU A 43 -3.14 -19.81 -2.18
C GLU A 43 -3.06 -20.95 -3.19
N ALA A 44 -4.05 -21.81 -3.23
CA ALA A 44 -4.04 -22.96 -4.20
C ALA A 44 -2.87 -23.91 -3.91
N PRO A 45 -2.91 -25.05 -4.57
CA PRO A 45 -1.84 -26.07 -4.40
C PRO A 45 -0.57 -25.68 -5.17
N ASP A 46 -0.70 -25.29 -6.41
CA ASP A 46 0.50 -24.90 -7.22
C ASP A 46 0.13 -23.91 -8.33
N GLN A 47 -0.64 -22.91 -8.01
CA GLN A 47 -1.05 -21.90 -9.05
C GLN A 47 -1.32 -20.55 -8.37
N THR A 48 -0.32 -19.97 -7.76
CA THR A 48 -0.51 -18.65 -7.07
C THR A 48 -1.13 -17.63 -8.03
N LEU A 49 -2.18 -16.99 -7.59
CA LEU A 49 -2.89 -15.98 -8.45
C LEU A 49 -2.07 -14.68 -8.55
N PRO A 50 -2.35 -13.91 -9.56
CA PRO A 50 -1.64 -12.62 -9.76
C PRO A 50 -2.17 -11.56 -8.77
N PRO A 51 -1.36 -10.55 -8.53
CA PRO A 51 -1.76 -9.46 -7.61
C PRO A 51 -2.86 -8.60 -8.23
N LEU A 52 -3.60 -7.88 -7.43
CA LEU A 52 -4.68 -7.01 -7.99
C LEU A 52 -4.12 -5.66 -8.41
N ASN A 53 -3.27 -5.08 -7.60
CA ASN A 53 -2.68 -3.75 -7.96
C ASN A 53 -1.21 -3.70 -7.52
N ASN A 54 -0.39 -3.02 -8.27
CA ASN A 54 1.06 -2.93 -7.91
C ASN A 54 1.46 -1.47 -7.70
N PHE A 55 2.07 -1.16 -6.58
CA PHE A 55 2.48 0.26 -6.30
C PHE A 55 3.97 0.31 -5.95
N SER A 56 4.62 1.43 -6.22
CA SER A 56 6.07 1.56 -5.89
C SER A 56 6.27 2.68 -4.87
N VAL A 57 6.87 2.37 -3.76
CA VAL A 57 7.09 3.41 -2.70
C VAL A 57 8.60 3.57 -2.42
N ALA A 58 9.37 3.94 -3.42
CA ALA A 58 10.84 4.13 -3.23
C ALA A 58 11.13 5.60 -2.90
N GLU A 59 10.60 6.50 -3.69
CA GLU A 59 10.82 7.96 -3.46
C GLU A 59 9.48 8.70 -3.59
N CYS A 60 8.56 8.44 -2.69
CA CYS A 60 7.24 9.12 -2.76
C CYS A 60 6.92 9.81 -1.43
N GLN A 61 5.95 10.70 -1.43
CA GLN A 61 5.58 11.41 -0.17
C GLN A 61 4.43 10.67 0.53
N LEU A 62 4.55 10.40 1.80
CA LEU A 62 3.47 9.69 2.54
C LEU A 62 3.02 10.48 3.77
N MET A 63 1.73 10.55 4.00
CA MET A 63 1.22 11.32 5.18
C MET A 63 -0.08 10.69 5.70
N LYS A 64 -0.35 10.82 6.98
CA LYS A 64 -1.61 10.24 7.54
C LYS A 64 -2.70 11.32 7.61
N THR A 65 -3.95 10.92 7.58
CA THR A 65 -5.06 11.93 7.62
C THR A 65 -6.33 11.32 8.22
N GLU A 66 -7.38 12.09 8.30
CA GLU A 66 -8.66 11.59 8.87
C GLU A 66 -9.81 11.80 7.86
N ARG A 67 -9.50 11.86 6.58
CA ARG A 67 -10.56 12.07 5.55
C ARG A 67 -10.36 11.08 4.39
N PRO A 68 -11.45 10.52 3.91
CA PRO A 68 -12.82 10.82 4.45
C PRO A 68 -13.04 10.19 5.84
N ARG A 69 -12.20 9.26 6.25
CA ARG A 69 -12.39 8.62 7.60
C ARG A 69 -11.10 8.74 8.42
N PRO A 70 -11.24 8.56 9.72
CA PRO A 70 -10.06 8.65 10.62
C PRO A 70 -9.08 7.50 10.38
N ASN A 71 -7.83 7.69 10.72
CA ASN A 71 -6.79 6.64 10.51
C ASN A 71 -6.64 6.32 9.01
N THR A 72 -6.37 7.32 8.20
CA THR A 72 -6.23 7.08 6.74
C THR A 72 -4.82 7.49 6.27
N PHE A 73 -4.40 6.99 5.13
CA PHE A 73 -3.04 7.35 4.61
C PHE A 73 -3.14 8.02 3.24
N VAL A 74 -2.46 9.12 3.07
CA VAL A 74 -2.48 9.82 1.74
C VAL A 74 -1.05 9.82 1.16
N ILE A 75 -0.91 9.40 -0.06
CA ILE A 75 0.46 9.37 -0.67
C ILE A 75 0.53 10.25 -1.92
N ARG A 76 1.58 11.03 -2.04
CA ARG A 76 1.73 11.92 -3.22
C ARG A 76 3.04 11.60 -3.95
N CYS A 77 2.95 11.03 -5.12
CA CYS A 77 4.18 10.69 -5.90
C CYS A 77 3.94 10.93 -7.39
N LEU A 78 3.73 12.18 -7.76
CA LEU A 78 3.48 12.50 -9.21
C LEU A 78 4.80 12.80 -9.92
N GLN A 79 5.58 11.79 -10.21
CA GLN A 79 6.88 12.01 -10.91
C GLN A 79 6.85 11.34 -12.29
N TRP A 80 6.46 10.10 -12.34
CA TRP A 80 6.39 9.37 -13.65
C TRP A 80 4.92 9.19 -14.04
N THR A 81 4.13 8.59 -13.18
CA THR A 81 2.69 8.38 -13.49
C THR A 81 1.87 9.59 -13.02
N THR A 82 0.98 10.09 -13.85
CA THR A 82 0.15 11.26 -13.46
C THR A 82 -1.00 10.81 -12.54
N VAL A 83 -1.67 9.74 -12.91
CA VAL A 83 -2.80 9.24 -12.07
C VAL A 83 -2.45 7.86 -11.49
N ILE A 84 -2.31 7.77 -10.19
CA ILE A 84 -1.96 6.47 -9.55
C ILE A 84 -2.40 6.46 -8.07
N GLU A 85 -3.68 6.34 -7.83
CA GLU A 85 -4.21 6.32 -6.43
C GLU A 85 -3.84 7.62 -5.67
N ARG A 86 -4.26 7.74 -4.44
CA ARG A 86 -3.94 8.97 -3.66
C ARG A 86 -4.15 8.71 -2.16
N THR A 87 -5.33 8.30 -1.77
CA THR A 87 -5.61 8.03 -0.32
C THR A 87 -6.02 6.57 -0.11
N PHE A 88 -5.49 5.94 0.91
CA PHE A 88 -5.86 4.52 1.20
C PHE A 88 -6.13 4.37 2.71
N HIS A 89 -7.09 3.54 3.07
CA HIS A 89 -7.43 3.37 4.52
C HIS A 89 -6.85 2.07 5.08
N VAL A 90 -6.58 2.03 6.36
CA VAL A 90 -6.03 0.79 6.98
C VAL A 90 -7.10 0.13 7.86
N ASP A 91 -6.95 -1.13 8.17
CA ASP A 91 -7.96 -1.82 9.03
C ASP A 91 -8.03 -1.17 10.43
N SER A 92 -6.94 -0.60 10.90
CA SER A 92 -6.96 0.05 12.25
C SER A 92 -5.89 1.15 12.34
N PRO A 93 -5.99 1.96 13.37
CA PRO A 93 -5.02 3.07 13.58
C PRO A 93 -3.63 2.48 13.89
N ASP A 94 -3.59 1.37 14.58
CA ASP A 94 -2.27 0.72 14.88
C ASP A 94 -1.62 0.27 13.58
N GLU A 95 -2.41 -0.26 12.66
CA GLU A 95 -1.84 -0.70 11.34
C GLU A 95 -1.24 0.51 10.62
N ARG A 96 -1.93 1.61 10.59
CA ARG A 96 -1.41 2.84 9.91
C ARG A 96 -0.04 3.22 10.49
N GLU A 97 0.11 3.17 11.79
CA GLU A 97 1.44 3.51 12.40
C GLU A 97 2.47 2.46 11.99
N GLU A 98 2.06 1.21 11.91
CA GLU A 98 3.02 0.13 11.51
C GLU A 98 3.46 0.32 10.05
N TRP A 99 2.55 0.71 9.18
CA TRP A 99 2.91 0.91 7.74
C TRP A 99 3.95 2.03 7.62
N MET A 100 3.73 3.13 8.31
CA MET A 100 4.69 4.27 8.25
C MET A 100 6.09 3.80 8.65
N ARG A 101 6.18 3.01 9.70
CA ARG A 101 7.51 2.50 10.14
C ARG A 101 8.12 1.59 9.07
N ALA A 102 7.32 0.74 8.47
CA ALA A 102 7.86 -0.16 7.40
C ALA A 102 8.28 0.66 6.17
N ILE A 103 7.44 1.58 5.76
CA ILE A 103 7.79 2.44 4.58
C ILE A 103 9.06 3.23 4.88
N GLN A 104 9.16 3.79 6.06
CA GLN A 104 10.38 4.59 6.44
C GLN A 104 11.60 3.67 6.55
N MET A 105 11.43 2.48 7.08
CA MET A 105 12.58 1.53 7.22
C MET A 105 13.04 1.06 5.83
N VAL A 106 12.12 0.69 4.98
CA VAL A 106 12.50 0.23 3.61
C VAL A 106 13.03 1.41 2.80
N ALA A 107 12.37 2.54 2.86
CA ALA A 107 12.85 3.75 2.10
C ALA A 107 14.28 4.11 2.53
N ASN A 108 14.61 3.89 3.79
CA ASN A 108 16.00 4.22 4.27
C ASN A 108 17.07 3.44 3.49
N SER A 109 16.71 2.31 2.90
CA SER A 109 17.70 1.51 2.13
C SER A 109 17.85 2.03 0.70
N LEU A 110 16.77 2.51 0.11
CA LEU A 110 16.86 3.02 -1.30
C LEU A 110 16.33 4.46 -1.38
N LYS A 111 16.73 5.30 -0.46
CA LYS A 111 16.27 6.72 -0.47
C LYS A 111 17.14 7.57 -1.42
N MET A 1 21.19 -9.93 -4.30
CA MET A 1 21.07 -9.46 -5.71
C MET A 1 19.70 -9.84 -6.28
N ASN A 2 18.84 -8.86 -6.49
CA ASN A 2 17.48 -9.14 -7.05
C ASN A 2 16.74 -10.16 -6.18
N GLU A 3 16.70 -9.95 -4.89
CA GLU A 3 15.99 -10.89 -3.98
C GLU A 3 15.26 -10.11 -2.88
N VAL A 4 14.43 -9.17 -3.25
CA VAL A 4 13.69 -8.36 -2.23
C VAL A 4 12.57 -9.20 -1.61
N SER A 5 12.37 -9.08 -0.32
CA SER A 5 11.29 -9.85 0.37
C SER A 5 10.19 -8.89 0.84
N VAL A 6 9.18 -9.39 1.50
CA VAL A 6 8.08 -8.51 1.98
C VAL A 6 8.45 -7.93 3.35
N ILE A 7 8.28 -6.65 3.53
CA ILE A 7 8.60 -6.01 4.84
C ILE A 7 7.40 -6.13 5.78
N LYS A 8 6.23 -5.81 5.31
CA LYS A 8 5.01 -5.91 6.18
C LYS A 8 3.76 -6.13 5.32
N GLU A 9 2.90 -7.02 5.74
CA GLU A 9 1.65 -7.28 4.96
C GLU A 9 0.43 -7.23 5.88
N GLY A 10 -0.67 -6.71 5.39
CA GLY A 10 -1.89 -6.62 6.25
C GLY A 10 -3.11 -6.27 5.37
N TRP A 11 -4.29 -6.38 5.91
CA TRP A 11 -5.51 -6.06 5.12
C TRP A 11 -5.80 -4.56 5.20
N LEU A 12 -5.93 -3.91 4.06
CA LEU A 12 -6.19 -2.44 4.05
C LEU A 12 -7.39 -2.12 3.15
N HIS A 13 -7.98 -0.95 3.33
CA HIS A 13 -9.16 -0.57 2.49
C HIS A 13 -8.73 0.39 1.38
N LYS A 14 -9.04 0.08 0.15
CA LYS A 14 -8.65 0.99 -0.97
C LYS A 14 -9.90 1.44 -1.76
N ARG A 15 -9.94 2.69 -2.13
CA ARG A 15 -11.11 3.21 -2.91
C ARG A 15 -11.08 2.69 -4.35
N GLY A 16 -12.17 2.15 -4.83
CA GLY A 16 -12.19 1.62 -6.23
C GLY A 16 -13.39 0.68 -6.41
N GLU A 17 -13.21 -0.39 -7.15
CA GLU A 17 -14.32 -1.36 -7.39
C GLU A 17 -15.44 -0.72 -8.22
N TYR A 18 -16.40 -1.50 -8.66
CA TYR A 18 -17.52 -0.94 -9.47
C TYR A 18 -18.35 0.06 -8.64
N ILE A 19 -18.35 -0.08 -7.34
CA ILE A 19 -19.14 0.86 -6.48
C ILE A 19 -18.29 2.06 -6.03
N LYS A 20 -17.02 2.09 -6.40
CA LYS A 20 -16.12 3.23 -5.98
C LYS A 20 -16.15 3.41 -4.45
N THR A 21 -15.76 2.39 -3.73
CA THR A 21 -15.75 2.48 -2.24
C THR A 21 -14.45 1.89 -1.67
N TRP A 22 -14.23 2.05 -0.39
CA TRP A 22 -13.00 1.50 0.25
C TRP A 22 -13.23 0.05 0.63
N ARG A 23 -12.72 -0.88 -0.15
CA ARG A 23 -12.93 -2.32 0.15
C ARG A 23 -11.67 -2.92 0.80
N PRO A 24 -11.88 -3.88 1.68
CA PRO A 24 -10.74 -4.53 2.37
C PRO A 24 -9.95 -5.42 1.39
N ARG A 25 -8.66 -5.22 1.32
CA ARG A 25 -7.81 -6.03 0.39
C ARG A 25 -6.49 -6.39 1.08
N TYR A 26 -5.96 -7.55 0.80
CA TYR A 26 -4.66 -7.94 1.43
C TYR A 26 -3.53 -7.13 0.81
N PHE A 27 -3.00 -6.18 1.55
CA PHE A 27 -1.89 -5.33 1.01
C PHE A 27 -0.55 -5.80 1.57
N LEU A 28 0.45 -5.89 0.72
CA LEU A 28 1.80 -6.35 1.19
C LEU A 28 2.88 -5.36 0.73
N LEU A 29 3.70 -4.89 1.64
CA LEU A 29 4.79 -3.94 1.27
C LEU A 29 6.12 -4.69 1.14
N LYS A 30 6.86 -4.47 0.09
CA LYS A 30 8.16 -5.18 -0.09
C LYS A 30 9.35 -4.28 0.28
N SER A 31 10.53 -4.86 0.37
CA SER A 31 11.75 -4.06 0.71
C SER A 31 12.21 -3.24 -0.51
N ASP A 32 11.59 -3.44 -1.66
CA ASP A 32 11.98 -2.66 -2.88
C ASP A 32 11.24 -1.32 -2.93
N GLY A 33 10.38 -1.06 -1.98
CA GLY A 33 9.61 0.22 -1.98
C GLY A 33 8.37 0.06 -2.85
N SER A 34 7.76 -1.10 -2.80
CA SER A 34 6.54 -1.34 -3.61
C SER A 34 5.42 -1.94 -2.74
N PHE A 35 4.19 -1.69 -3.10
CA PHE A 35 3.04 -2.22 -2.31
C PHE A 35 2.15 -3.11 -3.19
N ILE A 36 1.82 -4.29 -2.72
CA ILE A 36 0.96 -5.21 -3.52
C ILE A 36 -0.45 -5.23 -2.92
N GLY A 37 -1.45 -4.97 -3.72
CA GLY A 37 -2.86 -4.98 -3.20
C GLY A 37 -3.62 -6.17 -3.79
N TYR A 38 -3.95 -7.14 -2.99
CA TYR A 38 -4.70 -8.33 -3.49
C TYR A 38 -6.18 -8.21 -3.10
N LYS A 39 -7.07 -8.63 -3.98
CA LYS A 39 -8.54 -8.54 -3.67
C LYS A 39 -8.90 -9.56 -2.57
N GLU A 40 -8.23 -10.69 -2.54
CA GLU A 40 -8.54 -11.73 -1.51
C GLU A 40 -7.28 -12.55 -1.21
N ARG A 41 -7.23 -13.22 -0.09
CA ARG A 41 -6.02 -14.04 0.27
C ARG A 41 -5.75 -15.09 -0.82
N PRO A 42 -4.70 -14.88 -1.58
CA PRO A 42 -4.34 -15.81 -2.67
C PRO A 42 -3.50 -16.97 -2.16
N GLU A 43 -3.60 -18.10 -2.79
CA GLU A 43 -2.78 -19.29 -2.37
C GLU A 43 -3.04 -20.45 -3.34
N ALA A 44 -4.28 -20.83 -3.51
CA ALA A 44 -4.64 -21.97 -4.43
C ALA A 44 -4.00 -23.28 -3.93
N PRO A 45 -4.51 -24.38 -4.46
CA PRO A 45 -3.98 -25.72 -4.07
C PRO A 45 -2.59 -25.94 -4.70
N ASP A 46 -2.45 -25.62 -5.96
CA ASP A 46 -1.13 -25.80 -6.64
C ASP A 46 -1.04 -24.83 -7.84
N GLN A 47 -1.04 -23.55 -7.56
CA GLN A 47 -0.96 -22.54 -8.66
C GLN A 47 -0.75 -21.14 -8.06
N THR A 48 0.47 -20.66 -8.05
CA THR A 48 0.74 -19.31 -7.49
C THR A 48 0.18 -18.24 -8.44
N LEU A 49 -0.29 -17.15 -7.91
CA LEU A 49 -0.85 -16.07 -8.78
C LEU A 49 -0.10 -14.75 -8.59
N PRO A 50 -0.06 -13.97 -9.65
CA PRO A 50 0.65 -12.65 -9.60
C PRO A 50 -0.16 -11.66 -8.74
N PRO A 51 0.48 -10.57 -8.38
CA PRO A 51 -0.19 -9.53 -7.55
C PRO A 51 -1.31 -8.83 -8.32
N LEU A 52 -2.49 -8.77 -7.75
CA LEU A 52 -3.65 -8.11 -8.43
C LEU A 52 -3.33 -6.62 -8.69
N ASN A 53 -2.95 -5.90 -7.66
CA ASN A 53 -2.61 -4.46 -7.83
C ASN A 53 -1.18 -4.20 -7.37
N ASN A 54 -0.40 -3.49 -8.15
CA ASN A 54 1.01 -3.21 -7.75
C ASN A 54 1.25 -1.70 -7.60
N PHE A 55 1.77 -1.29 -6.49
CA PHE A 55 2.05 0.16 -6.25
C PHE A 55 3.56 0.38 -6.13
N SER A 56 4.07 1.44 -6.72
CA SER A 56 5.54 1.71 -6.64
C SER A 56 5.78 3.07 -5.97
N VAL A 57 6.49 3.09 -4.87
CA VAL A 57 6.75 4.39 -4.19
C VAL A 57 8.15 4.92 -4.57
N ALA A 58 9.17 4.07 -4.54
CA ALA A 58 10.56 4.51 -4.90
C ALA A 58 10.84 5.94 -4.44
N GLU A 59 10.87 6.16 -3.14
CA GLU A 59 11.13 7.54 -2.58
C GLU A 59 9.95 8.47 -2.92
N CYS A 60 9.11 8.73 -1.96
CA CYS A 60 7.94 9.64 -2.20
C CYS A 60 7.47 10.26 -0.88
N GLN A 61 6.57 11.22 -0.95
CA GLN A 61 6.08 11.86 0.30
C GLN A 61 4.78 11.18 0.76
N LEU A 62 4.72 10.81 2.02
CA LEU A 62 3.49 10.14 2.55
C LEU A 62 3.05 10.81 3.86
N MET A 63 1.77 10.84 4.12
CA MET A 63 1.27 11.48 5.38
C MET A 63 -0.02 10.78 5.87
N LYS A 64 -0.25 10.77 7.15
CA LYS A 64 -1.48 10.14 7.70
C LYS A 64 -2.63 11.16 7.76
N THR A 65 -3.85 10.70 7.66
CA THR A 65 -5.00 11.66 7.71
C THR A 65 -6.27 10.96 8.24
N GLU A 66 -7.34 11.70 8.37
CA GLU A 66 -8.61 11.11 8.89
C GLU A 66 -9.76 11.34 7.88
N ARG A 67 -9.43 11.53 6.63
CA ARG A 67 -10.48 11.74 5.58
C ARG A 67 -10.10 10.98 4.31
N PRO A 68 -11.11 10.46 3.62
CA PRO A 68 -12.53 10.60 4.05
C PRO A 68 -12.85 9.73 5.29
N ARG A 69 -12.01 8.77 5.60
CA ARG A 69 -12.27 7.91 6.81
C ARG A 69 -11.11 8.03 7.80
N PRO A 70 -11.37 7.64 9.03
CA PRO A 70 -10.32 7.72 10.08
C PRO A 70 -9.19 6.71 9.82
N ASN A 71 -8.02 6.97 10.34
CA ASN A 71 -6.85 6.05 10.12
C ASN A 71 -6.60 5.85 8.63
N THR A 72 -6.25 6.91 7.93
CA THR A 72 -6.00 6.81 6.46
C THR A 72 -4.58 7.28 6.11
N PHE A 73 -4.06 6.81 5.01
CA PHE A 73 -2.69 7.20 4.57
C PHE A 73 -2.75 7.87 3.19
N VAL A 74 -2.15 9.02 3.04
CA VAL A 74 -2.16 9.72 1.72
C VAL A 74 -0.72 9.94 1.24
N ILE A 75 -0.47 9.68 -0.02
CA ILE A 75 0.90 9.87 -0.58
C ILE A 75 0.85 10.86 -1.75
N ARG A 76 1.76 11.81 -1.78
CA ARG A 76 1.75 12.81 -2.90
C ARG A 76 3.17 13.06 -3.41
N CYS A 77 3.47 12.60 -4.59
CA CYS A 77 4.84 12.81 -5.17
C CYS A 77 4.82 14.03 -6.10
N LEU A 78 3.80 14.16 -6.90
CA LEU A 78 3.70 15.31 -7.84
C LEU A 78 2.65 16.32 -7.34
N GLN A 79 2.77 17.56 -7.71
CA GLN A 79 1.77 18.58 -7.26
C GLN A 79 0.72 18.83 -8.35
N TRP A 80 0.42 17.83 -9.15
CA TRP A 80 -0.59 18.00 -10.23
C TRP A 80 -1.13 16.63 -10.68
N THR A 81 -0.27 15.76 -11.14
CA THR A 81 -0.74 14.40 -11.58
C THR A 81 -0.52 13.38 -10.46
N THR A 82 -1.57 12.72 -10.03
CA THR A 82 -1.43 11.70 -8.94
C THR A 82 -1.57 10.28 -9.51
N VAL A 83 -0.88 9.99 -10.57
CA VAL A 83 -0.97 8.62 -11.17
C VAL A 83 -0.21 7.60 -10.29
N ILE A 84 -0.82 6.46 -10.06
CA ILE A 84 -0.18 5.39 -9.20
C ILE A 84 -0.01 5.87 -7.75
N GLU A 85 -0.72 5.25 -6.83
CA GLU A 85 -0.63 5.62 -5.38
C GLU A 85 -1.20 7.03 -5.11
N ARG A 86 -2.07 7.13 -4.14
CA ARG A 86 -2.67 8.45 -3.78
C ARG A 86 -3.23 8.39 -2.35
N THR A 87 -4.24 7.58 -2.13
CA THR A 87 -4.83 7.45 -0.76
C THR A 87 -5.15 5.99 -0.45
N PHE A 88 -4.91 5.57 0.77
CA PHE A 88 -5.20 4.15 1.16
C PHE A 88 -5.64 4.11 2.65
N HIS A 89 -6.66 3.35 2.95
CA HIS A 89 -7.15 3.28 4.37
C HIS A 89 -6.68 1.98 5.04
N VAL A 90 -6.53 1.99 6.34
CA VAL A 90 -6.09 0.75 7.06
C VAL A 90 -7.26 0.17 7.86
N ASP A 91 -7.21 -1.11 8.15
CA ASP A 91 -8.32 -1.74 8.94
C ASP A 91 -8.13 -1.48 10.44
N SER A 92 -6.95 -1.10 10.86
CA SER A 92 -6.71 -0.85 12.32
C SER A 92 -5.86 0.42 12.51
N PRO A 93 -6.07 1.07 13.63
CA PRO A 93 -5.31 2.30 13.94
C PRO A 93 -3.84 1.94 14.22
N ASP A 94 -3.61 0.86 14.93
CA ASP A 94 -2.20 0.44 15.21
C ASP A 94 -1.52 0.06 13.89
N GLU A 95 -2.27 -0.45 12.93
CA GLU A 95 -1.66 -0.82 11.62
C GLU A 95 -1.16 0.43 10.89
N ARG A 96 -1.92 1.50 10.93
CA ARG A 96 -1.50 2.77 10.26
C ARG A 96 -0.09 3.17 10.74
N GLU A 97 0.14 3.09 12.03
CA GLU A 97 1.49 3.45 12.56
C GLU A 97 2.54 2.43 12.08
N GLU A 98 2.18 1.17 12.04
CA GLU A 98 3.14 0.13 11.56
C GLU A 98 3.48 0.35 10.08
N TRP A 99 2.50 0.73 9.29
CA TRP A 99 2.77 0.96 7.83
C TRP A 99 3.81 2.09 7.68
N MET A 100 3.63 3.16 8.41
CA MET A 100 4.61 4.30 8.33
C MET A 100 6.01 3.82 8.73
N ARG A 101 6.11 3.02 9.77
CA ARG A 101 7.45 2.52 10.21
C ARG A 101 8.12 1.72 9.07
N ALA A 102 7.39 0.85 8.42
CA ALA A 102 7.98 0.06 7.30
C ALA A 102 8.40 0.98 6.15
N ILE A 103 7.56 1.94 5.81
CA ILE A 103 7.90 2.88 4.69
C ILE A 103 9.20 3.64 5.03
N GLN A 104 9.37 4.03 6.27
CA GLN A 104 10.61 4.75 6.67
C GLN A 104 11.84 3.83 6.55
N MET A 105 11.71 2.60 6.97
CA MET A 105 12.87 1.65 6.87
C MET A 105 13.26 1.46 5.40
N VAL A 106 12.30 1.40 4.52
CA VAL A 106 12.62 1.23 3.06
C VAL A 106 13.34 2.49 2.55
N ALA A 107 12.89 3.66 2.95
CA ALA A 107 13.56 4.92 2.51
C ALA A 107 15.04 4.93 2.93
N ASN A 108 15.31 4.45 4.13
CA ASN A 108 16.74 4.42 4.60
C ASN A 108 17.58 3.58 3.63
N SER A 109 17.08 2.45 3.22
CA SER A 109 17.85 1.59 2.26
C SER A 109 17.69 2.07 0.81
N LEU A 110 16.64 2.82 0.52
CA LEU A 110 16.44 3.33 -0.87
C LEU A 110 17.48 4.42 -1.20
N LYS A 111 18.03 5.07 -0.18
CA LYS A 111 19.05 6.14 -0.41
C LYS A 111 18.44 7.29 -1.22
N MET A 1 19.26 -8.62 -12.48
CA MET A 1 18.27 -9.58 -11.91
C MET A 1 17.46 -8.92 -10.79
N ASN A 2 16.25 -9.36 -10.57
CA ASN A 2 15.40 -8.76 -9.50
C ASN A 2 15.58 -9.54 -8.19
N GLU A 3 15.82 -8.84 -7.10
CA GLU A 3 16.00 -9.53 -5.79
C GLU A 3 15.39 -8.68 -4.66
N VAL A 4 14.08 -8.63 -4.60
CA VAL A 4 13.41 -7.84 -3.53
C VAL A 4 12.34 -8.70 -2.83
N SER A 5 12.45 -8.87 -1.54
CA SER A 5 11.45 -9.69 -0.80
C SER A 5 10.41 -8.79 -0.13
N VAL A 6 9.42 -9.38 0.50
CA VAL A 6 8.38 -8.54 1.18
C VAL A 6 8.84 -8.20 2.60
N ILE A 7 8.72 -6.95 2.97
CA ILE A 7 9.14 -6.53 4.34
C ILE A 7 7.91 -6.38 5.26
N LYS A 8 6.79 -5.97 4.72
CA LYS A 8 5.56 -5.82 5.57
C LYS A 8 4.35 -6.40 4.84
N GLU A 9 3.49 -7.09 5.57
CA GLU A 9 2.27 -7.69 4.92
C GLU A 9 1.04 -7.50 5.82
N GLY A 10 -0.03 -6.99 5.29
CA GLY A 10 -1.27 -6.78 6.12
C GLY A 10 -2.44 -6.37 5.23
N TRP A 11 -3.63 -6.35 5.77
CA TRP A 11 -4.83 -5.95 4.97
C TRP A 11 -5.05 -4.44 5.07
N LEU A 12 -5.46 -3.82 3.99
CA LEU A 12 -5.70 -2.34 4.01
C LEU A 12 -6.98 -2.01 3.24
N HIS A 13 -7.61 -0.90 3.55
CA HIS A 13 -8.87 -0.54 2.84
C HIS A 13 -8.61 0.43 1.68
N LYS A 14 -9.08 0.09 0.51
CA LYS A 14 -8.88 0.98 -0.68
C LYS A 14 -10.23 1.34 -1.30
N ARG A 15 -10.40 2.56 -1.74
CA ARG A 15 -11.70 2.97 -2.37
C ARG A 15 -11.88 2.30 -3.73
N GLY A 16 -13.09 2.01 -4.11
CA GLY A 16 -13.33 1.34 -5.43
C GLY A 16 -13.25 2.35 -6.58
N GLU A 17 -14.27 2.42 -7.39
CA GLU A 17 -14.27 3.37 -8.55
C GLU A 17 -14.86 4.74 -8.15
N TYR A 18 -15.67 5.34 -9.01
CA TYR A 18 -16.27 6.68 -8.67
C TYR A 18 -17.07 6.63 -7.35
N ILE A 19 -17.54 5.46 -6.97
CA ILE A 19 -18.31 5.36 -5.69
C ILE A 19 -17.40 5.65 -4.49
N LYS A 20 -17.94 6.20 -3.44
CA LYS A 20 -17.11 6.51 -2.23
C LYS A 20 -17.15 5.34 -1.24
N THR A 21 -16.83 4.16 -1.71
CA THR A 21 -16.83 2.96 -0.80
C THR A 21 -15.42 2.38 -0.71
N TRP A 22 -15.03 1.94 0.48
CA TRP A 22 -13.65 1.38 0.65
C TRP A 22 -13.72 -0.13 0.90
N ARG A 23 -12.93 -0.90 0.19
CA ARG A 23 -12.92 -2.38 0.39
C ARG A 23 -11.54 -2.83 0.87
N PRO A 24 -11.54 -3.81 1.74
CA PRO A 24 -10.27 -4.33 2.31
C PRO A 24 -9.48 -5.17 1.28
N ARG A 25 -8.19 -4.98 1.23
CA ARG A 25 -7.32 -5.73 0.28
C ARG A 25 -6.00 -6.08 0.96
N TYR A 26 -5.45 -7.24 0.70
CA TYR A 26 -4.15 -7.60 1.35
C TYR A 26 -3.01 -6.81 0.72
N PHE A 27 -2.51 -5.82 1.41
CA PHE A 27 -1.38 -5.01 0.85
C PHE A 27 -0.04 -5.57 1.29
N LEU A 28 0.88 -5.71 0.37
CA LEU A 28 2.23 -6.25 0.71
C LEU A 28 3.32 -5.21 0.38
N LEU A 29 4.13 -4.86 1.34
CA LEU A 29 5.22 -3.88 1.09
C LEU A 29 6.54 -4.61 0.85
N LYS A 30 7.19 -4.35 -0.26
CA LYS A 30 8.48 -5.05 -0.56
C LYS A 30 9.68 -4.20 -0.09
N SER A 31 10.86 -4.74 -0.19
CA SER A 31 12.09 -3.99 0.24
C SER A 31 12.51 -2.98 -0.83
N ASP A 32 11.88 -2.98 -1.98
CA ASP A 32 12.23 -2.01 -3.05
C ASP A 32 11.42 -0.72 -2.89
N GLY A 33 10.40 -0.72 -2.07
CA GLY A 33 9.58 0.50 -1.87
C GLY A 33 8.30 0.38 -2.72
N SER A 34 7.73 -0.79 -2.77
CA SER A 34 6.49 -0.99 -3.58
C SER A 34 5.40 -1.65 -2.72
N PHE A 35 4.15 -1.39 -3.04
CA PHE A 35 3.04 -2.01 -2.26
C PHE A 35 2.14 -2.83 -3.18
N ILE A 36 1.93 -4.08 -2.88
CA ILE A 36 1.06 -4.92 -3.75
C ILE A 36 -0.31 -5.12 -3.07
N GLY A 37 -1.37 -4.69 -3.70
CA GLY A 37 -2.73 -4.84 -3.10
C GLY A 37 -3.42 -6.08 -3.67
N TYR A 38 -3.58 -7.09 -2.86
CA TYR A 38 -4.26 -8.34 -3.32
C TYR A 38 -5.76 -8.28 -2.99
N LYS A 39 -6.59 -8.85 -3.83
CA LYS A 39 -8.06 -8.84 -3.54
C LYS A 39 -8.39 -9.84 -2.43
N GLU A 40 -7.60 -10.88 -2.31
CA GLU A 40 -7.84 -11.90 -1.24
C GLU A 40 -6.52 -12.21 -0.52
N ARG A 41 -6.43 -13.32 0.16
CA ARG A 41 -5.15 -13.66 0.87
C ARG A 41 -4.61 -15.01 0.39
N PRO A 42 -4.21 -15.04 -0.87
CA PRO A 42 -3.66 -16.29 -1.46
C PRO A 42 -2.22 -16.51 -1.00
N GLU A 43 -1.76 -17.74 -0.99
CA GLU A 43 -0.36 -18.03 -0.56
C GLU A 43 0.38 -18.86 -1.62
N ALA A 44 -0.29 -19.83 -2.22
CA ALA A 44 0.35 -20.68 -3.28
C ALA A 44 1.38 -21.64 -2.65
N PRO A 45 1.72 -22.67 -3.40
CA PRO A 45 2.71 -23.66 -2.92
C PRO A 45 4.13 -23.08 -2.96
N ASP A 46 4.48 -22.40 -4.02
CA ASP A 46 5.84 -21.80 -4.12
C ASP A 46 5.73 -20.29 -4.35
N GLN A 47 5.28 -19.86 -5.50
CA GLN A 47 5.15 -18.40 -5.77
C GLN A 47 4.31 -18.16 -7.05
N THR A 48 3.14 -18.73 -7.13
CA THR A 48 2.28 -18.53 -8.34
C THR A 48 1.12 -17.59 -8.00
N LEU A 49 1.42 -16.47 -7.42
CA LEU A 49 0.36 -15.48 -7.05
C LEU A 49 0.34 -14.33 -8.07
N PRO A 50 -0.81 -14.16 -8.70
CA PRO A 50 -0.97 -13.07 -9.71
C PRO A 50 -1.12 -11.71 -9.01
N PRO A 51 -0.35 -10.75 -9.47
CA PRO A 51 -0.40 -9.38 -8.87
C PRO A 51 -1.68 -8.65 -9.32
N LEU A 52 -2.40 -8.07 -8.38
CA LEU A 52 -3.65 -7.35 -8.74
C LEU A 52 -3.42 -5.83 -8.69
N ASN A 53 -3.01 -5.32 -7.56
CA ASN A 53 -2.77 -3.85 -7.44
C ASN A 53 -1.29 -3.58 -7.14
N ASN A 54 -0.67 -2.68 -7.86
CA ASN A 54 0.78 -2.39 -7.61
C ASN A 54 0.99 -0.91 -7.27
N PHE A 55 1.51 -0.63 -6.11
CA PHE A 55 1.77 0.79 -5.69
C PHE A 55 3.28 1.04 -5.65
N SER A 56 3.71 2.25 -5.92
CA SER A 56 5.18 2.54 -5.89
C SER A 56 5.48 3.75 -4.98
N VAL A 57 6.38 3.58 -4.04
CA VAL A 57 6.72 4.71 -3.13
C VAL A 57 8.26 4.89 -3.06
N ALA A 58 8.96 4.56 -4.12
CA ALA A 58 10.44 4.71 -4.13
C ALA A 58 10.82 6.19 -4.33
N GLU A 59 10.14 6.85 -5.23
CA GLU A 59 10.42 8.30 -5.49
C GLU A 59 9.12 9.12 -5.40
N CYS A 60 8.17 8.66 -4.62
CA CYS A 60 6.88 9.40 -4.50
C CYS A 60 6.76 10.03 -3.10
N GLN A 61 5.71 10.78 -2.88
CA GLN A 61 5.50 11.42 -1.54
C GLN A 61 4.42 10.67 -0.76
N LEU A 62 4.56 10.61 0.55
CA LEU A 62 3.53 9.90 1.38
C LEU A 62 3.16 10.74 2.61
N MET A 63 1.90 10.87 2.90
CA MET A 63 1.48 11.68 4.09
C MET A 63 0.23 11.08 4.74
N LYS A 64 0.08 11.25 6.04
CA LYS A 64 -1.12 10.70 6.74
C LYS A 64 -2.25 11.73 6.72
N THR A 65 -3.48 11.30 6.79
CA THR A 65 -4.62 12.27 6.77
C THR A 65 -5.85 11.69 7.50
N GLU A 66 -6.88 12.48 7.64
CA GLU A 66 -8.12 12.00 8.33
C GLU A 66 -9.34 12.08 7.41
N ARG A 67 -9.14 12.16 6.11
CA ARG A 67 -10.30 12.23 5.17
C ARG A 67 -10.09 11.26 4.01
N PRO A 68 -11.18 10.68 3.53
CA PRO A 68 -12.54 10.96 4.10
C PRO A 68 -12.71 10.31 5.50
N ARG A 69 -11.89 9.36 5.84
CA ARG A 69 -12.01 8.71 7.18
C ARG A 69 -10.72 8.93 8.00
N PRO A 70 -10.83 8.78 9.30
CA PRO A 70 -9.65 8.98 10.19
C PRO A 70 -8.62 7.86 9.97
N ASN A 71 -7.38 8.10 10.38
CA ASN A 71 -6.30 7.07 10.21
C ASN A 71 -6.18 6.67 8.73
N THR A 72 -5.93 7.62 7.86
CA THR A 72 -5.81 7.29 6.40
C THR A 72 -4.41 7.64 5.88
N PHE A 73 -3.99 6.99 4.83
CA PHE A 73 -2.64 7.27 4.25
C PHE A 73 -2.75 7.78 2.81
N VAL A 74 -2.06 8.84 2.49
CA VAL A 74 -2.11 9.40 1.10
C VAL A 74 -0.73 9.33 0.47
N ILE A 75 -0.64 8.78 -0.73
CA ILE A 75 0.69 8.70 -1.42
C ILE A 75 0.56 9.19 -2.86
N ARG A 76 1.20 10.29 -3.17
CA ARG A 76 1.11 10.84 -4.56
C ARG A 76 2.51 10.97 -5.20
N CYS A 77 2.56 10.92 -6.51
CA CYS A 77 3.86 11.05 -7.22
C CYS A 77 3.84 12.30 -8.13
N LEU A 78 4.76 12.39 -9.06
CA LEU A 78 4.79 13.57 -9.97
C LEU A 78 3.53 13.61 -10.87
N GLN A 79 2.93 12.47 -11.13
CA GLN A 79 1.70 12.40 -11.98
C GLN A 79 2.00 12.92 -13.41
N TRP A 80 2.18 12.03 -14.35
CA TRP A 80 2.47 12.45 -15.74
C TRP A 80 1.23 12.23 -16.63
N THR A 81 0.68 11.03 -16.61
CA THR A 81 -0.52 10.74 -17.43
C THR A 81 -1.76 10.64 -16.53
N THR A 82 -1.68 9.87 -15.48
CA THR A 82 -2.85 9.72 -14.55
C THR A 82 -2.78 10.77 -13.44
N VAL A 83 -3.86 11.49 -13.22
CA VAL A 83 -3.87 12.53 -12.15
C VAL A 83 -5.06 12.28 -11.20
N ILE A 84 -4.85 11.47 -10.19
CA ILE A 84 -5.95 11.18 -9.20
C ILE A 84 -5.40 11.20 -7.78
N GLU A 85 -6.26 11.14 -6.79
CA GLU A 85 -5.79 11.17 -5.37
C GLU A 85 -5.56 9.73 -4.86
N ARG A 86 -4.32 9.30 -4.82
CA ARG A 86 -4.02 7.93 -4.33
C ARG A 86 -4.06 7.89 -2.79
N THR A 87 -5.16 7.45 -2.23
CA THR A 87 -5.29 7.40 -0.75
C THR A 87 -5.82 6.04 -0.30
N PHE A 88 -5.31 5.52 0.79
CA PHE A 88 -5.79 4.20 1.29
C PHE A 88 -6.04 4.27 2.81
N HIS A 89 -7.00 3.53 3.29
CA HIS A 89 -7.33 3.55 4.75
C HIS A 89 -6.83 2.27 5.42
N VAL A 90 -6.54 2.32 6.70
CA VAL A 90 -6.06 1.09 7.41
C VAL A 90 -7.22 0.42 8.16
N ASP A 91 -7.08 -0.85 8.47
CA ASP A 91 -8.19 -1.57 9.20
C ASP A 91 -8.25 -1.11 10.67
N SER A 92 -7.14 -0.70 11.24
CA SER A 92 -7.14 -0.24 12.66
C SER A 92 -6.06 0.83 12.88
N PRO A 93 -6.10 1.47 14.02
CA PRO A 93 -5.11 2.53 14.35
C PRO A 93 -3.72 1.90 14.54
N ASP A 94 -3.65 0.74 15.17
CA ASP A 94 -2.34 0.07 15.37
C ASP A 94 -1.74 -0.35 14.02
N GLU A 95 -2.57 -0.74 13.08
CA GLU A 95 -2.05 -1.16 11.73
C GLU A 95 -1.45 0.06 11.02
N ARG A 96 -2.15 1.17 11.02
CA ARG A 96 -1.60 2.40 10.35
C ARG A 96 -0.23 2.75 10.95
N GLU A 97 -0.08 2.63 12.24
CA GLU A 97 1.24 2.95 12.88
C GLU A 97 2.32 1.98 12.36
N GLU A 98 1.97 0.72 12.20
CA GLU A 98 2.96 -0.27 11.68
C GLU A 98 3.30 0.06 10.22
N TRP A 99 2.33 0.44 9.43
CA TRP A 99 2.59 0.78 7.99
C TRP A 99 3.59 1.92 7.90
N MET A 100 3.41 2.96 8.70
CA MET A 100 4.37 4.11 8.67
C MET A 100 5.78 3.60 9.01
N ARG A 101 5.87 2.69 9.95
CA ARG A 101 7.20 2.11 10.34
C ARG A 101 7.82 1.38 9.14
N ALA A 102 7.04 0.60 8.44
CA ALA A 102 7.57 -0.14 7.25
C ALA A 102 8.05 0.84 6.18
N ILE A 103 7.29 1.88 5.92
CA ILE A 103 7.70 2.90 4.90
C ILE A 103 9.05 3.51 5.29
N GLN A 104 9.25 3.77 6.56
CA GLN A 104 10.56 4.36 7.01
C GLN A 104 11.68 3.33 6.82
N MET A 105 11.43 2.08 7.14
CA MET A 105 12.49 1.03 6.97
C MET A 105 12.90 0.95 5.50
N VAL A 106 11.97 1.09 4.59
CA VAL A 106 12.32 1.04 3.14
C VAL A 106 13.09 2.31 2.75
N ALA A 107 12.67 3.45 3.25
CA ALA A 107 13.38 4.73 2.93
C ALA A 107 14.84 4.63 3.36
N ASN A 108 15.10 4.00 4.49
CA ASN A 108 16.52 3.84 4.96
C ASN A 108 17.32 3.00 3.96
N SER A 109 16.69 2.03 3.34
CA SER A 109 17.39 1.17 2.34
C SER A 109 17.43 1.86 0.97
N LEU A 110 16.42 2.65 0.66
CA LEU A 110 16.36 3.35 -0.66
C LEU A 110 17.51 4.38 -0.78
N LYS A 111 17.85 5.05 0.30
CA LYS A 111 18.96 6.06 0.27
C LYS A 111 18.67 7.18 -0.76
N MET A 1 19.90 -7.91 -11.23
CA MET A 1 18.65 -8.32 -11.93
C MET A 1 17.44 -8.14 -11.00
N ASN A 2 17.43 -8.83 -9.89
CA ASN A 2 16.29 -8.70 -8.93
C ASN A 2 16.73 -9.10 -7.52
N GLU A 3 16.39 -8.30 -6.53
CA GLU A 3 16.79 -8.62 -5.12
C GLU A 3 15.89 -7.88 -4.12
N VAL A 4 14.59 -7.95 -4.31
CA VAL A 4 13.65 -7.27 -3.38
C VAL A 4 12.61 -8.27 -2.85
N SER A 5 12.57 -8.47 -1.56
CA SER A 5 11.60 -9.43 -0.96
C SER A 5 10.50 -8.66 -0.21
N VAL A 6 9.59 -9.37 0.43
CA VAL A 6 8.51 -8.66 1.19
C VAL A 6 8.99 -8.37 2.62
N ILE A 7 8.81 -7.16 3.07
CA ILE A 7 9.26 -6.79 4.45
C ILE A 7 8.05 -6.70 5.40
N LYS A 8 6.94 -6.18 4.94
CA LYS A 8 5.74 -6.08 5.84
C LYS A 8 4.46 -6.44 5.07
N GLU A 9 3.59 -7.21 5.67
CA GLU A 9 2.32 -7.58 4.98
C GLU A 9 1.11 -7.32 5.89
N GLY A 10 0.03 -6.84 5.33
CA GLY A 10 -1.18 -6.55 6.16
C GLY A 10 -2.38 -6.27 5.27
N TRP A 11 -3.54 -6.13 5.85
CA TRP A 11 -4.77 -5.85 5.03
C TRP A 11 -5.06 -4.35 5.01
N LEU A 12 -5.46 -3.82 3.88
CA LEU A 12 -5.77 -2.36 3.79
C LEU A 12 -7.12 -2.15 3.09
N HIS A 13 -7.71 -0.99 3.26
CA HIS A 13 -9.02 -0.71 2.60
C HIS A 13 -8.84 0.21 1.39
N LYS A 14 -9.36 -0.17 0.25
CA LYS A 14 -9.23 0.68 -0.97
C LYS A 14 -10.61 1.02 -1.53
N ARG A 15 -10.82 2.25 -1.90
CA ARG A 15 -12.15 2.67 -2.46
C ARG A 15 -12.26 2.28 -3.94
N GLY A 16 -13.37 1.71 -4.33
CA GLY A 16 -13.54 1.32 -5.76
C GLY A 16 -15.01 0.98 -6.04
N GLU A 17 -15.25 0.11 -6.99
CA GLU A 17 -16.65 -0.30 -7.35
C GLU A 17 -17.46 0.92 -7.84
N TYR A 18 -18.74 0.74 -8.07
CA TYR A 18 -19.59 1.88 -8.55
C TYR A 18 -20.40 2.47 -7.39
N ILE A 19 -20.40 1.84 -6.24
CA ILE A 19 -21.18 2.38 -5.07
C ILE A 19 -20.32 3.33 -4.22
N LYS A 20 -19.08 3.56 -4.61
CA LYS A 20 -18.19 4.47 -3.82
C LYS A 20 -18.02 3.96 -2.39
N THR A 21 -17.29 2.88 -2.22
CA THR A 21 -17.07 2.31 -0.85
C THR A 21 -15.65 1.76 -0.74
N TRP A 22 -15.13 1.68 0.47
CA TRP A 22 -13.75 1.14 0.67
C TRP A 22 -13.82 -0.37 0.94
N ARG A 23 -13.15 -1.16 0.14
CA ARG A 23 -13.17 -2.64 0.33
C ARG A 23 -11.84 -3.13 0.92
N PRO A 24 -11.94 -4.08 1.82
CA PRO A 24 -10.72 -4.66 2.46
C PRO A 24 -9.93 -5.54 1.49
N ARG A 25 -8.72 -5.15 1.20
CA ARG A 25 -7.86 -5.94 0.26
C ARG A 25 -6.53 -6.25 0.94
N TYR A 26 -5.97 -7.42 0.70
CA TYR A 26 -4.67 -7.78 1.34
C TYR A 26 -3.51 -7.04 0.65
N PHE A 27 -2.58 -6.54 1.40
CA PHE A 27 -1.44 -5.79 0.78
C PHE A 27 -0.08 -6.35 1.23
N LEU A 28 0.87 -6.42 0.33
CA LEU A 28 2.23 -6.93 0.68
C LEU A 28 3.27 -5.86 0.38
N LEU A 29 4.06 -5.48 1.35
CA LEU A 29 5.10 -4.42 1.13
C LEU A 29 6.47 -5.06 0.88
N LYS A 30 7.14 -4.64 -0.15
CA LYS A 30 8.49 -5.21 -0.47
C LYS A 30 9.61 -4.27 0.02
N SER A 31 10.83 -4.71 -0.07
CA SER A 31 11.99 -3.85 0.38
C SER A 31 12.33 -2.78 -0.68
N ASP A 32 11.61 -2.76 -1.78
CA ASP A 32 11.87 -1.73 -2.84
C ASP A 32 11.18 -0.41 -2.49
N GLY A 33 10.36 -0.40 -1.47
CA GLY A 33 9.65 0.86 -1.09
C GLY A 33 8.28 0.88 -1.79
N SER A 34 7.72 -0.27 -2.06
CA SER A 34 6.40 -0.33 -2.74
C SER A 34 5.60 -1.54 -2.24
N PHE A 35 4.30 -1.42 -2.16
CA PHE A 35 3.47 -2.57 -1.70
C PHE A 35 2.30 -2.80 -2.66
N ILE A 36 2.05 -4.03 -3.01
CA ILE A 36 0.94 -4.34 -3.96
C ILE A 36 -0.27 -4.88 -3.18
N GLY A 37 -1.46 -4.61 -3.64
CA GLY A 37 -2.69 -5.10 -2.94
C GLY A 37 -3.41 -6.15 -3.77
N TYR A 38 -3.94 -7.15 -3.12
CA TYR A 38 -4.69 -8.23 -3.83
C TYR A 38 -6.13 -8.25 -3.32
N LYS A 39 -7.06 -8.71 -4.14
CA LYS A 39 -8.49 -8.78 -3.68
C LYS A 39 -8.58 -9.65 -2.41
N GLU A 40 -7.71 -10.62 -2.29
CA GLU A 40 -7.70 -11.50 -1.08
C GLU A 40 -6.25 -11.81 -0.70
N ARG A 41 -6.01 -12.84 0.07
CA ARG A 41 -4.60 -13.18 0.46
C ARG A 41 -4.18 -14.55 -0.10
N PRO A 42 -4.28 -14.70 -1.41
CA PRO A 42 -3.89 -15.98 -2.06
C PRO A 42 -2.36 -16.14 -2.09
N GLU A 43 -1.89 -17.35 -2.16
CA GLU A 43 -0.40 -17.57 -2.20
C GLU A 43 -0.02 -18.53 -3.34
N ALA A 44 -0.81 -19.57 -3.57
CA ALA A 44 -0.50 -20.55 -4.67
C ALA A 44 0.80 -21.32 -4.37
N PRO A 45 1.03 -22.36 -5.13
CA PRO A 45 2.26 -23.18 -4.95
C PRO A 45 3.50 -22.37 -5.36
N ASP A 46 3.44 -21.69 -6.48
CA ASP A 46 4.59 -20.85 -6.92
C ASP A 46 4.24 -19.38 -6.71
N GLN A 47 3.72 -18.70 -7.71
CA GLN A 47 3.32 -17.26 -7.54
C GLN A 47 2.70 -16.73 -8.84
N THR A 48 1.49 -17.11 -9.13
CA THR A 48 0.81 -16.64 -10.37
C THR A 48 -0.51 -15.96 -10.04
N LEU A 49 -0.47 -14.97 -9.20
CA LEU A 49 -1.71 -14.24 -8.81
C LEU A 49 -1.66 -12.80 -9.34
N PRO A 50 -2.73 -12.38 -9.97
CA PRO A 50 -2.81 -11.00 -10.52
C PRO A 50 -3.03 -9.98 -9.41
N PRO A 51 -2.17 -8.99 -9.36
CA PRO A 51 -2.27 -7.93 -8.33
C PRO A 51 -3.46 -6.99 -8.65
N LEU A 52 -4.16 -6.55 -7.63
CA LEU A 52 -5.32 -5.64 -7.86
C LEU A 52 -4.93 -4.18 -7.61
N ASN A 53 -4.11 -3.94 -6.60
CA ASN A 53 -3.69 -2.53 -6.29
C ASN A 53 -2.17 -2.39 -6.38
N ASN A 54 -1.68 -1.29 -6.88
CA ASN A 54 -0.21 -1.08 -6.97
C ASN A 54 0.17 0.21 -6.24
N PHE A 55 1.05 0.13 -5.27
CA PHE A 55 1.45 1.35 -4.51
C PHE A 55 2.97 1.47 -4.43
N SER A 56 3.52 2.62 -4.78
CA SER A 56 5.00 2.81 -4.72
C SER A 56 5.33 4.08 -3.93
N VAL A 57 6.16 3.97 -2.92
CA VAL A 57 6.54 5.18 -2.13
C VAL A 57 8.07 5.41 -2.18
N ALA A 58 8.74 4.83 -3.15
CA ALA A 58 10.23 5.02 -3.26
C ALA A 58 10.51 6.46 -3.74
N GLU A 59 9.99 6.82 -4.88
CA GLU A 59 10.20 8.21 -5.41
C GLU A 59 9.00 9.10 -5.01
N CYS A 60 7.84 8.51 -4.88
CA CYS A 60 6.64 9.31 -4.49
C CYS A 60 6.59 9.51 -2.97
N GLN A 61 6.07 10.62 -2.53
CA GLN A 61 6.00 10.89 -1.05
C GLN A 61 4.62 10.48 -0.50
N LEU A 62 4.59 9.87 0.66
CA LEU A 62 3.29 9.45 1.25
C LEU A 62 2.94 10.37 2.44
N MET A 63 1.71 10.78 2.53
CA MET A 63 1.29 11.68 3.65
C MET A 63 0.15 11.04 4.46
N LYS A 64 0.23 11.08 5.75
CA LYS A 64 -0.85 10.51 6.61
C LYS A 64 -1.99 11.52 6.75
N THR A 65 -3.22 11.08 6.85
CA THR A 65 -4.35 12.04 6.97
C THR A 65 -5.55 11.41 7.71
N GLU A 66 -6.55 12.20 7.98
CA GLU A 66 -7.77 11.70 8.68
C GLU A 66 -9.02 11.85 7.78
N ARG A 67 -8.81 12.08 6.51
CA ARG A 67 -9.96 12.24 5.56
C ARG A 67 -9.74 11.34 4.33
N PRO A 68 -10.80 10.73 3.84
CA PRO A 68 -12.16 10.89 4.44
C PRO A 68 -12.27 10.17 5.80
N ARG A 69 -11.56 9.09 6.00
CA ARG A 69 -11.63 8.36 7.30
C ARG A 69 -10.34 8.58 8.11
N PRO A 70 -10.44 8.34 9.40
CA PRO A 70 -9.28 8.51 10.30
C PRO A 70 -8.20 7.44 10.03
N ASN A 71 -6.97 7.74 10.36
CA ASN A 71 -5.86 6.76 10.11
C ASN A 71 -5.82 6.36 8.62
N THR A 72 -5.61 7.33 7.76
CA THR A 72 -5.56 7.04 6.29
C THR A 72 -4.21 7.46 5.70
N PHE A 73 -3.84 6.88 4.59
CA PHE A 73 -2.55 7.24 3.93
C PHE A 73 -2.80 7.75 2.51
N VAL A 74 -2.18 8.85 2.14
CA VAL A 74 -2.40 9.40 0.77
C VAL A 74 -1.05 9.71 0.10
N ILE A 75 -0.81 9.19 -1.08
CA ILE A 75 0.48 9.47 -1.80
C ILE A 75 0.20 10.40 -2.99
N ARG A 76 1.01 11.44 -3.16
CA ARG A 76 0.77 12.38 -4.29
C ARG A 76 2.06 12.64 -5.08
N CYS A 77 1.98 12.60 -6.39
CA CYS A 77 3.19 12.85 -7.23
C CYS A 77 2.84 13.80 -8.40
N LEU A 78 3.81 14.51 -8.90
CA LEU A 78 3.56 15.45 -10.03
C LEU A 78 4.28 14.97 -11.30
N GLN A 79 3.94 13.80 -11.77
CA GLN A 79 4.60 13.26 -13.00
C GLN A 79 3.65 12.35 -13.78
N TRP A 80 3.06 11.39 -13.12
CA TRP A 80 2.11 10.46 -13.82
C TRP A 80 0.66 10.89 -13.57
N THR A 81 0.02 11.45 -14.57
CA THR A 81 -1.40 11.90 -14.41
C THR A 81 -2.34 10.77 -14.82
N THR A 82 -2.40 9.72 -14.05
CA THR A 82 -3.30 8.57 -14.39
C THR A 82 -4.13 8.16 -13.17
N VAL A 83 -5.05 7.25 -13.35
CA VAL A 83 -5.90 6.80 -12.20
C VAL A 83 -5.27 5.57 -11.51
N ILE A 84 -3.97 5.56 -11.37
CA ILE A 84 -3.29 4.41 -10.71
C ILE A 84 -3.28 4.61 -9.19
N GLU A 85 -4.42 4.41 -8.55
CA GLU A 85 -4.52 4.58 -7.06
C GLU A 85 -4.08 5.99 -6.62
N ARG A 86 -4.17 6.26 -5.34
CA ARG A 86 -3.77 7.60 -4.82
C ARG A 86 -3.93 7.63 -3.30
N THR A 87 -5.10 7.30 -2.81
CA THR A 87 -5.35 7.29 -1.33
C THR A 87 -5.71 5.88 -0.86
N PHE A 88 -5.20 5.48 0.27
CA PHE A 88 -5.53 4.12 0.79
C PHE A 88 -5.76 4.15 2.31
N HIS A 89 -6.73 3.41 2.77
CA HIS A 89 -7.04 3.38 4.24
C HIS A 89 -6.54 2.07 4.85
N VAL A 90 -6.29 2.07 6.14
CA VAL A 90 -5.82 0.80 6.79
C VAL A 90 -6.97 0.14 7.55
N ASP A 91 -6.89 -1.15 7.80
CA ASP A 91 -8.00 -1.84 8.54
C ASP A 91 -7.98 -1.46 10.02
N SER A 92 -6.82 -1.15 10.57
CA SER A 92 -6.75 -0.78 12.01
C SER A 92 -5.85 0.44 12.21
N PRO A 93 -6.07 1.15 13.29
CA PRO A 93 -5.24 2.33 13.61
C PRO A 93 -3.82 1.88 13.95
N ASP A 94 -3.70 0.76 14.64
CA ASP A 94 -2.35 0.23 14.97
C ASP A 94 -1.63 -0.17 13.69
N GLU A 95 -2.34 -0.71 12.73
CA GLU A 95 -1.71 -1.10 11.43
C GLU A 95 -1.15 0.14 10.73
N ARG A 96 -1.91 1.22 10.71
CA ARG A 96 -1.43 2.46 10.04
C ARG A 96 -0.07 2.89 10.64
N GLU A 97 0.05 2.85 11.94
CA GLU A 97 1.35 3.25 12.58
C GLU A 97 2.46 2.27 12.14
N GLU A 98 2.14 1.00 12.04
CA GLU A 98 3.17 -0.01 11.62
C GLU A 98 3.55 0.25 10.15
N TRP A 99 2.60 0.59 9.33
CA TRP A 99 2.90 0.86 7.89
C TRP A 99 3.92 2.01 7.78
N MET A 100 3.71 3.07 8.50
CA MET A 100 4.66 4.23 8.47
C MET A 100 6.06 3.76 8.89
N ARG A 101 6.13 3.01 9.97
CA ARG A 101 7.47 2.50 10.44
C ARG A 101 8.12 1.64 9.34
N ALA A 102 7.35 0.80 8.70
CA ALA A 102 7.91 -0.07 7.62
C ALA A 102 8.44 0.80 6.47
N ILE A 103 7.73 1.84 6.12
CA ILE A 103 8.20 2.75 5.01
C ILE A 103 9.54 3.39 5.40
N GLN A 104 9.68 3.78 6.65
CA GLN A 104 10.96 4.40 7.10
C GLN A 104 12.10 3.36 7.05
N MET A 105 11.82 2.15 7.46
CA MET A 105 12.87 1.08 7.43
C MET A 105 13.34 0.86 5.98
N VAL A 106 12.43 0.84 5.04
CA VAL A 106 12.82 0.66 3.62
C VAL A 106 13.46 1.95 3.11
N ALA A 107 12.98 3.10 3.56
CA ALA A 107 13.56 4.40 3.12
C ALA A 107 15.05 4.47 3.46
N ASN A 108 15.46 3.87 4.55
CA ASN A 108 16.91 3.89 4.94
C ASN A 108 17.76 3.30 3.80
N SER A 109 17.35 2.19 3.26
CA SER A 109 18.11 1.56 2.14
C SER A 109 17.63 2.12 0.79
N LEU A 110 16.39 2.58 0.74
CA LEU A 110 15.84 3.15 -0.53
C LEU A 110 16.63 4.40 -0.95
N LYS A 111 16.88 5.29 -0.02
CA LYS A 111 17.66 6.54 -0.33
C LYS A 111 16.96 7.37 -1.41
N MET A 1 16.11 -6.67 -8.85
CA MET A 1 16.51 -7.82 -7.95
C MET A 1 15.53 -8.99 -8.15
N ASN A 2 16.02 -10.20 -8.09
CA ASN A 2 15.13 -11.39 -8.27
C ASN A 2 15.03 -12.19 -6.96
N GLU A 3 15.11 -11.50 -5.84
CA GLU A 3 15.03 -12.19 -4.52
C GLU A 3 14.50 -11.21 -3.45
N VAL A 4 13.48 -10.45 -3.80
CA VAL A 4 12.92 -9.46 -2.82
C VAL A 4 11.99 -10.16 -1.83
N SER A 5 12.03 -9.74 -0.59
CA SER A 5 11.14 -10.36 0.45
C SER A 5 10.07 -9.36 0.89
N VAL A 6 9.25 -9.73 1.84
CA VAL A 6 8.18 -8.79 2.32
C VAL A 6 8.52 -8.28 3.72
N ILE A 7 8.40 -6.99 3.94
CA ILE A 7 8.71 -6.42 5.28
C ILE A 7 7.42 -6.26 6.09
N LYS A 8 6.34 -5.89 5.45
CA LYS A 8 5.05 -5.73 6.17
C LYS A 8 3.88 -6.21 5.32
N GLU A 9 2.94 -6.89 5.93
CA GLU A 9 1.75 -7.40 5.15
C GLU A 9 0.48 -7.23 5.98
N GLY A 10 -0.55 -6.66 5.42
CA GLY A 10 -1.82 -6.46 6.19
C GLY A 10 -2.98 -6.12 5.26
N TRP A 11 -4.19 -6.11 5.79
CA TRP A 11 -5.37 -5.77 4.94
C TRP A 11 -5.64 -4.27 4.99
N LEU A 12 -5.92 -3.67 3.86
CA LEU A 12 -6.21 -2.20 3.83
C LEU A 12 -7.54 -1.91 3.13
N HIS A 13 -8.18 -0.82 3.46
CA HIS A 13 -9.48 -0.48 2.81
C HIS A 13 -9.28 0.61 1.76
N LYS A 14 -9.66 0.35 0.53
CA LYS A 14 -9.49 1.37 -0.55
C LYS A 14 -10.84 1.70 -1.19
N ARG A 15 -11.06 2.94 -1.53
CA ARG A 15 -12.35 3.34 -2.19
C ARG A 15 -12.37 2.86 -3.65
N GLY A 16 -13.51 2.40 -4.12
CA GLY A 16 -13.60 1.92 -5.53
C GLY A 16 -13.64 3.12 -6.49
N GLU A 17 -13.60 2.84 -7.78
CA GLU A 17 -13.62 3.93 -8.80
C GLU A 17 -15.04 4.52 -8.92
N TYR A 18 -16.02 3.67 -9.11
CA TYR A 18 -17.43 4.16 -9.25
C TYR A 18 -18.36 3.45 -8.26
N ILE A 19 -17.83 2.74 -7.29
CA ILE A 19 -18.71 2.05 -6.30
C ILE A 19 -18.98 2.94 -5.08
N LYS A 20 -18.19 3.98 -4.89
CA LYS A 20 -18.40 4.90 -3.72
C LYS A 20 -18.37 4.11 -2.40
N THR A 21 -17.48 3.14 -2.28
CA THR A 21 -17.39 2.34 -1.03
C THR A 21 -15.94 1.89 -0.81
N TRP A 22 -15.56 1.66 0.42
CA TRP A 22 -14.16 1.22 0.72
C TRP A 22 -14.11 -0.30 0.86
N ARG A 23 -13.34 -0.95 0.03
CA ARG A 23 -13.24 -2.45 0.10
C ARG A 23 -11.88 -2.87 0.67
N PRO A 24 -11.91 -3.92 1.46
CA PRO A 24 -10.66 -4.44 2.10
C PRO A 24 -9.80 -5.20 1.07
N ARG A 25 -8.52 -4.95 1.08
CA ARG A 25 -7.61 -5.64 0.12
C ARG A 25 -6.31 -6.05 0.82
N TYR A 26 -5.78 -7.18 0.48
CA TYR A 26 -4.50 -7.65 1.11
C TYR A 26 -3.32 -6.85 0.53
N PHE A 27 -2.80 -5.92 1.27
CA PHE A 27 -1.65 -5.11 0.75
C PHE A 27 -0.39 -5.37 1.58
N LEU A 28 0.75 -5.49 0.94
CA LEU A 28 2.01 -5.75 1.69
C LEU A 28 3.19 -4.98 1.09
N LEU A 29 4.10 -4.55 1.93
CA LEU A 29 5.30 -3.80 1.43
C LEU A 29 6.49 -4.76 1.30
N LYS A 30 7.21 -4.70 0.21
CA LYS A 30 8.38 -5.62 0.01
C LYS A 30 9.69 -4.92 0.34
N SER A 31 10.78 -5.66 0.30
CA SER A 31 12.12 -5.09 0.60
C SER A 31 12.63 -4.20 -0.54
N ASP A 32 12.02 -4.29 -1.70
CA ASP A 32 12.46 -3.45 -2.86
C ASP A 32 11.73 -2.09 -2.87
N GLY A 33 10.91 -1.83 -1.87
CA GLY A 33 10.18 -0.54 -1.84
C GLY A 33 8.96 -0.64 -2.77
N SER A 34 8.30 -1.76 -2.78
CA SER A 34 7.10 -1.93 -3.65
C SER A 34 5.93 -2.50 -2.86
N PHE A 35 4.76 -1.94 -3.03
CA PHE A 35 3.56 -2.43 -2.30
C PHE A 35 2.75 -3.37 -3.20
N ILE A 36 2.40 -4.53 -2.71
CA ILE A 36 1.60 -5.47 -3.54
C ILE A 36 0.14 -5.45 -3.08
N GLY A 37 -0.78 -5.21 -3.98
CA GLY A 37 -2.22 -5.17 -3.59
C GLY A 37 -2.94 -6.42 -4.11
N TYR A 38 -3.41 -7.24 -3.21
CA TYR A 38 -4.13 -8.47 -3.62
C TYR A 38 -5.63 -8.35 -3.27
N LYS A 39 -6.49 -8.65 -4.21
CA LYS A 39 -7.96 -8.55 -3.93
C LYS A 39 -8.36 -9.49 -2.78
N GLU A 40 -7.65 -10.59 -2.63
CA GLU A 40 -7.96 -11.55 -1.53
C GLU A 40 -6.67 -12.18 -1.00
N ARG A 41 -6.75 -13.32 -0.35
CA ARG A 41 -5.53 -13.99 0.18
C ARG A 41 -4.71 -14.59 -0.98
N PRO A 42 -3.52 -15.03 -0.65
CA PRO A 42 -2.63 -15.64 -1.67
C PRO A 42 -3.10 -17.06 -1.99
N GLU A 43 -3.28 -17.37 -3.25
CA GLU A 43 -3.75 -18.75 -3.63
C GLU A 43 -2.58 -19.61 -4.13
N ALA A 44 -1.37 -19.26 -3.79
CA ALA A 44 -0.19 -20.06 -4.24
C ALA A 44 0.01 -21.28 -3.32
N PRO A 45 0.53 -22.33 -3.90
CA PRO A 45 0.79 -23.58 -3.14
C PRO A 45 2.00 -23.39 -2.21
N ASP A 46 3.01 -22.67 -2.67
CA ASP A 46 4.21 -22.43 -1.83
C ASP A 46 4.49 -20.93 -1.73
N GLN A 47 4.97 -20.32 -2.79
CA GLN A 47 5.25 -18.86 -2.77
C GLN A 47 5.25 -18.30 -4.20
N THR A 48 4.36 -18.77 -5.04
CA THR A 48 4.30 -18.28 -6.45
C THR A 48 2.94 -17.61 -6.70
N LEU A 49 2.56 -16.71 -5.83
CA LEU A 49 1.25 -16.00 -5.98
C LEU A 49 1.42 -14.74 -6.86
N PRO A 50 0.62 -14.66 -7.90
CA PRO A 50 0.68 -13.50 -8.84
C PRO A 50 -0.02 -12.27 -8.22
N PRO A 51 0.76 -11.24 -7.95
CA PRO A 51 0.21 -10.00 -7.36
C PRO A 51 -0.66 -9.25 -8.38
N LEU A 52 -1.85 -8.85 -7.99
CA LEU A 52 -2.76 -8.12 -8.93
C LEU A 52 -2.38 -6.65 -9.03
N ASN A 53 -2.24 -5.98 -7.91
CA ASN A 53 -1.86 -4.53 -7.95
C ASN A 53 -0.42 -4.35 -7.50
N ASN A 54 0.36 -3.63 -8.26
CA ASN A 54 1.80 -3.41 -7.88
C ASN A 54 2.10 -1.92 -7.78
N PHE A 55 2.33 -1.42 -6.59
CA PHE A 55 2.62 0.03 -6.41
C PHE A 55 4.10 0.24 -6.05
N SER A 56 4.73 1.23 -6.63
CA SER A 56 6.18 1.49 -6.32
C SER A 56 6.29 2.64 -5.30
N VAL A 57 6.91 2.38 -4.18
CA VAL A 57 7.06 3.45 -3.14
C VAL A 57 8.54 3.58 -2.72
N ALA A 58 9.40 3.85 -3.67
CA ALA A 58 10.85 4.00 -3.34
C ALA A 58 11.11 5.41 -2.79
N GLU A 59 10.57 6.41 -3.43
CA GLU A 59 10.76 7.83 -2.95
C GLU A 59 9.50 8.64 -3.28
N CYS A 60 8.54 8.65 -2.40
CA CYS A 60 7.28 9.41 -2.67
C CYS A 60 6.86 10.21 -1.43
N GLN A 61 5.80 10.98 -1.54
CA GLN A 61 5.33 11.79 -0.37
C GLN A 61 4.25 11.04 0.40
N LEU A 62 4.34 11.01 1.70
CA LEU A 62 3.31 10.29 2.52
C LEU A 62 2.70 11.24 3.55
N MET A 63 1.44 11.06 3.87
CA MET A 63 0.78 11.95 4.88
C MET A 63 -0.38 11.23 5.56
N LYS A 64 -0.41 11.21 6.87
CA LYS A 64 -1.53 10.54 7.59
C LYS A 64 -2.72 11.50 7.70
N THR A 65 -3.93 10.98 7.69
CA THR A 65 -5.11 11.88 7.77
C THR A 65 -6.31 11.16 8.41
N GLU A 66 -7.38 11.88 8.67
CA GLU A 66 -8.59 11.27 9.30
C GLU A 66 -9.82 11.49 8.40
N ARG A 67 -9.62 11.73 7.13
CA ARG A 67 -10.76 11.95 6.20
C ARG A 67 -10.61 11.07 4.95
N PRO A 68 -11.71 10.56 4.44
CA PRO A 68 -13.06 10.82 5.05
C PRO A 68 -13.22 10.12 6.39
N ARG A 69 -12.60 8.98 6.57
CA ARG A 69 -12.71 8.25 7.88
C ARG A 69 -11.42 8.42 8.68
N PRO A 70 -11.54 8.27 9.98
CA PRO A 70 -10.36 8.41 10.87
C PRO A 70 -9.35 7.27 10.63
N ASN A 71 -8.11 7.47 11.00
CA ASN A 71 -7.06 6.42 10.79
C ASN A 71 -6.88 6.13 9.29
N THR A 72 -6.62 7.16 8.51
CA THR A 72 -6.44 6.95 7.04
C THR A 72 -5.05 7.39 6.59
N PHE A 73 -4.60 6.91 5.45
CA PHE A 73 -3.25 7.28 4.93
C PHE A 73 -3.37 7.98 3.57
N VAL A 74 -2.49 8.90 3.29
CA VAL A 74 -2.53 9.61 1.97
C VAL A 74 -1.12 9.69 1.37
N ILE A 75 -1.00 9.54 0.08
CA ILE A 75 0.35 9.60 -0.57
C ILE A 75 0.29 10.48 -1.82
N ARG A 76 1.28 11.32 -2.01
CA ARG A 76 1.27 12.23 -3.21
C ARG A 76 2.32 11.76 -4.23
N CYS A 77 1.92 10.95 -5.17
CA CYS A 77 2.87 10.45 -6.21
C CYS A 77 2.37 10.82 -7.61
N LEU A 78 3.26 10.93 -8.57
CA LEU A 78 2.85 11.28 -9.96
C LEU A 78 2.02 10.14 -10.58
N GLN A 79 1.56 10.31 -11.79
CA GLN A 79 0.75 9.24 -12.44
C GLN A 79 1.64 8.08 -12.90
N TRP A 80 2.37 8.26 -13.98
CA TRP A 80 3.28 7.19 -14.51
C TRP A 80 2.50 5.91 -14.85
N THR A 81 2.16 5.11 -13.85
CA THR A 81 1.39 3.86 -14.12
C THR A 81 -0.07 4.18 -14.46
N THR A 82 -0.81 3.20 -14.91
CA THR A 82 -2.25 3.44 -15.26
C THR A 82 -3.11 3.60 -14.00
N VAL A 83 -2.75 2.94 -12.93
CA VAL A 83 -3.56 3.06 -11.67
C VAL A 83 -3.17 4.33 -10.89
N ILE A 84 -4.14 5.02 -10.36
CA ILE A 84 -3.85 6.27 -9.60
C ILE A 84 -4.13 6.05 -8.11
N GLU A 85 -3.10 5.92 -7.31
CA GLU A 85 -3.30 5.69 -5.85
C GLU A 85 -2.94 6.97 -5.06
N ARG A 86 -3.83 7.42 -4.21
CA ARG A 86 -3.56 8.66 -3.41
C ARG A 86 -4.03 8.47 -1.96
N THR A 87 -5.28 8.17 -1.76
CA THR A 87 -5.80 7.98 -0.37
C THR A 87 -6.15 6.51 -0.11
N PHE A 88 -5.74 5.99 1.02
CA PHE A 88 -6.06 4.56 1.34
C PHE A 88 -6.28 4.41 2.85
N HIS A 89 -7.22 3.60 3.24
CA HIS A 89 -7.51 3.40 4.70
C HIS A 89 -6.91 2.08 5.19
N VAL A 90 -6.61 1.99 6.47
CA VAL A 90 -6.04 0.71 7.01
C VAL A 90 -7.10 -0.03 7.83
N ASP A 91 -6.97 -1.33 7.95
CA ASP A 91 -7.96 -2.12 8.76
C ASP A 91 -7.96 -1.68 10.23
N SER A 92 -6.83 -1.27 10.73
CA SER A 92 -6.76 -0.84 12.16
C SER A 92 -5.90 0.43 12.30
N PRO A 93 -6.14 1.18 13.36
CA PRO A 93 -5.37 2.43 13.61
C PRO A 93 -3.90 2.10 13.89
N ASP A 94 -3.63 1.05 14.62
CA ASP A 94 -2.22 0.67 14.90
C ASP A 94 -1.55 0.23 13.58
N GLU A 95 -2.31 -0.34 12.67
CA GLU A 95 -1.75 -0.75 11.36
C GLU A 95 -1.15 0.47 10.66
N ARG A 96 -1.86 1.59 10.70
CA ARG A 96 -1.35 2.84 10.07
C ARG A 96 0.05 3.17 10.61
N GLU A 97 0.26 2.99 11.89
CA GLU A 97 1.61 3.26 12.46
C GLU A 97 2.62 2.24 11.91
N GLU A 98 2.23 0.99 11.84
CA GLU A 98 3.16 -0.06 11.30
C GLU A 98 3.54 0.25 9.85
N TRP A 99 2.58 0.66 9.04
CA TRP A 99 2.90 1.00 7.62
C TRP A 99 3.93 2.13 7.55
N MET A 100 3.71 3.17 8.33
CA MET A 100 4.66 4.32 8.34
C MET A 100 6.08 3.85 8.69
N ARG A 101 6.21 3.02 9.70
CA ARG A 101 7.56 2.52 10.10
C ARG A 101 8.18 1.70 8.95
N ALA A 102 7.39 0.86 8.31
CA ALA A 102 7.93 0.05 7.17
C ALA A 102 8.40 0.97 6.03
N ILE A 103 7.62 1.97 5.71
CA ILE A 103 8.02 2.91 4.61
C ILE A 103 9.35 3.59 4.97
N GLN A 104 9.52 3.97 6.22
CA GLN A 104 10.78 4.64 6.65
C GLN A 104 11.97 3.67 6.53
N MET A 105 11.78 2.42 6.90
CA MET A 105 12.91 1.44 6.82
C MET A 105 13.30 1.18 5.36
N VAL A 106 12.33 1.08 4.48
CA VAL A 106 12.65 0.84 3.03
C VAL A 106 13.40 2.04 2.45
N ALA A 107 13.02 3.24 2.82
CA ALA A 107 13.72 4.45 2.29
C ALA A 107 15.18 4.48 2.81
N ASN A 108 15.40 4.04 4.02
CA ASN A 108 16.79 4.03 4.58
C ASN A 108 17.70 3.14 3.72
N SER A 109 17.21 2.02 3.26
CA SER A 109 18.03 1.12 2.40
C SER A 109 17.99 1.59 0.94
N LEU A 110 16.91 2.21 0.53
CA LEU A 110 16.80 2.69 -0.89
C LEU A 110 17.79 3.84 -1.13
N LYS A 111 17.92 4.74 -0.18
CA LYS A 111 18.87 5.89 -0.32
C LYS A 111 18.45 6.81 -1.49
N MET A 1 13.51 -14.15 -9.90
CA MET A 1 13.76 -14.58 -8.50
C MET A 1 14.05 -13.37 -7.61
N ASN A 2 15.14 -12.68 -7.86
CA ASN A 2 15.51 -11.47 -7.05
C ASN A 2 15.70 -11.84 -5.57
N GLU A 3 15.99 -10.87 -4.74
CA GLU A 3 16.19 -11.16 -3.28
C GLU A 3 15.52 -10.07 -2.42
N VAL A 4 14.33 -9.68 -2.80
CA VAL A 4 13.61 -8.62 -2.02
C VAL A 4 12.69 -9.27 -0.97
N SER A 5 12.94 -9.00 0.29
CA SER A 5 12.08 -9.59 1.36
C SER A 5 10.91 -8.65 1.68
N VAL A 6 9.88 -9.17 2.31
CA VAL A 6 8.71 -8.31 2.65
C VAL A 6 8.93 -7.63 4.01
N ILE A 7 8.55 -6.38 4.12
CA ILE A 7 8.73 -5.66 5.42
C ILE A 7 7.42 -5.71 6.24
N LYS A 8 6.29 -5.56 5.59
CA LYS A 8 4.99 -5.61 6.35
C LYS A 8 3.84 -6.05 5.45
N GLU A 9 2.98 -6.89 5.95
CA GLU A 9 1.81 -7.38 5.15
C GLU A 9 0.52 -7.19 5.97
N GLY A 10 -0.50 -6.67 5.37
CA GLY A 10 -1.77 -6.46 6.13
C GLY A 10 -2.91 -6.07 5.20
N TRP A 11 -4.12 -6.09 5.69
CA TRP A 11 -5.29 -5.71 4.84
C TRP A 11 -5.56 -4.21 4.96
N LEU A 12 -5.86 -3.55 3.88
CA LEU A 12 -6.13 -2.08 3.93
C LEU A 12 -7.47 -1.76 3.26
N HIS A 13 -8.10 -0.70 3.67
CA HIS A 13 -9.42 -0.32 3.05
C HIS A 13 -9.19 0.79 2.01
N LYS A 14 -9.37 0.47 0.75
CA LYS A 14 -9.15 1.51 -0.31
C LYS A 14 -10.40 1.67 -1.20
N ARG A 15 -10.71 2.88 -1.59
CA ARG A 15 -11.90 3.12 -2.46
C ARG A 15 -11.55 2.81 -3.92
N GLY A 16 -12.50 2.32 -4.68
CA GLY A 16 -12.21 1.99 -6.11
C GLY A 16 -13.50 2.03 -6.96
N GLU A 17 -14.54 1.38 -6.52
CA GLU A 17 -15.82 1.38 -7.32
C GLU A 17 -16.38 2.80 -7.50
N TYR A 18 -17.14 3.00 -8.55
CA TYR A 18 -17.75 4.35 -8.80
C TYR A 18 -18.73 4.74 -7.70
N ILE A 19 -19.17 3.79 -6.89
CA ILE A 19 -20.13 4.11 -5.79
C ILE A 19 -19.41 4.79 -4.61
N LYS A 20 -18.12 5.04 -4.73
CA LYS A 20 -17.35 5.72 -3.62
C LYS A 20 -17.40 4.87 -2.33
N THR A 21 -16.79 3.72 -2.35
CA THR A 21 -16.79 2.84 -1.14
C THR A 21 -15.38 2.30 -0.90
N TRP A 22 -14.95 2.27 0.33
CA TRP A 22 -13.58 1.75 0.65
C TRP A 22 -13.64 0.25 0.94
N ARG A 23 -13.08 -0.56 0.08
CA ARG A 23 -13.11 -2.04 0.29
C ARG A 23 -11.76 -2.54 0.82
N PRO A 24 -11.82 -3.60 1.59
CA PRO A 24 -10.59 -4.19 2.18
C PRO A 24 -9.76 -4.94 1.11
N ARG A 25 -8.48 -4.72 1.10
CA ARG A 25 -7.59 -5.41 0.12
C ARG A 25 -6.27 -5.81 0.80
N TYR A 26 -5.74 -6.96 0.46
CA TYR A 26 -4.46 -7.39 1.10
C TYR A 26 -3.28 -6.59 0.52
N PHE A 27 -2.62 -5.84 1.35
CA PHE A 27 -1.46 -5.01 0.86
C PHE A 27 -0.15 -5.54 1.44
N LEU A 28 0.87 -5.67 0.62
CA LEU A 28 2.18 -6.19 1.11
C LEU A 28 3.31 -5.21 0.75
N LEU A 29 4.07 -4.77 1.72
CA LEU A 29 5.19 -3.82 1.43
C LEU A 29 6.51 -4.61 1.40
N LYS A 30 7.25 -4.50 0.31
CA LYS A 30 8.54 -5.25 0.21
C LYS A 30 9.75 -4.35 0.48
N SER A 31 10.93 -4.94 0.55
CA SER A 31 12.17 -4.15 0.82
C SER A 31 12.63 -3.38 -0.44
N ASP A 32 12.00 -3.63 -1.56
CA ASP A 32 12.41 -2.91 -2.82
C ASP A 32 11.71 -1.55 -2.92
N GLY A 33 10.90 -1.20 -1.96
CA GLY A 33 10.18 0.11 -2.03
C GLY A 33 8.98 -0.05 -2.96
N SER A 34 8.31 -1.18 -2.90
CA SER A 34 7.14 -1.40 -3.79
C SER A 34 5.99 -2.02 -2.98
N PHE A 35 4.78 -1.59 -3.25
CA PHE A 35 3.61 -2.13 -2.50
C PHE A 35 2.83 -3.13 -3.38
N ILE A 36 2.42 -4.23 -2.80
CA ILE A 36 1.65 -5.24 -3.57
C ILE A 36 0.17 -5.16 -3.14
N GLY A 37 -0.72 -4.97 -4.08
CA GLY A 37 -2.17 -4.87 -3.72
C GLY A 37 -2.92 -6.12 -4.20
N TYR A 38 -3.51 -6.83 -3.27
CA TYR A 38 -4.28 -8.06 -3.64
C TYR A 38 -5.78 -7.80 -3.40
N LYS A 39 -6.60 -8.08 -4.38
CA LYS A 39 -8.08 -7.85 -4.19
C LYS A 39 -8.65 -8.83 -3.15
N GLU A 40 -8.04 -9.98 -3.01
CA GLU A 40 -8.53 -10.97 -2.02
C GLU A 40 -7.34 -11.72 -1.40
N ARG A 41 -7.54 -12.91 -0.91
CA ARG A 41 -6.40 -13.67 -0.31
C ARG A 41 -5.65 -14.43 -1.41
N PRO A 42 -4.34 -14.42 -1.32
CA PRO A 42 -3.50 -15.12 -2.33
C PRO A 42 -3.62 -16.64 -2.19
N GLU A 43 -3.46 -17.36 -3.28
CA GLU A 43 -3.55 -18.85 -3.22
C GLU A 43 -2.55 -19.48 -4.20
N ALA A 44 -2.65 -19.14 -5.48
CA ALA A 44 -1.72 -19.71 -6.50
C ALA A 44 -1.92 -21.23 -6.65
N PRO A 45 -1.35 -21.78 -7.70
CA PRO A 45 -1.46 -23.24 -7.95
C PRO A 45 -0.59 -24.02 -6.96
N ASP A 46 0.64 -23.57 -6.74
CA ASP A 46 1.54 -24.25 -5.78
C ASP A 46 2.05 -23.23 -4.75
N GLN A 47 2.79 -22.26 -5.19
CA GLN A 47 3.31 -21.20 -4.27
C GLN A 47 3.81 -19.98 -5.05
N THR A 48 3.12 -19.64 -6.11
CA THR A 48 3.53 -18.46 -6.94
C THR A 48 2.34 -17.52 -7.14
N LEU A 49 1.77 -17.06 -6.05
CA LEU A 49 0.59 -16.15 -6.12
C LEU A 49 0.98 -14.81 -6.77
N PRO A 50 0.41 -14.55 -7.93
CA PRO A 50 0.71 -13.29 -8.67
C PRO A 50 -0.03 -12.10 -8.02
N PRO A 51 0.68 -11.01 -7.89
CA PRO A 51 0.08 -9.78 -7.29
C PRO A 51 -0.88 -9.11 -8.26
N LEU A 52 -2.15 -9.02 -7.90
CA LEU A 52 -3.15 -8.39 -8.82
C LEU A 52 -2.79 -6.92 -9.09
N ASN A 53 -2.68 -6.12 -8.06
CA ASN A 53 -2.31 -4.69 -8.25
C ASN A 53 -0.88 -4.47 -7.75
N ASN A 54 -0.10 -3.71 -8.46
CA ASN A 54 1.31 -3.46 -8.02
C ASN A 54 1.57 -1.96 -7.86
N PHE A 55 1.84 -1.53 -6.66
CA PHE A 55 2.12 -0.08 -6.41
C PHE A 55 3.63 0.17 -6.33
N SER A 56 4.08 1.35 -6.67
CA SER A 56 5.54 1.65 -6.61
C SER A 56 5.81 2.84 -5.69
N VAL A 57 6.81 2.74 -4.85
CA VAL A 57 7.13 3.88 -3.92
C VAL A 57 8.65 3.98 -3.70
N ALA A 58 9.41 4.16 -4.77
CA ALA A 58 10.89 4.28 -4.63
C ALA A 58 11.28 5.74 -4.37
N GLU A 59 10.62 6.65 -5.04
CA GLU A 59 10.93 8.11 -4.85
C GLU A 59 9.64 8.87 -4.50
N CYS A 60 8.66 8.20 -3.95
CA CYS A 60 7.38 8.88 -3.58
C CYS A 60 7.34 9.17 -2.09
N GLN A 61 6.45 10.06 -1.67
CA GLN A 61 6.35 10.39 -0.21
C GLN A 61 4.97 9.98 0.32
N LEU A 62 4.94 9.33 1.45
CA LEU A 62 3.64 8.89 2.04
C LEU A 62 3.31 9.70 3.30
N MET A 63 2.09 10.16 3.43
CA MET A 63 1.70 10.96 4.63
C MET A 63 0.35 10.47 5.17
N LYS A 64 0.13 10.58 6.45
CA LYS A 64 -1.19 10.14 7.02
C LYS A 64 -2.17 11.31 7.04
N THR A 65 -3.45 11.03 7.08
CA THR A 65 -4.47 12.12 7.08
C THR A 65 -5.76 11.66 7.77
N GLU A 66 -6.71 12.55 7.96
CA GLU A 66 -7.99 12.17 8.62
C GLU A 66 -9.17 12.35 7.63
N ARG A 67 -8.90 12.44 6.35
CA ARG A 67 -10.00 12.62 5.36
C ARG A 67 -9.90 11.53 4.28
N PRO A 68 -11.03 10.96 3.91
CA PRO A 68 -12.35 11.34 4.51
C PRO A 68 -12.49 10.79 5.94
N ARG A 69 -11.98 9.61 6.20
CA ARG A 69 -12.09 9.02 7.58
C ARG A 69 -10.76 9.18 8.33
N PRO A 70 -10.83 9.01 9.63
CA PRO A 70 -9.61 9.14 10.48
C PRO A 70 -8.65 7.97 10.23
N ASN A 71 -7.40 8.14 10.57
CA ASN A 71 -6.39 7.06 10.36
C ASN A 71 -6.32 6.67 8.88
N THR A 72 -6.01 7.62 8.02
CA THR A 72 -5.93 7.33 6.56
C THR A 72 -4.52 7.62 6.04
N PHE A 73 -4.14 6.98 4.98
CA PHE A 73 -2.76 7.21 4.42
C PHE A 73 -2.84 7.68 2.97
N VAL A 74 -2.06 8.67 2.61
CA VAL A 74 -2.09 9.18 1.20
C VAL A 74 -0.65 9.37 0.68
N ILE A 75 -0.40 8.94 -0.53
CA ILE A 75 0.98 9.11 -1.11
C ILE A 75 0.89 10.03 -2.34
N ARG A 76 1.74 11.02 -2.41
CA ARG A 76 1.69 11.96 -3.59
C ARG A 76 3.09 12.11 -4.22
N CYS A 77 3.20 11.78 -5.48
CA CYS A 77 4.53 11.91 -6.18
C CYS A 77 4.46 13.07 -7.20
N LEU A 78 5.29 13.05 -8.22
CA LEU A 78 5.25 14.15 -9.22
C LEU A 78 4.19 13.86 -10.29
N GLN A 79 4.44 12.92 -11.18
CA GLN A 79 3.45 12.59 -12.26
C GLN A 79 3.06 13.82 -13.07
N TRP A 80 2.03 13.71 -13.88
CA TRP A 80 1.59 14.87 -14.70
C TRP A 80 0.16 14.64 -15.21
N THR A 81 -0.06 13.53 -15.90
CA THR A 81 -1.43 13.23 -16.43
C THR A 81 -1.73 11.74 -16.27
N THR A 82 -2.19 11.34 -15.11
CA THR A 82 -2.50 9.89 -14.88
C THR A 82 -3.71 9.74 -13.94
N VAL A 83 -4.48 8.70 -14.13
CA VAL A 83 -5.66 8.47 -13.25
C VAL A 83 -5.39 7.29 -12.30
N ILE A 84 -5.05 7.58 -11.06
CA ILE A 84 -4.77 6.49 -10.08
C ILE A 84 -5.02 6.95 -8.64
N GLU A 85 -5.68 6.14 -7.85
CA GLU A 85 -5.97 6.52 -6.44
C GLU A 85 -4.71 6.31 -5.58
N ARG A 86 -4.31 7.31 -4.83
CA ARG A 86 -3.09 7.16 -3.98
C ARG A 86 -3.44 7.31 -2.49
N THR A 87 -4.62 6.91 -2.07
CA THR A 87 -5.00 7.03 -0.64
C THR A 87 -5.65 5.73 -0.15
N PHE A 88 -5.40 5.35 1.08
CA PHE A 88 -6.00 4.10 1.62
C PHE A 88 -6.25 4.24 3.14
N HIS A 89 -7.22 3.52 3.65
CA HIS A 89 -7.54 3.58 5.11
C HIS A 89 -7.07 2.30 5.79
N VAL A 90 -6.73 2.36 7.05
CA VAL A 90 -6.27 1.11 7.76
C VAL A 90 -7.42 0.50 8.56
N ASP A 91 -7.38 -0.78 8.78
CA ASP A 91 -8.46 -1.46 9.56
C ASP A 91 -8.30 -1.20 11.06
N SER A 92 -7.09 -0.91 11.50
CA SER A 92 -6.88 -0.65 12.96
C SER A 92 -5.81 0.44 13.15
N PRO A 93 -5.79 1.01 14.34
CA PRO A 93 -4.80 2.07 14.65
C PRO A 93 -3.38 1.47 14.68
N ASP A 94 -3.25 0.28 15.23
CA ASP A 94 -1.90 -0.37 15.27
C ASP A 94 -1.43 -0.64 13.84
N GLU A 95 -2.34 -0.94 12.94
CA GLU A 95 -1.93 -1.19 11.52
C GLU A 95 -1.36 0.09 10.91
N ARG A 96 -2.05 1.20 11.11
CA ARG A 96 -1.57 2.50 10.56
C ARG A 96 -0.16 2.82 11.09
N GLU A 97 0.10 2.52 12.35
CA GLU A 97 1.45 2.79 12.92
C GLU A 97 2.50 1.85 12.29
N GLU A 98 2.12 0.64 11.97
CA GLU A 98 3.09 -0.30 11.34
C GLU A 98 3.38 0.13 9.89
N TRP A 99 2.37 0.53 9.17
CA TRP A 99 2.59 0.98 7.76
C TRP A 99 3.56 2.17 7.74
N MET A 100 3.35 3.13 8.61
CA MET A 100 4.26 4.31 8.66
C MET A 100 5.69 3.88 8.98
N ARG A 101 5.87 3.06 9.99
CA ARG A 101 7.24 2.59 10.34
C ARG A 101 7.84 1.77 9.18
N ALA A 102 7.03 0.95 8.55
CA ALA A 102 7.54 0.13 7.39
C ALA A 102 7.96 1.05 6.24
N ILE A 103 7.19 2.07 5.96
CA ILE A 103 7.54 3.02 4.86
C ILE A 103 8.90 3.68 5.14
N GLN A 104 9.11 4.13 6.36
CA GLN A 104 10.40 4.78 6.70
C GLN A 104 11.55 3.78 6.65
N MET A 105 11.33 2.55 7.06
CA MET A 105 12.42 1.54 7.03
C MET A 105 12.90 1.32 5.58
N VAL A 106 11.97 1.20 4.66
CA VAL A 106 12.37 1.00 3.23
C VAL A 106 13.01 2.28 2.69
N ALA A 107 12.51 3.42 3.06
CA ALA A 107 13.08 4.72 2.58
C ALA A 107 14.54 4.87 3.03
N ASN A 108 14.88 4.35 4.19
CA ASN A 108 16.28 4.47 4.68
C ASN A 108 17.26 3.86 3.67
N SER A 109 16.92 2.71 3.13
CA SER A 109 17.82 2.06 2.12
C SER A 109 17.47 2.55 0.71
N LEU A 110 16.27 3.08 0.51
CA LEU A 110 15.87 3.57 -0.84
C LEU A 110 16.59 4.88 -1.18
N LYS A 111 16.60 5.82 -0.26
CA LYS A 111 17.28 7.13 -0.52
C LYS A 111 17.48 7.91 0.79
N MET A 1 20.31 -11.18 -9.46
CA MET A 1 18.83 -11.28 -9.60
C MET A 1 18.12 -10.40 -8.55
N ASN A 2 16.81 -10.41 -8.55
CA ASN A 2 16.05 -9.58 -7.56
C ASN A 2 16.31 -10.07 -6.13
N GLU A 3 16.49 -9.15 -5.21
CA GLU A 3 16.76 -9.55 -3.78
C GLU A 3 16.06 -8.58 -2.81
N VAL A 4 14.75 -8.46 -2.93
CA VAL A 4 14.01 -7.53 -2.02
C VAL A 4 12.96 -8.32 -1.23
N SER A 5 12.99 -8.24 0.07
CA SER A 5 11.98 -8.98 0.90
C SER A 5 10.84 -8.05 1.29
N VAL A 6 9.79 -8.58 1.86
CA VAL A 6 8.64 -7.72 2.28
C VAL A 6 8.94 -7.10 3.65
N ILE A 7 8.81 -5.81 3.77
CA ILE A 7 9.08 -5.14 5.08
C ILE A 7 7.83 -5.21 5.97
N LYS A 8 6.68 -4.94 5.41
CA LYS A 8 5.42 -4.99 6.22
C LYS A 8 4.24 -5.42 5.35
N GLU A 9 3.41 -6.27 5.87
CA GLU A 9 2.21 -6.74 5.09
C GLU A 9 0.97 -6.74 5.99
N GLY A 10 -0.15 -6.33 5.45
CA GLY A 10 -1.39 -6.29 6.27
C GLY A 10 -2.61 -6.04 5.38
N TRP A 11 -3.79 -6.13 5.93
CA TRP A 11 -5.02 -5.90 5.12
C TRP A 11 -5.38 -4.40 5.15
N LEU A 12 -5.57 -3.80 3.99
CA LEU A 12 -5.91 -2.35 3.95
C LEU A 12 -7.20 -2.13 3.14
N HIS A 13 -7.85 -1.01 3.36
CA HIS A 13 -9.12 -0.73 2.62
C HIS A 13 -8.85 0.18 1.42
N LYS A 14 -9.31 -0.21 0.25
CA LYS A 14 -9.10 0.61 -0.98
C LYS A 14 -10.46 1.00 -1.56
N ARG A 15 -10.63 2.26 -1.90
CA ARG A 15 -11.93 2.71 -2.48
C ARG A 15 -12.12 2.15 -3.90
N GLY A 16 -13.34 1.88 -4.28
CA GLY A 16 -13.60 1.34 -5.65
C GLY A 16 -14.40 2.36 -6.46
N GLU A 17 -14.01 2.62 -7.68
CA GLU A 17 -14.75 3.60 -8.54
C GLU A 17 -14.89 4.96 -7.82
N TYR A 18 -15.92 5.69 -8.14
CA TYR A 18 -16.12 7.02 -7.48
C TYR A 18 -17.02 6.90 -6.24
N ILE A 19 -17.67 5.77 -6.05
CA ILE A 19 -18.55 5.60 -4.84
C ILE A 19 -17.73 5.74 -3.56
N LYS A 20 -18.36 6.11 -2.47
CA LYS A 20 -17.62 6.28 -1.18
C LYS A 20 -17.54 4.96 -0.41
N THR A 21 -17.00 3.93 -1.01
CA THR A 21 -16.89 2.61 -0.31
C THR A 21 -15.46 2.09 -0.40
N TRP A 22 -14.95 1.53 0.67
CA TRP A 22 -13.55 0.99 0.67
C TRP A 22 -13.57 -0.53 0.90
N ARG A 23 -12.85 -1.27 0.10
CA ARG A 23 -12.83 -2.76 0.26
C ARG A 23 -11.47 -3.22 0.82
N PRO A 24 -11.51 -4.20 1.70
CA PRO A 24 -10.28 -4.73 2.32
C PRO A 24 -9.45 -5.55 1.32
N ARG A 25 -8.16 -5.30 1.28
CA ARG A 25 -7.26 -6.04 0.35
C ARG A 25 -5.94 -6.35 1.05
N TYR A 26 -5.34 -7.49 0.79
CA TYR A 26 -4.05 -7.83 1.45
C TYR A 26 -2.92 -6.99 0.84
N PHE A 27 -2.49 -5.97 1.52
CA PHE A 27 -1.41 -5.10 0.97
C PHE A 27 -0.05 -5.49 1.56
N LEU A 28 0.99 -5.43 0.77
CA LEU A 28 2.34 -5.80 1.28
C LEU A 28 3.40 -4.81 0.75
N LEU A 29 4.17 -4.22 1.62
CA LEU A 29 5.23 -3.26 1.17
C LEU A 29 6.60 -3.96 1.15
N LYS A 30 7.26 -3.94 0.03
CA LYS A 30 8.60 -4.62 -0.07
C LYS A 30 9.71 -3.65 0.34
N SER A 31 10.90 -4.17 0.59
CA SER A 31 12.04 -3.29 1.00
C SER A 31 12.56 -2.47 -0.19
N ASP A 32 12.00 -2.63 -1.36
CA ASP A 32 12.47 -1.84 -2.54
C ASP A 32 11.66 -0.54 -2.68
N GLY A 33 10.61 -0.37 -1.91
CA GLY A 33 9.79 0.86 -2.02
C GLY A 33 8.61 0.59 -2.95
N SER A 34 8.01 -0.56 -2.84
CA SER A 34 6.85 -0.90 -3.73
C SER A 34 5.73 -1.55 -2.91
N PHE A 35 4.56 -0.96 -2.92
CA PHE A 35 3.41 -1.53 -2.17
C PHE A 35 2.54 -2.39 -3.08
N ILE A 36 2.35 -3.63 -2.75
CA ILE A 36 1.51 -4.52 -3.62
C ILE A 36 0.15 -4.77 -2.94
N GLY A 37 -0.93 -4.49 -3.63
CA GLY A 37 -2.28 -4.71 -3.04
C GLY A 37 -2.92 -5.96 -3.66
N TYR A 38 -3.15 -6.97 -2.87
CA TYR A 38 -3.77 -8.22 -3.39
C TYR A 38 -5.26 -8.27 -3.02
N LYS A 39 -6.09 -8.74 -3.92
CA LYS A 39 -7.56 -8.83 -3.61
C LYS A 39 -7.75 -9.64 -2.33
N GLU A 40 -7.09 -10.77 -2.25
CA GLU A 40 -7.21 -11.64 -1.03
C GLU A 40 -5.85 -12.28 -0.74
N ARG A 41 -5.79 -13.18 0.21
CA ARG A 41 -4.49 -13.84 0.53
C ARG A 41 -4.14 -14.87 -0.56
N PRO A 42 -5.03 -15.83 -0.78
CA PRO A 42 -4.79 -16.86 -1.81
C PRO A 42 -5.14 -16.30 -3.21
N GLU A 43 -4.25 -16.41 -4.15
CA GLU A 43 -4.53 -15.89 -5.53
C GLU A 43 -4.09 -16.91 -6.59
N ALA A 44 -4.07 -18.17 -6.25
CA ALA A 44 -3.65 -19.21 -7.23
C ALA A 44 -4.05 -20.61 -6.74
N PRO A 45 -4.08 -21.55 -7.66
CA PRO A 45 -4.44 -22.95 -7.31
C PRO A 45 -3.29 -23.63 -6.56
N ASP A 46 -2.07 -23.40 -6.99
CA ASP A 46 -0.89 -24.02 -6.30
C ASP A 46 0.08 -22.92 -5.84
N GLN A 47 0.73 -22.26 -6.75
CA GLN A 47 1.67 -21.16 -6.36
C GLN A 47 1.95 -20.23 -7.56
N THR A 48 0.94 -19.93 -8.31
CA THR A 48 1.11 -19.04 -9.50
C THR A 48 0.20 -17.81 -9.37
N LEU A 49 0.31 -17.11 -8.27
CA LEU A 49 -0.55 -15.90 -8.07
C LEU A 49 0.16 -14.63 -8.56
N PRO A 50 -0.40 -14.03 -9.59
CA PRO A 50 0.20 -12.80 -10.17
C PRO A 50 -0.16 -11.57 -9.30
N PRO A 51 0.57 -10.50 -9.49
CA PRO A 51 0.31 -9.26 -8.72
C PRO A 51 -0.95 -8.56 -9.25
N LEU A 52 -1.83 -8.17 -8.36
CA LEU A 52 -3.09 -7.48 -8.79
C LEU A 52 -2.90 -5.96 -8.76
N ASN A 53 -2.55 -5.41 -7.63
CA ASN A 53 -2.33 -3.93 -7.54
C ASN A 53 -0.87 -3.65 -7.21
N ASN A 54 -0.24 -2.78 -7.97
CA ASN A 54 1.20 -2.47 -7.71
C ASN A 54 1.40 -0.97 -7.45
N PHE A 55 2.09 -0.62 -6.40
CA PHE A 55 2.33 0.81 -6.08
C PHE A 55 3.84 1.10 -5.96
N SER A 56 4.33 2.08 -6.66
CA SER A 56 5.79 2.41 -6.57
C SER A 56 5.98 3.64 -5.68
N VAL A 57 6.76 3.52 -4.64
CA VAL A 57 7.00 4.67 -3.73
C VAL A 57 8.50 4.79 -3.37
N ALA A 58 9.32 5.05 -4.34
CA ALA A 58 10.79 5.17 -4.07
C ALA A 58 11.10 6.58 -3.55
N GLU A 59 10.67 7.60 -4.25
CA GLU A 59 10.92 9.00 -3.81
C GLU A 59 9.59 9.77 -3.77
N CYS A 60 8.66 9.35 -2.96
CA CYS A 60 7.34 10.05 -2.88
C CYS A 60 7.06 10.52 -1.44
N GLN A 61 6.16 11.44 -1.27
CA GLN A 61 5.84 11.95 0.10
C GLN A 61 4.63 11.21 0.68
N LEU A 62 4.69 10.88 1.96
CA LEU A 62 3.55 10.17 2.60
C LEU A 62 2.80 11.11 3.55
N MET A 63 1.51 10.91 3.71
CA MET A 63 0.72 11.79 4.61
C MET A 63 -0.33 10.98 5.38
N LYS A 64 -0.51 11.26 6.66
CA LYS A 64 -1.53 10.53 7.45
C LYS A 64 -2.77 11.41 7.65
N THR A 65 -3.95 10.87 7.44
CA THR A 65 -5.19 11.69 7.59
C THR A 65 -6.37 10.84 8.07
N GLU A 66 -7.51 11.45 8.28
CA GLU A 66 -8.72 10.70 8.74
C GLU A 66 -9.92 10.98 7.82
N ARG A 67 -9.68 11.25 6.56
CA ARG A 67 -10.80 11.53 5.62
C ARG A 67 -10.60 10.70 4.33
N PRO A 68 -11.69 10.18 3.80
CA PRO A 68 -13.05 10.36 4.40
C PRO A 68 -13.23 9.51 5.67
N ARG A 69 -12.44 8.48 5.84
CA ARG A 69 -12.57 7.61 7.05
C ARG A 69 -11.36 7.79 7.97
N PRO A 70 -11.50 7.38 9.21
CA PRO A 70 -10.39 7.50 10.19
C PRO A 70 -9.24 6.55 9.85
N ASN A 71 -8.05 6.83 10.36
CA ASN A 71 -6.86 5.96 10.07
C ASN A 71 -6.65 5.83 8.56
N THR A 72 -6.37 6.93 7.89
CA THR A 72 -6.17 6.87 6.41
C THR A 72 -4.78 7.40 6.02
N PHE A 73 -4.28 6.97 4.88
CA PHE A 73 -2.95 7.43 4.41
C PHE A 73 -3.07 8.02 2.99
N VAL A 74 -2.31 9.04 2.71
CA VAL A 74 -2.36 9.66 1.34
C VAL A 74 -0.93 9.93 0.85
N ILE A 75 -0.57 9.40 -0.28
CA ILE A 75 0.82 9.64 -0.81
C ILE A 75 0.77 10.56 -2.04
N ARG A 76 1.45 11.68 -1.97
CA ARG A 76 1.46 12.62 -3.13
C ARG A 76 2.90 12.90 -3.56
N CYS A 77 3.25 12.57 -4.78
CA CYS A 77 4.64 12.82 -5.26
C CYS A 77 4.80 14.29 -5.69
N LEU A 78 6.02 14.76 -5.78
CA LEU A 78 6.25 16.18 -6.18
C LEU A 78 5.76 16.43 -7.61
N GLN A 79 4.90 17.39 -7.78
CA GLN A 79 4.37 17.71 -9.15
C GLN A 79 4.01 19.20 -9.24
N TRP A 80 3.14 19.67 -8.38
CA TRP A 80 2.74 21.11 -8.41
C TRP A 80 2.81 21.69 -6.98
N THR A 81 1.71 21.77 -6.29
CA THR A 81 1.72 22.32 -4.89
C THR A 81 0.62 21.64 -4.06
N THR A 82 -0.62 21.81 -4.45
CA THR A 82 -1.74 21.18 -3.69
C THR A 82 -2.41 20.10 -4.56
N VAL A 83 -1.62 19.22 -5.13
CA VAL A 83 -2.19 18.14 -5.98
C VAL A 83 -2.21 16.81 -5.21
N ILE A 84 -2.80 16.81 -4.04
CA ILE A 84 -2.86 15.55 -3.21
C ILE A 84 -3.58 14.44 -4.00
N GLU A 85 -3.13 13.21 -3.83
CA GLU A 85 -3.77 12.08 -4.57
C GLU A 85 -3.37 10.74 -3.95
N ARG A 86 -3.80 9.64 -4.54
CA ARG A 86 -3.44 8.28 -4.01
C ARG A 86 -3.85 8.15 -2.53
N THR A 87 -5.08 7.80 -2.28
CA THR A 87 -5.55 7.66 -0.86
C THR A 87 -5.83 6.19 -0.53
N PHE A 88 -5.42 5.75 0.64
CA PHE A 88 -5.67 4.32 1.03
C PHE A 88 -5.99 4.27 2.54
N HIS A 89 -6.90 3.42 2.92
CA HIS A 89 -7.30 3.32 4.36
C HIS A 89 -6.74 2.04 5.00
N VAL A 90 -6.53 2.05 6.30
CA VAL A 90 -6.01 0.82 6.99
C VAL A 90 -7.12 0.16 7.80
N ASP A 91 -6.99 -1.11 8.09
CA ASP A 91 -8.05 -1.82 8.88
C ASP A 91 -8.00 -1.42 10.36
N SER A 92 -6.88 -0.97 10.85
CA SER A 92 -6.80 -0.58 12.30
C SER A 92 -5.84 0.61 12.50
N PRO A 93 -5.99 1.28 13.62
CA PRO A 93 -5.10 2.42 13.94
C PRO A 93 -3.68 1.90 14.20
N ASP A 94 -3.56 0.76 14.85
CA ASP A 94 -2.22 0.17 15.10
C ASP A 94 -1.56 -0.14 13.76
N GLU A 95 -2.35 -0.56 12.78
CA GLU A 95 -1.79 -0.87 11.44
C GLU A 95 -1.24 0.43 10.82
N ARG A 96 -1.99 1.50 10.91
CA ARG A 96 -1.52 2.81 10.34
C ARG A 96 -0.16 3.18 10.93
N GLU A 97 0.03 2.95 12.20
CA GLU A 97 1.36 3.27 12.84
C GLU A 97 2.44 2.33 12.28
N GLU A 98 2.10 1.08 12.05
CA GLU A 98 3.11 0.13 11.50
C GLU A 98 3.45 0.51 10.06
N TRP A 99 2.49 0.98 9.30
CA TRP A 99 2.77 1.38 7.88
C TRP A 99 3.78 2.53 7.87
N MET A 100 3.58 3.52 8.73
CA MET A 100 4.53 4.67 8.79
C MET A 100 5.93 4.15 9.10
N ARG A 101 6.06 3.32 10.12
CA ARG A 101 7.39 2.75 10.48
C ARG A 101 7.90 1.85 9.34
N ALA A 102 7.02 1.10 8.72
CA ALA A 102 7.44 0.21 7.61
C ALA A 102 7.91 1.04 6.41
N ILE A 103 7.20 2.09 6.08
CA ILE A 103 7.60 2.96 4.93
C ILE A 103 9.03 3.50 5.15
N GLN A 104 9.34 3.92 6.35
CA GLN A 104 10.72 4.43 6.64
C GLN A 104 11.74 3.29 6.52
N MET A 105 11.39 2.12 7.00
CA MET A 105 12.34 0.96 6.92
C MET A 105 12.60 0.61 5.44
N VAL A 106 11.58 0.67 4.62
CA VAL A 106 11.76 0.37 3.16
C VAL A 106 12.69 1.41 2.53
N ALA A 107 12.51 2.66 2.87
CA ALA A 107 13.39 3.74 2.31
C ALA A 107 14.85 3.51 2.70
N ASN A 108 15.09 2.93 3.86
CA ASN A 108 16.50 2.66 4.30
C ASN A 108 17.20 1.78 3.27
N SER A 109 16.54 0.74 2.80
CA SER A 109 17.16 -0.14 1.76
C SER A 109 16.91 0.45 0.36
N LEU A 110 15.75 1.01 0.16
CA LEU A 110 15.40 1.62 -1.16
C LEU A 110 16.35 2.79 -1.46
N LYS A 111 16.64 3.61 -0.47
CA LYS A 111 17.57 4.78 -0.66
C LYS A 111 16.96 5.78 -1.66
N MET A 1 16.13 -12.75 -11.37
CA MET A 1 16.81 -11.46 -11.02
C MET A 1 15.99 -10.68 -9.99
N ASN A 2 16.55 -9.61 -9.47
CA ASN A 2 15.82 -8.77 -8.45
C ASN A 2 15.56 -9.58 -7.17
N GLU A 3 16.38 -9.41 -6.17
CA GLU A 3 16.18 -10.15 -4.89
C GLU A 3 15.51 -9.26 -3.84
N VAL A 4 14.20 -9.15 -3.89
CA VAL A 4 13.48 -8.30 -2.90
C VAL A 4 12.55 -9.16 -2.05
N SER A 5 12.79 -9.22 -0.77
CA SER A 5 11.91 -10.05 0.13
C SER A 5 10.78 -9.19 0.70
N VAL A 6 9.80 -9.81 1.30
CA VAL A 6 8.66 -9.03 1.88
C VAL A 6 9.00 -8.58 3.31
N ILE A 7 8.68 -7.36 3.65
CA ILE A 7 8.97 -6.85 5.02
C ILE A 7 7.71 -6.90 5.90
N LYS A 8 6.55 -6.60 5.34
CA LYS A 8 5.31 -6.62 6.17
C LYS A 8 4.06 -6.77 5.30
N GLU A 9 3.12 -7.56 5.75
CA GLU A 9 1.85 -7.76 4.96
C GLU A 9 0.65 -7.43 5.86
N GLY A 10 -0.38 -6.86 5.30
CA GLY A 10 -1.59 -6.51 6.13
C GLY A 10 -2.78 -6.19 5.23
N TRP A 11 -3.95 -6.06 5.80
CA TRP A 11 -5.16 -5.74 4.99
C TRP A 11 -5.41 -4.22 4.97
N LEU A 12 -5.70 -3.67 3.83
CA LEU A 12 -5.96 -2.19 3.75
C LEU A 12 -7.28 -1.92 3.01
N HIS A 13 -7.92 -0.82 3.29
CA HIS A 13 -9.20 -0.48 2.61
C HIS A 13 -8.97 0.54 1.50
N LYS A 14 -9.36 0.22 0.28
CA LYS A 14 -9.17 1.18 -0.85
C LYS A 14 -10.52 1.45 -1.54
N ARG A 15 -10.79 2.69 -1.84
CA ARG A 15 -12.08 3.04 -2.52
C ARG A 15 -12.11 2.43 -3.93
N GLY A 16 -13.27 2.04 -4.39
CA GLY A 16 -13.36 1.44 -5.75
C GLY A 16 -12.90 2.45 -6.80
N GLU A 17 -13.72 3.44 -7.10
CA GLU A 17 -13.34 4.47 -8.10
C GLU A 17 -14.32 5.65 -8.03
N TYR A 18 -15.58 5.39 -8.25
CA TYR A 18 -16.60 6.49 -8.19
C TYR A 18 -17.55 6.28 -7.00
N ILE A 19 -17.76 5.05 -6.58
CA ILE A 19 -18.66 4.79 -5.42
C ILE A 19 -18.01 5.28 -4.12
N LYS A 20 -18.80 5.70 -3.16
CA LYS A 20 -18.23 6.20 -1.87
C LYS A 20 -18.06 5.04 -0.87
N THR A 21 -17.32 4.03 -1.25
CA THR A 21 -17.09 2.86 -0.34
C THR A 21 -15.66 2.36 -0.46
N TRP A 22 -15.10 1.84 0.61
CA TRP A 22 -13.70 1.33 0.56
C TRP A 22 -13.70 -0.20 0.71
N ARG A 23 -12.95 -0.89 -0.10
CA ARG A 23 -12.90 -2.39 -0.01
C ARG A 23 -11.57 -2.85 0.59
N PRO A 24 -11.66 -3.82 1.47
CA PRO A 24 -10.44 -4.37 2.14
C PRO A 24 -9.66 -5.27 1.17
N ARG A 25 -8.37 -5.06 1.07
CA ARG A 25 -7.53 -5.89 0.15
C ARG A 25 -6.21 -6.26 0.87
N TYR A 26 -5.73 -7.47 0.69
CA TYR A 26 -4.45 -7.87 1.37
C TYR A 26 -3.25 -7.23 0.66
N PHE A 27 -2.54 -6.38 1.35
CA PHE A 27 -1.35 -5.71 0.74
C PHE A 27 -0.04 -6.35 1.23
N LEU A 28 0.95 -6.40 0.39
CA LEU A 28 2.26 -6.98 0.79
C LEU A 28 3.38 -5.94 0.58
N LEU A 29 4.10 -5.59 1.63
CA LEU A 29 5.20 -4.59 1.47
C LEU A 29 6.53 -5.32 1.34
N LYS A 30 7.34 -4.96 0.38
CA LYS A 30 8.65 -5.64 0.19
C LYS A 30 9.82 -4.70 0.50
N SER A 31 11.03 -5.22 0.42
CA SER A 31 12.25 -4.39 0.69
C SER A 31 12.53 -3.41 -0.46
N ASP A 32 11.74 -3.45 -1.51
CA ASP A 32 11.97 -2.51 -2.66
C ASP A 32 11.34 -1.14 -2.36
N GLY A 33 10.61 -1.03 -1.28
CA GLY A 33 9.96 0.26 -0.94
C GLY A 33 8.62 0.36 -1.66
N SER A 34 7.95 -0.75 -1.84
CA SER A 34 6.63 -0.73 -2.54
C SER A 34 5.75 -1.87 -2.05
N PHE A 35 4.45 -1.68 -2.02
CA PHE A 35 3.54 -2.77 -1.55
C PHE A 35 2.39 -2.93 -2.55
N ILE A 36 2.06 -4.15 -2.89
CA ILE A 36 0.96 -4.39 -3.88
C ILE A 36 -0.29 -4.90 -3.16
N GLY A 37 -1.44 -4.40 -3.56
CA GLY A 37 -2.72 -4.83 -2.93
C GLY A 37 -3.28 -6.05 -3.68
N TYR A 38 -3.72 -7.03 -2.95
CA TYR A 38 -4.29 -8.25 -3.58
C TYR A 38 -5.77 -8.40 -3.21
N LYS A 39 -6.54 -9.05 -4.06
CA LYS A 39 -7.99 -9.24 -3.77
C LYS A 39 -8.17 -10.29 -2.67
N GLU A 40 -7.37 -11.33 -2.69
CA GLU A 40 -7.49 -12.39 -1.65
C GLU A 40 -6.11 -12.70 -1.03
N ARG A 41 -6.11 -13.24 0.15
CA ARG A 41 -4.81 -13.57 0.83
C ARG A 41 -4.19 -14.85 0.24
N PRO A 42 -4.96 -15.92 0.21
CA PRO A 42 -4.45 -17.21 -0.32
C PRO A 42 -4.38 -17.18 -1.86
N GLU A 43 -3.56 -18.02 -2.44
CA GLU A 43 -3.43 -18.07 -3.93
C GLU A 43 -4.52 -18.95 -4.56
N ALA A 44 -5.11 -19.83 -3.78
CA ALA A 44 -6.19 -20.75 -4.31
C ALA A 44 -5.62 -21.74 -5.33
N PRO A 45 -5.89 -22.99 -5.09
CA PRO A 45 -5.40 -24.08 -5.99
C PRO A 45 -6.16 -24.09 -7.33
N ASP A 46 -7.37 -23.59 -7.35
CA ASP A 46 -8.15 -23.57 -8.63
C ASP A 46 -8.66 -22.15 -8.92
N GLN A 47 -7.83 -21.16 -8.72
CA GLN A 47 -8.23 -19.74 -8.99
C GLN A 47 -7.02 -18.83 -8.84
N THR A 48 -6.30 -18.60 -9.90
CA THR A 48 -5.10 -17.70 -9.81
C THR A 48 -5.56 -16.24 -9.68
N LEU A 49 -4.97 -15.50 -8.77
CA LEU A 49 -5.37 -14.07 -8.58
C LEU A 49 -4.16 -13.14 -8.75
N PRO A 50 -4.22 -12.29 -9.74
CA PRO A 50 -3.13 -11.32 -9.99
C PRO A 50 -3.18 -10.16 -8.97
N PRO A 51 -2.20 -9.29 -9.04
CA PRO A 51 -2.15 -8.13 -8.12
C PRO A 51 -3.27 -7.13 -8.47
N LEU A 52 -4.11 -6.81 -7.53
CA LEU A 52 -5.23 -5.85 -7.80
C LEU A 52 -4.75 -4.40 -7.74
N ASN A 53 -3.80 -4.11 -6.88
CA ASN A 53 -3.30 -2.70 -6.76
C ASN A 53 -1.77 -2.67 -6.65
N ASN A 54 -1.15 -1.64 -7.20
CA ASN A 54 0.34 -1.53 -7.11
C ASN A 54 0.72 -0.19 -6.47
N PHE A 55 1.36 -0.22 -5.33
CA PHE A 55 1.77 1.06 -4.65
C PHE A 55 3.27 1.10 -4.44
N SER A 56 3.90 2.20 -4.77
CA SER A 56 5.38 2.31 -4.59
C SER A 56 5.75 3.59 -3.83
N VAL A 57 6.55 3.47 -2.80
CA VAL A 57 6.95 4.68 -2.02
C VAL A 57 8.49 4.86 -2.03
N ALA A 58 9.17 4.21 -2.93
CA ALA A 58 10.66 4.36 -3.01
C ALA A 58 11.01 5.77 -3.50
N GLU A 59 10.44 6.18 -4.61
CA GLU A 59 10.71 7.55 -5.15
C GLU A 59 9.55 8.49 -4.80
N CYS A 60 8.60 8.04 -4.01
CA CYS A 60 7.44 8.90 -3.64
C CYS A 60 7.34 9.00 -2.10
N GLN A 61 6.30 9.63 -1.60
CA GLN A 61 6.15 9.77 -0.12
C GLN A 61 4.70 9.53 0.30
N LEU A 62 4.48 9.09 1.52
CA LEU A 62 3.10 8.83 2.01
C LEU A 62 2.70 9.90 3.03
N MET A 63 1.43 10.17 3.17
CA MET A 63 0.96 11.21 4.14
C MET A 63 -0.18 10.64 4.99
N LYS A 64 -0.08 10.75 6.29
CA LYS A 64 -1.16 10.21 7.17
C LYS A 64 -2.31 11.22 7.26
N THR A 65 -3.54 10.74 7.27
CA THR A 65 -4.71 11.68 7.35
C THR A 65 -5.94 10.96 7.94
N GLU A 66 -7.03 11.66 8.07
CA GLU A 66 -8.28 11.04 8.64
C GLU A 66 -9.48 11.29 7.72
N ARG A 67 -9.25 11.56 6.45
CA ARG A 67 -10.38 11.79 5.50
C ARG A 67 -10.18 10.96 4.24
N PRO A 68 -11.27 10.45 3.69
CA PRO A 68 -12.63 10.67 4.28
C PRO A 68 -12.83 9.85 5.56
N ARG A 69 -12.08 8.79 5.75
CA ARG A 69 -12.23 7.95 6.98
C ARG A 69 -10.96 8.07 7.84
N PRO A 70 -11.08 7.73 9.10
CA PRO A 70 -9.93 7.80 10.03
C PRO A 70 -8.87 6.75 9.67
N ASN A 71 -7.65 6.94 10.13
CA ASN A 71 -6.53 5.98 9.83
C ASN A 71 -6.38 5.83 8.31
N THR A 72 -6.03 6.90 7.64
CA THR A 72 -5.87 6.85 6.16
C THR A 72 -4.48 7.32 5.72
N PHE A 73 -4.04 6.88 4.57
CA PHE A 73 -2.71 7.29 4.05
C PHE A 73 -2.85 7.83 2.63
N VAL A 74 -2.34 9.02 2.38
CA VAL A 74 -2.44 9.62 1.02
C VAL A 74 -1.05 9.72 0.38
N ILE A 75 -0.89 9.21 -0.82
CA ILE A 75 0.44 9.28 -1.49
C ILE A 75 0.35 10.15 -2.74
N ARG A 76 1.00 11.30 -2.73
CA ARG A 76 0.95 12.21 -3.92
C ARG A 76 1.98 11.76 -4.97
N CYS A 77 3.09 11.22 -4.54
CA CYS A 77 4.16 10.74 -5.48
C CYS A 77 4.84 11.92 -6.19
N LEU A 78 4.13 12.65 -7.02
CA LEU A 78 4.76 13.80 -7.73
C LEU A 78 3.99 15.10 -7.45
N GLN A 79 2.84 15.28 -8.05
CA GLN A 79 2.04 16.52 -7.82
C GLN A 79 0.54 16.25 -8.01
N TRP A 80 -0.19 17.17 -8.61
CA TRP A 80 -1.65 16.94 -8.83
C TRP A 80 -1.85 16.01 -10.03
N THR A 81 -2.52 14.90 -9.83
CA THR A 81 -2.77 13.94 -10.95
C THR A 81 -4.27 13.78 -11.21
N THR A 82 -4.65 12.79 -11.98
CA THR A 82 -6.10 12.57 -12.27
C THR A 82 -6.82 11.99 -11.05
N VAL A 83 -8.03 11.51 -11.21
CA VAL A 83 -8.77 10.91 -10.05
C VAL A 83 -8.33 9.47 -9.84
N ILE A 84 -7.07 9.25 -9.53
CA ILE A 84 -6.55 7.87 -9.32
C ILE A 84 -6.64 7.48 -7.83
N GLU A 85 -6.32 6.25 -7.50
CA GLU A 85 -6.39 5.81 -6.07
C GLU A 85 -5.12 6.26 -5.30
N ARG A 86 -5.02 7.54 -5.03
CA ARG A 86 -3.83 8.07 -4.29
C ARG A 86 -4.03 7.95 -2.77
N THR A 87 -5.25 7.75 -2.31
CA THR A 87 -5.49 7.63 -0.85
C THR A 87 -5.92 6.20 -0.49
N PHE A 88 -5.27 5.61 0.48
CA PHE A 88 -5.64 4.23 0.90
C PHE A 88 -5.84 4.20 2.43
N HIS A 89 -6.81 3.45 2.89
CA HIS A 89 -7.09 3.39 4.36
C HIS A 89 -6.57 2.08 4.96
N VAL A 90 -6.35 2.06 6.25
CA VAL A 90 -5.86 0.80 6.90
C VAL A 90 -7.00 0.17 7.72
N ASP A 91 -6.96 -1.11 7.94
CA ASP A 91 -8.05 -1.77 8.73
C ASP A 91 -7.91 -1.45 10.22
N SER A 92 -6.74 -1.05 10.67
CA SER A 92 -6.55 -0.74 12.12
C SER A 92 -5.61 0.47 12.29
N PRO A 93 -5.78 1.18 13.39
CA PRO A 93 -4.91 2.35 13.68
C PRO A 93 -3.48 1.89 13.92
N ASP A 94 -3.30 0.77 14.59
CA ASP A 94 -1.93 0.24 14.83
C ASP A 94 -1.29 -0.11 13.49
N GLU A 95 -2.07 -0.61 12.55
CA GLU A 95 -1.53 -0.95 11.21
C GLU A 95 -0.99 0.32 10.54
N ARG A 96 -1.76 1.39 10.56
CA ARG A 96 -1.30 2.68 9.96
C ARG A 96 0.05 3.08 10.56
N GLU A 97 0.23 2.86 11.84
CA GLU A 97 1.53 3.22 12.49
C GLU A 97 2.64 2.28 12.00
N GLU A 98 2.34 1.01 11.81
CA GLU A 98 3.37 0.05 11.32
C GLU A 98 3.75 0.37 9.87
N TRP A 99 2.77 0.68 9.03
CA TRP A 99 3.09 1.02 7.61
C TRP A 99 4.00 2.24 7.55
N MET A 100 3.72 3.25 8.35
CA MET A 100 4.58 4.48 8.36
C MET A 100 6.02 4.11 8.74
N ARG A 101 6.19 3.35 9.80
CA ARG A 101 7.57 2.94 10.22
C ARG A 101 8.19 2.04 9.14
N ALA A 102 7.41 1.19 8.53
CA ALA A 102 7.95 0.29 7.47
C ALA A 102 8.37 1.11 6.24
N ILE A 103 7.57 2.08 5.87
CA ILE A 103 7.93 2.95 4.70
C ILE A 103 9.27 3.63 4.96
N GLN A 104 9.44 4.21 6.13
CA GLN A 104 10.73 4.89 6.46
C GLN A 104 11.87 3.87 6.57
N MET A 105 11.64 2.76 7.23
CA MET A 105 12.72 1.73 7.38
C MET A 105 13.19 1.25 6.00
N VAL A 106 12.28 0.93 5.12
CA VAL A 106 12.70 0.47 3.76
C VAL A 106 13.28 1.65 2.97
N ALA A 107 12.62 2.79 3.01
CA ALA A 107 13.14 3.99 2.27
C ALA A 107 14.55 4.34 2.74
N ASN A 108 14.85 4.13 4.00
CA ASN A 108 16.22 4.45 4.51
C ASN A 108 17.27 3.57 3.83
N SER A 109 16.87 2.43 3.30
CA SER A 109 17.86 1.53 2.63
C SER A 109 17.98 1.85 1.13
N LEU A 110 16.88 2.15 0.47
CA LEU A 110 16.97 2.45 -1.00
C LEU A 110 16.55 3.90 -1.31
N LYS A 111 16.66 4.80 -0.33
CA LYS A 111 16.28 6.23 -0.56
C LYS A 111 14.87 6.33 -1.17
N MET A 1 23.20 -10.46 -4.44
CA MET A 1 23.01 -9.15 -5.13
C MET A 1 21.52 -8.80 -5.21
N ASN A 2 20.71 -9.70 -5.71
CA ASN A 2 19.24 -9.43 -5.81
C ASN A 2 18.45 -10.38 -4.90
N GLU A 3 17.91 -9.86 -3.82
CA GLU A 3 17.13 -10.73 -2.89
C GLU A 3 16.16 -9.88 -2.05
N VAL A 4 15.22 -9.23 -2.70
CA VAL A 4 14.24 -8.38 -1.94
C VAL A 4 13.21 -9.25 -1.22
N SER A 5 12.93 -8.94 0.03
CA SER A 5 11.94 -9.74 0.81
C SER A 5 10.74 -8.86 1.18
N VAL A 6 9.74 -9.42 1.82
CA VAL A 6 8.56 -8.60 2.22
C VAL A 6 8.81 -7.95 3.58
N ILE A 7 8.71 -6.65 3.66
CA ILE A 7 8.94 -5.95 4.95
C ILE A 7 7.67 -6.05 5.83
N LYS A 8 6.52 -5.79 5.27
CA LYS A 8 5.26 -5.87 6.07
C LYS A 8 4.07 -6.24 5.18
N GLU A 9 3.21 -7.10 5.65
CA GLU A 9 2.02 -7.51 4.85
C GLU A 9 0.77 -7.46 5.73
N GLY A 10 -0.31 -6.90 5.23
CA GLY A 10 -1.55 -6.79 6.05
C GLY A 10 -2.73 -6.35 5.17
N TRP A 11 -3.92 -6.40 5.69
CA TRP A 11 -5.12 -5.99 4.89
C TRP A 11 -5.29 -4.46 4.93
N LEU A 12 -5.64 -3.86 3.82
CA LEU A 12 -5.84 -2.38 3.77
C LEU A 12 -7.17 -2.05 3.10
N HIS A 13 -7.72 -0.89 3.37
CA HIS A 13 -9.02 -0.51 2.74
C HIS A 13 -8.78 0.38 1.51
N LYS A 14 -9.25 -0.05 0.36
CA LYS A 14 -9.08 0.76 -0.88
C LYS A 14 -10.45 1.28 -1.35
N ARG A 15 -10.51 2.49 -1.84
CA ARG A 15 -11.80 3.05 -2.31
C ARG A 15 -12.07 2.66 -3.76
N GLY A 16 -13.30 2.37 -4.10
CA GLY A 16 -13.64 1.97 -5.50
C GLY A 16 -13.62 3.20 -6.42
N GLU A 17 -13.90 2.99 -7.68
CA GLU A 17 -13.91 4.13 -8.65
C GLU A 17 -15.31 4.74 -8.76
N TYR A 18 -16.33 3.92 -8.68
CA TYR A 18 -17.74 4.44 -8.80
C TYR A 18 -18.61 3.95 -7.63
N ILE A 19 -18.02 3.46 -6.57
CA ILE A 19 -18.85 2.98 -5.41
C ILE A 19 -18.70 3.91 -4.19
N LYS A 20 -17.66 4.71 -4.14
CA LYS A 20 -17.45 5.62 -2.97
C LYS A 20 -17.40 4.82 -1.66
N THR A 21 -16.79 3.66 -1.69
CA THR A 21 -16.69 2.81 -0.47
C THR A 21 -15.29 2.21 -0.36
N TRP A 22 -14.81 2.00 0.86
CA TRP A 22 -13.45 1.43 1.03
C TRP A 22 -13.55 -0.09 1.30
N ARG A 23 -12.97 -0.88 0.44
CA ARG A 23 -13.03 -2.37 0.63
C ARG A 23 -11.67 -2.90 1.10
N PRO A 24 -11.71 -3.82 2.03
CA PRO A 24 -10.47 -4.40 2.59
C PRO A 24 -9.78 -5.32 1.57
N ARG A 25 -8.50 -5.14 1.39
CA ARG A 25 -7.72 -5.98 0.42
C ARG A 25 -6.38 -6.36 1.04
N TYR A 26 -5.90 -7.55 0.77
CA TYR A 26 -4.60 -7.98 1.36
C TYR A 26 -3.44 -7.26 0.66
N PHE A 27 -2.72 -6.43 1.38
CA PHE A 27 -1.59 -5.68 0.76
C PHE A 27 -0.24 -6.18 1.29
N LEU A 28 0.79 -6.09 0.50
CA LEU A 28 2.15 -6.55 0.94
C LEU A 28 3.23 -5.54 0.53
N LEU A 29 4.09 -5.20 1.44
CA LEU A 29 5.19 -4.22 1.14
C LEU A 29 6.53 -4.96 1.10
N LYS A 30 7.35 -4.72 0.11
CA LYS A 30 8.66 -5.43 0.03
C LYS A 30 9.84 -4.50 0.36
N SER A 31 11.00 -5.07 0.64
CA SER A 31 12.20 -4.25 1.00
C SER A 31 12.71 -3.41 -0.18
N ASP A 32 12.17 -3.60 -1.37
CA ASP A 32 12.65 -2.80 -2.54
C ASP A 32 11.88 -1.46 -2.62
N GLY A 33 10.81 -1.34 -1.88
CA GLY A 33 10.02 -0.07 -1.92
C GLY A 33 8.81 -0.26 -2.83
N SER A 34 8.18 -1.41 -2.79
CA SER A 34 6.99 -1.65 -3.65
C SER A 34 5.81 -2.17 -2.81
N PHE A 35 4.63 -1.66 -3.06
CA PHE A 35 3.45 -2.12 -2.28
C PHE A 35 2.47 -2.84 -3.22
N ILE A 36 2.18 -4.08 -2.95
CA ILE A 36 1.22 -4.83 -3.84
C ILE A 36 -0.12 -5.02 -3.12
N GLY A 37 -1.21 -4.93 -3.84
CA GLY A 37 -2.55 -5.09 -3.21
C GLY A 37 -3.29 -6.27 -3.84
N TYR A 38 -3.83 -7.14 -3.03
CA TYR A 38 -4.57 -8.33 -3.57
C TYR A 38 -6.03 -8.27 -3.11
N LYS A 39 -6.97 -8.48 -4.01
CA LYS A 39 -8.42 -8.46 -3.61
C LYS A 39 -8.70 -9.61 -2.61
N GLU A 40 -7.98 -10.70 -2.74
CA GLU A 40 -8.18 -11.85 -1.81
C GLU A 40 -6.83 -12.19 -1.16
N ARG A 41 -6.71 -13.36 -0.57
CA ARG A 41 -5.41 -13.74 0.07
C ARG A 41 -4.88 -15.05 -0.55
N PRO A 42 -4.51 -14.98 -1.80
CA PRO A 42 -3.97 -16.16 -2.51
C PRO A 42 -2.53 -16.43 -2.08
N GLU A 43 -2.12 -17.68 -2.04
CA GLU A 43 -0.72 -18.01 -1.63
C GLU A 43 -0.03 -18.87 -2.70
N ALA A 44 -0.77 -19.73 -3.36
CA ALA A 44 -0.17 -20.62 -4.43
C ALA A 44 0.77 -21.66 -3.80
N PRO A 45 1.11 -22.67 -4.58
CA PRO A 45 2.02 -23.74 -4.11
C PRO A 45 3.46 -23.22 -4.03
N ASP A 46 3.92 -22.53 -5.04
CA ASP A 46 5.32 -21.98 -5.03
C ASP A 46 5.28 -20.46 -5.10
N GLN A 47 4.94 -19.90 -6.24
CA GLN A 47 4.88 -18.41 -6.37
C GLN A 47 4.18 -18.02 -7.69
N THR A 48 3.08 -18.68 -8.00
CA THR A 48 2.34 -18.35 -9.26
C THR A 48 1.11 -17.50 -8.93
N LEU A 49 1.32 -16.39 -8.28
CA LEU A 49 0.19 -15.50 -7.89
C LEU A 49 0.10 -14.30 -8.86
N PRO A 50 -1.06 -14.13 -9.45
CA PRO A 50 -1.27 -13.01 -10.39
C PRO A 50 -1.39 -11.67 -9.63
N PRO A 51 -0.61 -10.71 -10.05
CA PRO A 51 -0.62 -9.38 -9.38
C PRO A 51 -1.87 -8.58 -9.76
N LEU A 52 -2.55 -8.03 -8.78
CA LEU A 52 -3.78 -7.22 -9.06
C LEU A 52 -3.46 -5.73 -8.88
N ASN A 53 -3.08 -5.33 -7.70
CA ASN A 53 -2.75 -3.89 -7.45
C ASN A 53 -1.24 -3.73 -7.27
N ASN A 54 -0.63 -2.85 -8.01
CA ASN A 54 0.85 -2.65 -7.88
C ASN A 54 1.17 -1.19 -7.54
N PHE A 55 1.99 -0.97 -6.55
CA PHE A 55 2.36 0.43 -6.17
C PHE A 55 3.87 0.55 -5.94
N SER A 56 4.43 1.71 -6.17
CA SER A 56 5.89 1.91 -5.98
C SER A 56 6.14 3.07 -4.99
N VAL A 57 6.86 2.81 -3.92
CA VAL A 57 7.14 3.91 -2.94
C VAL A 57 8.61 4.36 -3.04
N ALA A 58 9.26 4.08 -4.14
CA ALA A 58 10.69 4.52 -4.31
C ALA A 58 10.74 6.04 -4.53
N GLU A 59 11.33 6.75 -3.60
CA GLU A 59 11.43 8.24 -3.72
C GLU A 59 10.02 8.86 -3.86
N CYS A 60 9.16 8.61 -2.90
CA CYS A 60 7.78 9.15 -2.96
C CYS A 60 7.41 9.84 -1.64
N GLN A 61 6.47 10.75 -1.66
CA GLN A 61 6.06 11.45 -0.41
C GLN A 61 4.73 10.90 0.10
N LEU A 62 4.65 10.59 1.37
CA LEU A 62 3.37 10.04 1.95
C LEU A 62 3.06 10.69 3.30
N MET A 63 1.81 10.73 3.69
CA MET A 63 1.44 11.34 5.00
C MET A 63 0.11 10.76 5.52
N LYS A 64 -0.05 10.71 6.82
CA LYS A 64 -1.33 10.17 7.38
C LYS A 64 -2.36 11.29 7.47
N THR A 65 -3.61 11.00 7.24
CA THR A 65 -4.67 12.05 7.28
C THR A 65 -5.95 11.52 7.94
N GLU A 66 -6.96 12.35 8.04
CA GLU A 66 -8.25 11.91 8.66
C GLU A 66 -9.42 12.06 7.67
N ARG A 67 -9.13 12.16 6.39
CA ARG A 67 -10.23 12.30 5.39
C ARG A 67 -9.97 11.36 4.20
N PRO A 68 -11.02 10.81 3.65
CA PRO A 68 -12.41 11.07 4.15
C PRO A 68 -12.66 10.40 5.52
N ARG A 69 -11.88 9.40 5.89
CA ARG A 69 -12.09 8.74 7.21
C ARG A 69 -10.83 8.90 8.08
N PRO A 70 -11.00 8.70 9.36
CA PRO A 70 -9.86 8.83 10.31
C PRO A 70 -8.83 7.72 10.09
N ASN A 71 -7.59 7.95 10.46
CA ASN A 71 -6.52 6.92 10.27
C ASN A 71 -6.40 6.54 8.79
N THR A 72 -6.05 7.49 7.96
CA THR A 72 -5.92 7.22 6.50
C THR A 72 -4.51 7.58 6.01
N PHE A 73 -4.10 7.04 4.89
CA PHE A 73 -2.73 7.36 4.36
C PHE A 73 -2.83 7.98 2.96
N VAL A 74 -2.18 9.11 2.76
CA VAL A 74 -2.21 9.77 1.43
C VAL A 74 -0.79 9.84 0.86
N ILE A 75 -0.65 9.66 -0.42
CA ILE A 75 0.71 9.71 -1.05
C ILE A 75 0.70 10.57 -2.31
N ARG A 76 1.74 11.34 -2.54
CA ARG A 76 1.79 12.21 -3.76
C ARG A 76 2.91 11.74 -4.69
N CYS A 77 2.64 10.75 -5.50
CA CYS A 77 3.68 10.24 -6.45
C CYS A 77 3.36 10.65 -7.88
N LEU A 78 4.36 10.98 -8.66
CA LEU A 78 4.15 11.40 -10.09
C LEU A 78 3.25 12.64 -10.17
N GLN A 79 2.87 13.03 -11.36
CA GLN A 79 2.00 14.23 -11.53
C GLN A 79 0.82 13.91 -12.46
N TRP A 80 0.14 14.92 -12.96
CA TRP A 80 -1.02 14.69 -13.87
C TRP A 80 -2.07 13.81 -13.16
N THR A 81 -2.68 14.33 -12.11
CA THR A 81 -3.71 13.55 -11.36
C THR A 81 -5.05 13.57 -12.11
N THR A 82 -5.26 12.65 -13.00
CA THR A 82 -6.53 12.60 -13.77
C THR A 82 -7.58 11.75 -13.02
N VAL A 83 -7.15 10.67 -12.40
CA VAL A 83 -8.11 9.79 -11.65
C VAL A 83 -7.88 9.95 -10.12
N ILE A 84 -8.47 9.08 -9.34
CA ILE A 84 -8.30 9.17 -7.86
C ILE A 84 -7.75 7.85 -7.30
N GLU A 85 -6.49 7.80 -6.96
CA GLU A 85 -5.89 6.55 -6.41
C GLU A 85 -4.62 6.85 -5.59
N ARG A 86 -4.62 7.92 -4.83
CA ARG A 86 -3.40 8.25 -4.01
C ARG A 86 -3.73 8.26 -2.50
N THR A 87 -4.87 7.72 -2.11
CA THR A 87 -5.25 7.68 -0.67
C THR A 87 -5.74 6.28 -0.29
N PHE A 88 -5.19 5.70 0.75
CA PHE A 88 -5.65 4.35 1.17
C PHE A 88 -5.95 4.34 2.68
N HIS A 89 -6.93 3.57 3.09
CA HIS A 89 -7.31 3.53 4.52
C HIS A 89 -6.82 2.23 5.18
N VAL A 90 -6.61 2.25 6.48
CA VAL A 90 -6.15 1.02 7.19
C VAL A 90 -7.30 0.41 8.00
N ASP A 91 -7.20 -0.83 8.37
CA ASP A 91 -8.30 -1.46 9.17
C ASP A 91 -8.25 -0.99 10.63
N SER A 92 -7.09 -0.69 11.14
CA SER A 92 -6.98 -0.22 12.55
C SER A 92 -5.97 0.94 12.66
N PRO A 93 -6.07 1.69 13.73
CA PRO A 93 -5.14 2.83 13.95
C PRO A 93 -3.73 2.28 14.18
N ASP A 94 -3.62 1.21 14.94
CA ASP A 94 -2.29 0.59 15.18
C ASP A 94 -1.72 0.07 13.85
N GLU A 95 -2.58 -0.40 12.98
CA GLU A 95 -2.11 -0.90 11.65
C GLU A 95 -1.50 0.27 10.86
N ARG A 96 -2.18 1.39 10.84
CA ARG A 96 -1.66 2.59 10.12
C ARG A 96 -0.26 2.95 10.64
N GLU A 97 -0.08 2.94 11.94
CA GLU A 97 1.28 3.25 12.50
C GLU A 97 2.31 2.24 12.01
N GLU A 98 1.95 0.97 12.00
CA GLU A 98 2.90 -0.09 11.52
C GLU A 98 3.27 0.15 10.06
N TRP A 99 2.32 0.52 9.24
CA TRP A 99 2.61 0.79 7.80
C TRP A 99 3.64 1.92 7.68
N MET A 100 3.46 2.97 8.43
CA MET A 100 4.43 4.11 8.37
C MET A 100 5.84 3.63 8.74
N ARG A 101 5.95 2.81 9.75
CA ARG A 101 7.30 2.28 10.15
C ARG A 101 7.92 1.47 9.01
N ALA A 102 7.13 0.67 8.34
CA ALA A 102 7.68 -0.16 7.21
C ALA A 102 8.14 0.75 6.06
N ILE A 103 7.35 1.74 5.72
CA ILE A 103 7.73 2.68 4.62
C ILE A 103 9.02 3.43 4.99
N GLN A 104 9.17 3.82 6.23
CA GLN A 104 10.40 4.55 6.65
C GLN A 104 11.62 3.62 6.59
N MET A 105 11.48 2.39 7.03
CA MET A 105 12.64 1.44 6.99
C MET A 105 13.10 1.23 5.55
N VAL A 106 12.18 1.17 4.63
CA VAL A 106 12.56 0.99 3.19
C VAL A 106 13.28 2.24 2.67
N ALA A 107 12.78 3.41 3.02
CA ALA A 107 13.43 4.68 2.56
C ALA A 107 14.86 4.78 3.11
N ASN A 108 15.09 4.29 4.31
CA ASN A 108 16.47 4.35 4.90
C ASN A 108 17.47 3.63 4.00
N SER A 109 17.08 2.52 3.42
CA SER A 109 18.01 1.78 2.52
C SER A 109 17.87 2.28 1.07
N LEU A 110 16.69 2.72 0.71
CA LEU A 110 16.46 3.24 -0.69
C LEU A 110 17.37 4.45 -0.94
N LYS A 111 17.57 5.28 0.06
CA LYS A 111 18.43 6.50 -0.09
C LYS A 111 17.89 7.43 -1.19
N MET A 1 18.78 -8.43 -11.57
CA MET A 1 18.40 -8.43 -10.13
C MET A 1 16.96 -8.93 -9.95
N ASN A 2 16.78 -9.94 -9.13
CA ASN A 2 15.40 -10.48 -8.91
C ASN A 2 15.34 -11.26 -7.58
N GLU A 3 15.87 -10.70 -6.53
CA GLU A 3 15.85 -11.40 -5.20
C GLU A 3 15.22 -10.49 -4.12
N VAL A 4 14.18 -9.77 -4.47
CA VAL A 4 13.53 -8.87 -3.47
C VAL A 4 12.48 -9.65 -2.67
N SER A 5 12.53 -9.57 -1.37
CA SER A 5 11.53 -10.30 -0.52
C SER A 5 10.49 -9.32 0.01
N VAL A 6 9.49 -9.80 0.70
CA VAL A 6 8.44 -8.87 1.24
C VAL A 6 8.90 -8.27 2.58
N ILE A 7 8.71 -6.99 2.76
CA ILE A 7 9.11 -6.33 4.03
C ILE A 7 7.96 -6.43 5.04
N LYS A 8 6.77 -6.06 4.63
CA LYS A 8 5.60 -6.13 5.56
C LYS A 8 4.31 -6.36 4.76
N GLU A 9 3.44 -7.21 5.24
CA GLU A 9 2.16 -7.48 4.52
C GLU A 9 0.97 -7.36 5.48
N GLY A 10 -0.13 -6.81 5.01
CA GLY A 10 -1.32 -6.66 5.89
C GLY A 10 -2.55 -6.29 5.03
N TRP A 11 -3.72 -6.34 5.62
CA TRP A 11 -4.95 -5.99 4.83
C TRP A 11 -5.20 -4.48 4.90
N LEU A 12 -5.57 -3.88 3.79
CA LEU A 12 -5.83 -2.41 3.78
C LEU A 12 -7.16 -2.11 3.10
N HIS A 13 -7.81 -1.04 3.46
CA HIS A 13 -9.12 -0.69 2.84
C HIS A 13 -8.93 0.34 1.72
N LYS A 14 -9.35 0.03 0.53
CA LYS A 14 -9.21 0.98 -0.61
C LYS A 14 -10.58 1.26 -1.25
N ARG A 15 -10.87 2.49 -1.56
CA ARG A 15 -12.18 2.85 -2.19
C ARG A 15 -12.31 2.19 -3.56
N GLY A 16 -13.50 1.80 -3.95
CA GLY A 16 -13.69 1.14 -5.28
C GLY A 16 -13.76 2.22 -6.36
N GLU A 17 -14.92 2.40 -6.97
CA GLU A 17 -15.06 3.43 -8.05
C GLU A 17 -16.43 4.13 -7.93
N TYR A 18 -17.49 3.47 -8.34
CA TYR A 18 -18.85 4.09 -8.25
C TYR A 18 -19.62 3.57 -7.04
N ILE A 19 -19.10 2.57 -6.35
CA ILE A 19 -19.81 2.03 -5.14
C ILE A 19 -19.71 3.01 -3.96
N LYS A 20 -18.78 3.94 -4.00
CA LYS A 20 -18.63 4.92 -2.88
C LYS A 20 -18.37 4.21 -1.56
N THR A 21 -17.55 3.18 -1.58
CA THR A 21 -17.24 2.43 -0.32
C THR A 21 -15.80 1.91 -0.36
N TRP A 22 -15.23 1.60 0.79
CA TRP A 22 -13.83 1.12 0.82
C TRP A 22 -13.80 -0.41 0.99
N ARG A 23 -13.11 -1.10 0.12
CA ARG A 23 -13.04 -2.60 0.23
C ARG A 23 -11.66 -3.04 0.74
N PRO A 24 -11.68 -3.96 1.67
CA PRO A 24 -10.41 -4.47 2.26
C PRO A 24 -9.66 -5.37 1.26
N ARG A 25 -8.36 -5.17 1.14
CA ARG A 25 -7.55 -5.98 0.20
C ARG A 25 -6.21 -6.35 0.84
N TYR A 26 -5.69 -7.52 0.55
CA TYR A 26 -4.39 -7.92 1.14
C TYR A 26 -3.26 -7.14 0.46
N PHE A 27 -2.70 -6.17 1.15
CA PHE A 27 -1.60 -5.36 0.56
C PHE A 27 -0.27 -5.72 1.21
N LEU A 28 0.80 -5.73 0.45
CA LEU A 28 2.13 -6.07 1.03
C LEU A 28 3.25 -5.22 0.41
N LEU A 29 4.17 -4.78 1.23
CA LEU A 29 5.30 -3.94 0.72
C LEU A 29 6.54 -4.82 0.54
N LYS A 30 7.19 -4.73 -0.60
CA LYS A 30 8.41 -5.58 -0.85
C LYS A 30 9.69 -4.80 -0.58
N SER A 31 10.82 -5.48 -0.59
CA SER A 31 12.13 -4.80 -0.33
C SER A 31 12.56 -3.94 -1.54
N ASP A 32 11.84 -4.03 -2.64
CA ASP A 32 12.21 -3.21 -3.83
C ASP A 32 11.60 -1.80 -3.72
N GLY A 33 10.72 -1.59 -2.77
CA GLY A 33 10.07 -0.25 -2.62
C GLY A 33 8.76 -0.25 -3.41
N SER A 34 8.05 -1.36 -3.38
CA SER A 34 6.76 -1.44 -4.14
C SER A 34 5.67 -2.05 -3.26
N PHE A 35 4.43 -1.67 -3.50
CA PHE A 35 3.30 -2.20 -2.70
C PHE A 35 2.40 -3.09 -3.57
N ILE A 36 2.20 -4.33 -3.19
CA ILE A 36 1.33 -5.23 -4.01
C ILE A 36 -0.03 -5.38 -3.31
N GLY A 37 -1.10 -5.08 -4.00
CA GLY A 37 -2.46 -5.18 -3.39
C GLY A 37 -3.25 -6.32 -4.04
N TYR A 38 -3.73 -7.24 -3.25
CA TYR A 38 -4.53 -8.38 -3.80
C TYR A 38 -5.97 -8.30 -3.31
N LYS A 39 -6.89 -8.94 -4.00
CA LYS A 39 -8.32 -8.91 -3.58
C LYS A 39 -8.54 -9.92 -2.44
N GLU A 40 -7.98 -11.09 -2.57
CA GLU A 40 -8.16 -12.13 -1.50
C GLU A 40 -6.78 -12.61 -1.02
N ARG A 41 -6.69 -13.82 -0.54
CA ARG A 41 -5.38 -14.34 -0.04
C ARG A 41 -4.93 -15.56 -0.87
N PRO A 42 -4.67 -15.33 -2.14
CA PRO A 42 -4.22 -16.44 -3.04
C PRO A 42 -2.77 -16.82 -2.72
N GLU A 43 -2.41 -18.06 -2.94
CA GLU A 43 -1.01 -18.49 -2.64
C GLU A 43 -0.45 -19.34 -3.79
N ALA A 44 -1.22 -20.27 -4.32
CA ALA A 44 -0.75 -21.13 -5.45
C ALA A 44 0.36 -22.09 -4.98
N PRO A 45 0.70 -23.03 -5.83
CA PRO A 45 1.77 -24.01 -5.51
C PRO A 45 3.16 -23.36 -5.59
N ASP A 46 3.41 -22.61 -6.65
CA ASP A 46 4.75 -21.95 -6.78
C ASP A 46 4.60 -20.42 -6.76
N GLN A 47 4.09 -19.85 -7.84
CA GLN A 47 3.91 -18.36 -7.87
C GLN A 47 3.04 -17.97 -9.09
N THR A 48 1.95 -18.67 -9.30
CA THR A 48 1.06 -18.33 -10.45
C THR A 48 -0.15 -17.52 -9.97
N LEU A 49 0.11 -16.44 -9.29
CA LEU A 49 -0.99 -15.58 -8.77
C LEU A 49 -1.08 -14.28 -9.56
N PRO A 50 -2.29 -13.96 -10.01
CA PRO A 50 -2.51 -12.71 -10.78
C PRO A 50 -2.67 -11.52 -9.82
N PRO A 51 -1.81 -10.53 -9.97
CA PRO A 51 -1.86 -9.32 -9.10
C PRO A 51 -3.10 -8.48 -9.42
N LEU A 52 -3.72 -7.92 -8.41
CA LEU A 52 -4.92 -7.07 -8.63
C LEU A 52 -4.53 -5.60 -8.76
N ASN A 53 -3.79 -5.07 -7.82
CA ASN A 53 -3.36 -3.65 -7.88
C ASN A 53 -1.91 -3.52 -7.42
N ASN A 54 -1.09 -2.83 -8.17
CA ASN A 54 0.35 -2.68 -7.79
C ASN A 54 0.69 -1.21 -7.54
N PHE A 55 1.48 -0.94 -6.53
CA PHE A 55 1.86 0.47 -6.20
C PHE A 55 3.39 0.60 -6.14
N SER A 56 3.91 1.76 -6.41
CA SER A 56 5.40 1.96 -6.36
C SER A 56 5.75 3.09 -5.40
N VAL A 57 6.78 2.91 -4.61
CA VAL A 57 7.19 3.97 -3.63
C VAL A 57 8.72 3.99 -3.46
N ALA A 58 9.44 4.18 -4.54
CA ALA A 58 10.95 4.22 -4.44
C ALA A 58 11.39 5.61 -3.97
N GLU A 59 10.90 6.65 -4.60
CA GLU A 59 11.26 8.03 -4.20
C GLU A 59 9.98 8.85 -3.97
N CYS A 60 9.11 8.36 -3.11
CA CYS A 60 7.83 9.07 -2.83
C CYS A 60 7.71 9.44 -1.35
N GLN A 61 6.56 9.90 -0.92
CA GLN A 61 6.38 10.28 0.51
C GLN A 61 4.97 9.88 0.99
N LEU A 62 4.86 9.36 2.19
CA LEU A 62 3.53 8.96 2.73
C LEU A 62 3.08 9.94 3.81
N MET A 63 1.80 10.21 3.88
CA MET A 63 1.29 11.17 4.91
C MET A 63 0.03 10.62 5.58
N LYS A 64 -0.02 10.66 6.89
CA LYS A 64 -1.24 10.14 7.60
C LYS A 64 -2.32 11.24 7.63
N THR A 65 -3.55 10.89 7.34
CA THR A 65 -4.65 11.90 7.33
C THR A 65 -5.96 11.30 7.84
N GLU A 66 -7.01 12.08 7.87
CA GLU A 66 -8.33 11.59 8.34
C GLU A 66 -9.41 11.88 7.28
N ARG A 67 -9.06 11.82 6.02
CA ARG A 67 -10.07 12.10 4.95
C ARG A 67 -9.98 11.01 3.86
N PRO A 68 -11.12 10.54 3.42
CA PRO A 68 -12.44 11.02 3.95
C PRO A 68 -12.69 10.49 5.37
N ARG A 69 -11.98 9.48 5.81
CA ARG A 69 -12.19 8.94 7.18
C ARG A 69 -10.88 9.04 7.99
N PRO A 70 -11.00 8.97 9.30
CA PRO A 70 -9.81 9.05 10.19
C PRO A 70 -8.89 7.84 9.99
N ASN A 71 -7.65 7.95 10.41
CA ASN A 71 -6.67 6.82 10.26
C ASN A 71 -6.52 6.43 8.78
N THR A 72 -6.04 7.34 7.97
CA THR A 72 -5.88 7.04 6.51
C THR A 72 -4.47 7.40 6.05
N PHE A 73 -4.01 6.83 4.96
CA PHE A 73 -2.65 7.13 4.45
C PHE A 73 -2.72 7.73 3.04
N VAL A 74 -2.04 8.83 2.82
CA VAL A 74 -2.05 9.47 1.46
C VAL A 74 -0.62 9.63 0.95
N ILE A 75 -0.37 9.21 -0.26
CA ILE A 75 1.00 9.34 -0.85
C ILE A 75 0.97 10.33 -2.04
N ARG A 76 1.82 11.32 -2.00
CA ARG A 76 1.85 12.33 -3.11
C ARG A 76 2.70 11.82 -4.27
N CYS A 77 3.86 11.26 -3.97
CA CYS A 77 4.77 10.73 -5.05
C CYS A 77 5.18 11.86 -6.01
N LEU A 78 5.94 11.53 -7.03
CA LEU A 78 6.37 12.58 -8.01
C LEU A 78 5.57 12.44 -9.30
N GLN A 79 5.05 13.54 -9.81
CA GLN A 79 4.24 13.50 -11.08
C GLN A 79 3.02 12.60 -10.91
N TRP A 80 2.33 12.30 -11.99
CA TRP A 80 1.10 11.43 -11.92
C TRP A 80 0.11 11.99 -10.89
N THR A 81 -0.60 13.03 -11.24
CA THR A 81 -1.59 13.62 -10.28
C THR A 81 -2.93 12.88 -10.39
N THR A 82 -2.96 11.62 -10.06
CA THR A 82 -4.23 10.84 -10.13
C THR A 82 -5.14 11.21 -8.95
N VAL A 83 -6.44 11.15 -9.14
CA VAL A 83 -7.37 11.50 -8.03
C VAL A 83 -7.64 10.27 -7.15
N ILE A 84 -7.91 9.13 -7.74
CA ILE A 84 -8.18 7.91 -6.94
C ILE A 84 -7.00 6.93 -7.03
N GLU A 85 -5.81 7.39 -6.72
CA GLU A 85 -4.62 6.49 -6.78
C GLU A 85 -3.52 6.96 -5.80
N ARG A 86 -3.88 7.68 -4.77
CA ARG A 86 -2.85 8.16 -3.80
C ARG A 86 -3.36 8.13 -2.34
N THR A 87 -4.50 7.52 -2.08
CA THR A 87 -5.03 7.48 -0.68
C THR A 87 -5.55 6.07 -0.35
N PHE A 88 -5.23 5.58 0.82
CA PHE A 88 -5.72 4.23 1.23
C PHE A 88 -6.00 4.20 2.74
N HIS A 89 -6.97 3.41 3.16
CA HIS A 89 -7.31 3.35 4.61
C HIS A 89 -6.79 2.05 5.24
N VAL A 90 -6.54 2.05 6.52
CA VAL A 90 -6.03 0.81 7.19
C VAL A 90 -7.17 0.17 8.00
N ASP A 91 -7.08 -1.11 8.27
CA ASP A 91 -8.16 -1.79 9.04
C ASP A 91 -8.09 -1.39 10.53
N SER A 92 -6.96 -0.92 10.99
CA SER A 92 -6.84 -0.51 12.42
C SER A 92 -6.07 0.82 12.53
N PRO A 93 -6.40 1.59 13.53
CA PRO A 93 -5.71 2.89 13.74
C PRO A 93 -4.26 2.65 14.17
N ASP A 94 -4.01 1.53 14.83
CA ASP A 94 -2.61 1.21 15.26
C ASP A 94 -1.80 0.75 14.05
N GLU A 95 -2.40 -0.03 13.18
CA GLU A 95 -1.66 -0.52 11.98
C GLU A 95 -1.21 0.67 11.11
N ARG A 96 -2.01 1.71 11.02
CA ARG A 96 -1.61 2.90 10.19
C ARG A 96 -0.26 3.43 10.67
N GLU A 97 -0.11 3.61 11.96
CA GLU A 97 1.21 4.11 12.48
C GLU A 97 2.30 3.06 12.20
N GLU A 98 1.96 1.79 12.31
CA GLU A 98 2.94 0.71 12.02
C GLU A 98 3.35 0.77 10.53
N TRP A 99 2.41 1.02 9.66
CA TRP A 99 2.74 1.12 8.19
C TRP A 99 3.76 2.23 7.97
N MET A 100 3.59 3.35 8.64
CA MET A 100 4.56 4.48 8.48
C MET A 100 5.96 4.03 8.88
N ARG A 101 6.09 3.36 10.01
CA ARG A 101 7.42 2.87 10.46
C ARG A 101 8.06 1.98 9.39
N ALA A 102 7.28 1.10 8.78
CA ALA A 102 7.84 0.21 7.70
C ALA A 102 8.31 1.05 6.52
N ILE A 103 7.55 2.06 6.15
CA ILE A 103 7.96 2.93 5.01
C ILE A 103 9.28 3.63 5.33
N GLN A 104 9.44 4.07 6.56
CA GLN A 104 10.71 4.75 6.97
C GLN A 104 11.88 3.77 6.83
N MET A 105 11.70 2.54 7.26
CA MET A 105 12.80 1.53 7.15
C MET A 105 13.16 1.30 5.67
N VAL A 106 12.17 1.18 4.83
CA VAL A 106 12.43 0.95 3.37
C VAL A 106 13.18 2.15 2.79
N ALA A 107 12.82 3.35 3.16
CA ALA A 107 13.52 4.56 2.65
C ALA A 107 15.00 4.55 3.09
N ASN A 108 15.27 4.09 4.30
CA ASN A 108 16.68 4.04 4.78
C ASN A 108 17.51 3.11 3.88
N SER A 109 16.96 1.98 3.52
CA SER A 109 17.70 1.02 2.63
C SER A 109 17.67 1.51 1.18
N LEU A 110 16.61 2.17 0.78
CA LEU A 110 16.51 2.69 -0.63
C LEU A 110 17.62 3.73 -0.89
N LYS A 111 18.06 4.42 0.13
CA LYS A 111 19.14 5.46 -0.03
C LYS A 111 18.67 6.57 -0.99
N MET A 1 14.63 -12.96 -12.98
CA MET A 1 14.93 -13.27 -11.54
C MET A 1 14.47 -12.12 -10.63
N ASN A 2 14.41 -12.35 -9.34
CA ASN A 2 13.98 -11.28 -8.39
C ASN A 2 14.69 -11.44 -7.05
N GLU A 3 14.94 -10.35 -6.35
CA GLU A 3 15.63 -10.44 -5.03
C GLU A 3 15.07 -9.39 -4.05
N VAL A 4 13.80 -9.10 -4.15
CA VAL A 4 13.19 -8.09 -3.21
C VAL A 4 12.40 -8.82 -2.12
N SER A 5 12.77 -8.63 -0.88
CA SER A 5 12.05 -9.30 0.24
C SER A 5 10.79 -8.51 0.62
N VAL A 6 10.07 -8.95 1.62
CA VAL A 6 8.84 -8.23 2.05
C VAL A 6 9.09 -7.50 3.38
N ILE A 7 8.59 -6.30 3.52
CA ILE A 7 8.80 -5.53 4.78
C ILE A 7 7.53 -5.54 5.66
N LYS A 8 6.36 -5.50 5.06
CA LYS A 8 5.12 -5.50 5.89
C LYS A 8 3.94 -6.14 5.15
N GLU A 9 3.13 -6.89 5.85
CA GLU A 9 1.95 -7.55 5.22
C GLU A 9 0.69 -7.29 6.06
N GLY A 10 -0.37 -6.81 5.46
CA GLY A 10 -1.61 -6.54 6.25
C GLY A 10 -2.78 -6.21 5.32
N TRP A 11 -3.96 -6.09 5.87
CA TRP A 11 -5.16 -5.76 5.03
C TRP A 11 -5.42 -4.26 5.05
N LEU A 12 -5.57 -3.66 3.90
CA LEU A 12 -5.82 -2.18 3.85
C LEU A 12 -7.10 -1.88 3.05
N HIS A 13 -7.81 -0.85 3.41
CA HIS A 13 -9.06 -0.49 2.66
C HIS A 13 -8.72 0.45 1.50
N LYS A 14 -9.14 0.10 0.31
CA LYS A 14 -8.84 0.97 -0.88
C LYS A 14 -10.15 1.42 -1.55
N ARG A 15 -10.23 2.67 -1.90
CA ARG A 15 -11.47 3.19 -2.56
C ARG A 15 -11.65 2.53 -3.93
N GLY A 16 -12.76 1.88 -4.15
CA GLY A 16 -13.00 1.21 -5.46
C GLY A 16 -14.50 1.05 -5.70
N GLU A 17 -15.20 2.13 -5.91
CA GLU A 17 -16.68 2.05 -6.15
C GLU A 17 -17.18 3.36 -6.77
N TYR A 18 -18.40 3.38 -7.27
CA TYR A 18 -18.94 4.63 -7.87
C TYR A 18 -19.11 5.73 -6.80
N ILE A 19 -19.24 5.35 -5.55
CA ILE A 19 -19.40 6.37 -4.47
C ILE A 19 -18.14 6.36 -3.57
N LYS A 20 -18.17 7.05 -2.46
CA LYS A 20 -16.98 7.08 -1.55
C LYS A 20 -16.93 5.79 -0.71
N THR A 21 -16.66 4.67 -1.32
CA THR A 21 -16.59 3.39 -0.56
C THR A 21 -15.18 2.78 -0.65
N TRP A 22 -14.76 2.11 0.39
CA TRP A 22 -13.40 1.51 0.39
C TRP A 22 -13.51 -0.01 0.62
N ARG A 23 -12.89 -0.80 -0.23
CA ARG A 23 -12.95 -2.27 -0.06
C ARG A 23 -11.64 -2.78 0.56
N PRO A 24 -11.76 -3.70 1.49
CA PRO A 24 -10.58 -4.27 2.18
C PRO A 24 -9.76 -5.16 1.22
N ARG A 25 -8.48 -4.93 1.13
CA ARG A 25 -7.61 -5.74 0.23
C ARG A 25 -6.31 -6.08 0.94
N TYR A 26 -5.80 -7.27 0.73
CA TYR A 26 -4.52 -7.65 1.41
C TYR A 26 -3.34 -6.93 0.74
N PHE A 27 -2.81 -5.92 1.39
CA PHE A 27 -1.66 -5.18 0.78
C PHE A 27 -0.33 -5.75 1.26
N LEU A 28 0.66 -5.72 0.41
CA LEU A 28 2.00 -6.27 0.77
C LEU A 28 3.11 -5.25 0.49
N LEU A 29 3.90 -4.92 1.47
CA LEU A 29 5.01 -3.94 1.26
C LEU A 29 6.32 -4.69 1.05
N LYS A 30 7.08 -4.33 0.05
CA LYS A 30 8.37 -5.06 -0.22
C LYS A 30 9.59 -4.18 0.05
N SER A 31 10.76 -4.77 -0.01
CA SER A 31 12.03 -4.01 0.24
C SER A 31 12.33 -3.05 -0.92
N ASP A 32 11.68 -3.21 -2.05
CA ASP A 32 11.93 -2.31 -3.21
C ASP A 32 11.15 -0.99 -3.05
N GLY A 33 10.30 -0.91 -2.05
CA GLY A 33 9.50 0.33 -1.86
C GLY A 33 8.23 0.24 -2.69
N SER A 34 7.67 -0.94 -2.82
CA SER A 34 6.43 -1.11 -3.63
C SER A 34 5.36 -1.81 -2.79
N PHE A 35 4.13 -1.40 -2.96
CA PHE A 35 3.01 -2.03 -2.19
C PHE A 35 2.11 -2.84 -3.14
N ILE A 36 1.88 -4.08 -2.85
CA ILE A 36 1.00 -4.89 -3.74
C ILE A 36 -0.38 -5.05 -3.09
N GLY A 37 -1.41 -4.63 -3.76
CA GLY A 37 -2.78 -4.74 -3.18
C GLY A 37 -3.48 -5.98 -3.75
N TYR A 38 -3.74 -6.95 -2.91
CA TYR A 38 -4.42 -8.20 -3.39
C TYR A 38 -5.92 -8.13 -3.09
N LYS A 39 -6.75 -8.41 -4.06
CA LYS A 39 -8.22 -8.39 -3.83
C LYS A 39 -8.59 -9.36 -2.70
N GLU A 40 -7.96 -10.50 -2.67
CA GLU A 40 -8.22 -11.51 -1.60
C GLU A 40 -6.89 -12.15 -1.19
N ARG A 41 -6.67 -12.31 0.10
CA ARG A 41 -5.37 -12.91 0.59
C ARG A 41 -5.07 -14.24 -0.13
N PRO A 42 -4.14 -14.19 -1.05
CA PRO A 42 -3.76 -15.39 -1.83
C PRO A 42 -2.62 -16.13 -1.13
N GLU A 43 -2.42 -17.37 -1.45
CA GLU A 43 -1.32 -18.15 -0.81
C GLU A 43 -0.75 -19.18 -1.79
N ALA A 44 -1.60 -20.03 -2.34
CA ALA A 44 -1.13 -21.08 -3.32
C ALA A 44 -0.16 -22.07 -2.63
N PRO A 45 0.15 -23.12 -3.34
CA PRO A 45 1.07 -24.15 -2.81
C PRO A 45 2.51 -23.60 -2.77
N ASP A 46 2.92 -22.89 -3.79
CA ASP A 46 4.29 -22.30 -3.81
C ASP A 46 4.19 -20.76 -3.93
N GLN A 47 3.98 -20.26 -5.11
CA GLN A 47 3.85 -18.78 -5.30
C GLN A 47 3.32 -18.45 -6.71
N THR A 48 2.27 -19.12 -7.12
CA THR A 48 1.69 -18.85 -8.47
C THR A 48 0.43 -17.97 -8.34
N LEU A 49 0.60 -16.83 -7.74
CA LEU A 49 -0.57 -15.90 -7.55
C LEU A 49 -0.39 -14.64 -8.42
N PRO A 50 -1.37 -14.38 -9.26
CA PRO A 50 -1.31 -13.19 -10.15
C PRO A 50 -1.51 -11.89 -9.35
N PRO A 51 -0.70 -10.90 -9.64
CA PRO A 51 -0.79 -9.60 -8.93
C PRO A 51 -2.08 -8.85 -9.33
N LEU A 52 -2.88 -8.47 -8.36
CA LEU A 52 -4.14 -7.74 -8.67
C LEU A 52 -3.88 -6.24 -8.80
N ASN A 53 -3.38 -5.62 -7.76
CA ASN A 53 -3.09 -4.14 -7.83
C ASN A 53 -1.64 -3.86 -7.41
N ASN A 54 -0.97 -2.97 -8.09
CA ASN A 54 0.45 -2.65 -7.74
C ASN A 54 0.58 -1.18 -7.32
N PHE A 55 1.37 -0.92 -6.31
CA PHE A 55 1.57 0.48 -5.83
C PHE A 55 3.06 0.82 -5.75
N SER A 56 3.41 2.07 -5.94
CA SER A 56 4.85 2.47 -5.88
C SER A 56 5.06 3.56 -4.82
N VAL A 57 5.92 3.32 -3.87
CA VAL A 57 6.18 4.34 -2.81
C VAL A 57 7.70 4.57 -2.64
N ALA A 58 8.48 4.26 -3.65
CA ALA A 58 9.96 4.46 -3.55
C ALA A 58 10.37 5.78 -4.20
N GLU A 59 9.57 6.28 -5.12
CA GLU A 59 9.92 7.57 -5.79
C GLU A 59 8.78 8.59 -5.65
N CYS A 60 7.98 8.47 -4.62
CA CYS A 60 6.85 9.43 -4.43
C CYS A 60 6.76 9.89 -2.97
N GLN A 61 6.06 10.96 -2.72
CA GLN A 61 5.92 11.46 -1.32
C GLN A 61 4.62 10.93 -0.70
N LEU A 62 4.69 10.43 0.52
CA LEU A 62 3.47 9.89 1.18
C LEU A 62 3.25 10.56 2.54
N MET A 63 2.01 10.59 3.01
CA MET A 63 1.72 11.24 4.32
C MET A 63 0.45 10.65 4.94
N LYS A 64 0.37 10.60 6.25
CA LYS A 64 -0.85 10.05 6.91
C LYS A 64 -1.91 11.15 7.02
N THR A 65 -3.14 10.84 6.68
CA THR A 65 -4.22 11.88 6.75
C THR A 65 -5.36 11.43 7.67
N GLU A 66 -6.23 12.34 8.03
CA GLU A 66 -7.38 12.00 8.92
C GLU A 66 -8.67 11.85 8.10
N ARG A 67 -8.69 12.35 6.89
CA ARG A 67 -9.91 12.24 6.04
C ARG A 67 -9.59 11.41 4.78
N PRO A 68 -10.62 10.81 4.21
CA PRO A 68 -12.00 10.91 4.74
C PRO A 68 -12.14 10.16 6.09
N ARG A 69 -11.45 9.06 6.24
CA ARG A 69 -11.52 8.31 7.53
C ARG A 69 -10.21 8.50 8.31
N PRO A 70 -10.29 8.37 9.61
CA PRO A 70 -9.09 8.54 10.47
C PRO A 70 -8.08 7.41 10.22
N ASN A 71 -6.83 7.64 10.56
CA ASN A 71 -5.77 6.60 10.34
C ASN A 71 -5.72 6.20 8.85
N THR A 72 -5.41 7.12 7.99
CA THR A 72 -5.35 6.80 6.52
C THR A 72 -4.00 7.25 5.94
N PHE A 73 -3.61 6.67 4.83
CA PHE A 73 -2.30 7.06 4.21
C PHE A 73 -2.53 7.57 2.78
N VAL A 74 -1.98 8.72 2.46
CA VAL A 74 -2.15 9.27 1.07
C VAL A 74 -0.78 9.57 0.45
N ILE A 75 -0.57 9.17 -0.77
CA ILE A 75 0.74 9.44 -1.44
C ILE A 75 0.52 10.38 -2.65
N ARG A 76 1.15 11.53 -2.62
CA ARG A 76 1.00 12.51 -3.74
C ARG A 76 2.35 12.76 -4.41
N CYS A 77 2.36 12.93 -5.71
CA CYS A 77 3.64 13.18 -6.43
C CYS A 77 3.48 14.36 -7.40
N LEU A 78 4.53 15.10 -7.63
CA LEU A 78 4.45 16.26 -8.55
C LEU A 78 5.42 16.08 -9.73
N GLN A 79 5.29 14.99 -10.45
CA GLN A 79 6.20 14.75 -11.61
C GLN A 79 5.48 13.92 -12.69
N TRP A 80 5.78 14.18 -13.94
CA TRP A 80 5.13 13.42 -15.06
C TRP A 80 3.61 13.66 -15.08
N THR A 81 2.91 13.03 -16.00
CA THR A 81 1.43 13.21 -16.08
C THR A 81 0.71 11.96 -15.54
N THR A 82 -0.54 11.76 -15.92
CA THR A 82 -1.30 10.56 -15.44
C THR A 82 -1.32 10.50 -13.90
N VAL A 83 -1.84 11.53 -13.26
CA VAL A 83 -1.90 11.53 -11.76
C VAL A 83 -3.28 11.05 -11.30
N ILE A 84 -3.31 10.12 -10.37
CA ILE A 84 -4.62 9.59 -9.87
C ILE A 84 -4.68 9.66 -8.34
N GLU A 85 -5.86 9.54 -7.78
CA GLU A 85 -6.01 9.59 -6.28
C GLU A 85 -5.34 8.36 -5.66
N ARG A 86 -4.13 8.52 -5.16
CA ARG A 86 -3.41 7.36 -4.54
C ARG A 86 -3.50 7.43 -3.00
N THR A 87 -4.53 6.86 -2.44
CA THR A 87 -4.70 6.88 -0.96
C THR A 87 -5.19 5.51 -0.46
N PHE A 88 -4.75 5.09 0.70
CA PHE A 88 -5.19 3.77 1.24
C PHE A 88 -5.51 3.87 2.74
N HIS A 89 -6.48 3.12 3.18
CA HIS A 89 -6.88 3.16 4.63
C HIS A 89 -6.46 1.86 5.33
N VAL A 90 -6.32 1.91 6.64
CA VAL A 90 -5.94 0.67 7.38
C VAL A 90 -7.15 0.13 8.15
N ASP A 91 -7.16 -1.15 8.46
CA ASP A 91 -8.33 -1.72 9.20
C ASP A 91 -8.16 -1.52 10.72
N SER A 92 -7.09 -0.90 11.16
CA SER A 92 -6.90 -0.68 12.62
C SER A 92 -5.96 0.52 12.86
N PRO A 93 -6.15 1.19 13.98
CA PRO A 93 -5.29 2.35 14.33
C PRO A 93 -3.86 1.88 14.58
N ASP A 94 -3.70 0.71 15.14
CA ASP A 94 -2.33 0.16 15.40
C ASP A 94 -1.67 -0.19 14.06
N GLU A 95 -2.43 -0.73 13.13
CA GLU A 95 -1.85 -1.08 11.80
C GLU A 95 -1.28 0.17 11.13
N ARG A 96 -1.98 1.28 11.20
CA ARG A 96 -1.46 2.55 10.59
C ARG A 96 -0.05 2.84 11.13
N GLU A 97 0.16 2.63 12.41
CA GLU A 97 1.51 2.88 13.00
C GLU A 97 2.53 1.89 12.42
N GLU A 98 2.14 0.64 12.27
CA GLU A 98 3.08 -0.38 11.71
C GLU A 98 3.45 -0.01 10.26
N TRP A 99 2.48 0.47 9.50
CA TRP A 99 2.76 0.87 8.08
C TRP A 99 3.81 2.00 8.05
N MET A 100 3.62 3.00 8.86
CA MET A 100 4.58 4.15 8.90
C MET A 100 5.99 3.64 9.20
N ARG A 101 6.12 2.76 10.17
CA ARG A 101 7.47 2.22 10.53
C ARG A 101 8.06 1.44 9.34
N ALA A 102 7.24 0.66 8.67
CA ALA A 102 7.75 -0.13 7.51
C ALA A 102 8.18 0.81 6.37
N ILE A 103 7.41 1.84 6.10
CA ILE A 103 7.79 2.80 5.02
C ILE A 103 9.10 3.51 5.37
N GLN A 104 9.30 3.85 6.63
CA GLN A 104 10.57 4.52 7.04
C GLN A 104 11.76 3.58 6.85
N MET A 105 11.58 2.31 7.17
CA MET A 105 12.70 1.33 7.00
C MET A 105 13.07 1.23 5.52
N VAL A 106 12.10 1.19 4.65
CA VAL A 106 12.39 1.12 3.18
C VAL A 106 13.03 2.44 2.73
N ALA A 107 12.48 3.56 3.18
CA ALA A 107 13.05 4.89 2.79
C ALA A 107 14.51 4.99 3.25
N ASN A 108 14.82 4.47 4.42
CA ASN A 108 16.23 4.53 4.92
C ASN A 108 17.18 3.84 3.93
N SER A 109 16.75 2.76 3.33
CA SER A 109 17.62 2.03 2.36
C SER A 109 17.44 2.63 0.95
N LEU A 110 16.27 3.11 0.63
CA LEU A 110 16.02 3.71 -0.71
C LEU A 110 17.02 4.86 -0.98
N LYS A 111 17.32 5.65 0.03
CA LYS A 111 18.28 6.80 -0.14
C LYS A 111 17.79 7.75 -1.25
N MET A 1 19.77 -11.82 -8.56
CA MET A 1 19.35 -11.04 -7.36
C MET A 1 17.89 -10.60 -7.49
N ASN A 2 17.04 -11.42 -8.06
CA ASN A 2 15.59 -11.05 -8.21
C ASN A 2 14.77 -11.73 -7.12
N GLU A 3 15.03 -11.41 -5.87
CA GLU A 3 14.27 -12.04 -4.75
C GLU A 3 14.11 -11.03 -3.60
N VAL A 4 13.33 -10.00 -3.80
CA VAL A 4 13.12 -8.98 -2.73
C VAL A 4 12.28 -9.58 -1.59
N SER A 5 12.64 -9.32 -0.36
CA SER A 5 11.86 -9.88 0.79
C SER A 5 10.76 -8.90 1.21
N VAL A 6 9.77 -9.38 1.92
CA VAL A 6 8.66 -8.49 2.37
C VAL A 6 8.98 -7.88 3.74
N ILE A 7 8.68 -6.62 3.92
CA ILE A 7 8.94 -5.95 5.22
C ILE A 7 7.68 -5.97 6.09
N LYS A 8 6.52 -5.77 5.50
CA LYS A 8 5.28 -5.78 6.32
C LYS A 8 4.07 -6.25 5.48
N GLU A 9 3.25 -7.10 6.06
CA GLU A 9 2.04 -7.60 5.34
C GLU A 9 0.78 -7.29 6.18
N GLY A 10 -0.26 -6.81 5.55
CA GLY A 10 -1.49 -6.47 6.32
C GLY A 10 -2.66 -6.18 5.37
N TRP A 11 -3.85 -6.06 5.90
CA TRP A 11 -5.03 -5.78 5.03
C TRP A 11 -5.31 -4.28 4.99
N LEU A 12 -5.48 -3.71 3.82
CA LEU A 12 -5.76 -2.25 3.71
C LEU A 12 -7.04 -2.02 2.92
N HIS A 13 -7.76 -0.96 3.25
CA HIS A 13 -9.02 -0.65 2.51
C HIS A 13 -8.75 0.33 1.36
N LYS A 14 -9.24 0.03 0.18
CA LYS A 14 -9.03 0.94 -0.97
C LYS A 14 -10.37 1.35 -1.60
N ARG A 15 -10.50 2.59 -2.00
CA ARG A 15 -11.76 3.06 -2.65
C ARG A 15 -11.79 2.57 -4.09
N GLY A 16 -12.96 2.33 -4.64
CA GLY A 16 -13.06 1.83 -6.05
C GLY A 16 -12.41 2.82 -7.01
N GLU A 17 -13.18 3.64 -7.68
CA GLU A 17 -12.60 4.63 -8.63
C GLU A 17 -13.29 5.99 -8.47
N TYR A 18 -14.57 6.03 -8.67
CA TYR A 18 -15.34 7.31 -8.54
C TYR A 18 -16.32 7.24 -7.35
N ILE A 19 -16.86 6.08 -7.07
CA ILE A 19 -17.82 5.95 -5.92
C ILE A 19 -17.09 6.20 -4.59
N LYS A 20 -17.83 6.43 -3.53
CA LYS A 20 -17.18 6.68 -2.21
C LYS A 20 -17.24 5.43 -1.33
N THR A 21 -16.84 4.30 -1.85
CA THR A 21 -16.87 3.03 -1.04
C THR A 21 -15.46 2.44 -0.93
N TRP A 22 -15.09 1.98 0.23
CA TRP A 22 -13.73 1.38 0.41
C TRP A 22 -13.82 -0.14 0.61
N ARG A 23 -13.07 -0.88 -0.16
CA ARG A 23 -13.10 -2.37 -0.04
C ARG A 23 -11.80 -2.88 0.61
N PRO A 24 -11.95 -3.89 1.44
CA PRO A 24 -10.79 -4.49 2.15
C PRO A 24 -9.92 -5.31 1.18
N ARG A 25 -8.64 -5.06 1.15
CA ARG A 25 -7.72 -5.82 0.25
C ARG A 25 -6.41 -6.12 0.97
N TYR A 26 -5.84 -7.28 0.75
CA TYR A 26 -4.55 -7.63 1.43
C TYR A 26 -3.37 -6.91 0.75
N PHE A 27 -2.65 -6.11 1.49
CA PHE A 27 -1.50 -5.37 0.88
C PHE A 27 -0.17 -5.83 1.50
N LEU A 28 0.89 -5.82 0.73
CA LEU A 28 2.21 -6.27 1.26
C LEU A 28 3.32 -5.28 0.87
N LEU A 29 4.15 -4.92 1.83
CA LEU A 29 5.28 -3.98 1.52
C LEU A 29 6.57 -4.78 1.35
N LYS A 30 7.30 -4.56 0.28
CA LYS A 30 8.56 -5.33 0.05
C LYS A 30 9.80 -4.46 0.31
N SER A 31 10.96 -5.08 0.37
CA SER A 31 12.23 -4.34 0.62
C SER A 31 12.65 -3.55 -0.63
N ASP A 32 11.97 -3.71 -1.73
CA ASP A 32 12.33 -2.96 -2.97
C ASP A 32 11.67 -1.57 -2.97
N GLY A 33 10.88 -1.28 -1.96
CA GLY A 33 10.21 0.06 -1.91
C GLY A 33 8.93 -0.01 -2.72
N SER A 34 8.22 -1.11 -2.64
CA SER A 34 6.96 -1.24 -3.43
C SER A 34 5.85 -1.87 -2.58
N PHE A 35 4.62 -1.54 -2.87
CA PHE A 35 3.47 -2.10 -2.11
C PHE A 35 2.57 -2.89 -3.05
N ILE A 36 2.36 -4.15 -2.78
CA ILE A 36 1.49 -4.98 -3.67
C ILE A 36 0.13 -5.18 -2.99
N GLY A 37 -0.93 -4.83 -3.68
CA GLY A 37 -2.30 -4.99 -3.10
C GLY A 37 -3.01 -6.16 -3.76
N TYR A 38 -3.65 -6.99 -2.97
CA TYR A 38 -4.38 -8.17 -3.54
C TYR A 38 -5.88 -8.05 -3.20
N LYS A 39 -6.73 -8.48 -4.11
CA LYS A 39 -8.20 -8.41 -3.87
C LYS A 39 -8.63 -9.37 -2.74
N GLU A 40 -7.96 -10.49 -2.62
CA GLU A 40 -8.31 -11.48 -1.55
C GLU A 40 -7.14 -12.46 -1.35
N ARG A 41 -7.17 -13.22 -0.27
CA ARG A 41 -6.07 -14.20 0.01
C ARG A 41 -5.75 -15.04 -1.25
N PRO A 42 -4.64 -14.73 -1.87
CA PRO A 42 -4.22 -15.45 -3.08
C PRO A 42 -3.44 -16.73 -2.74
N GLU A 43 -3.52 -17.73 -3.57
CA GLU A 43 -2.77 -19.01 -3.32
C GLU A 43 -2.89 -19.93 -4.53
N ALA A 44 -4.10 -20.20 -4.97
CA ALA A 44 -4.33 -21.10 -6.15
C ALA A 44 -3.91 -22.54 -5.84
N PRO A 45 -4.61 -23.48 -6.43
CA PRO A 45 -4.30 -24.91 -6.20
C PRO A 45 -3.01 -25.32 -6.92
N ASP A 46 -2.75 -24.77 -8.09
CA ASP A 46 -1.52 -25.12 -8.84
C ASP A 46 -1.23 -24.07 -9.92
N GLN A 47 -1.30 -22.81 -9.56
CA GLN A 47 -1.04 -21.73 -10.56
C GLN A 47 -0.78 -20.41 -9.83
N THR A 48 0.46 -20.03 -9.69
CA THR A 48 0.78 -18.74 -8.99
C THR A 48 0.04 -17.57 -9.64
N LEU A 49 -0.30 -16.57 -8.87
CA LEU A 49 -1.05 -15.41 -9.43
C LEU A 49 -0.24 -14.10 -9.30
N PRO A 50 -0.41 -13.23 -10.26
CA PRO A 50 0.30 -11.93 -10.24
C PRO A 50 -0.39 -10.98 -9.24
N PRO A 51 0.31 -9.93 -8.88
CA PRO A 51 -0.25 -8.94 -7.92
C PRO A 51 -1.43 -8.18 -8.55
N LEU A 52 -2.42 -7.86 -7.76
CA LEU A 52 -3.62 -7.12 -8.30
C LEU A 52 -3.32 -5.62 -8.38
N ASN A 53 -2.76 -5.07 -7.32
CA ASN A 53 -2.43 -3.61 -7.32
C ASN A 53 -0.94 -3.41 -7.03
N ASN A 54 -0.30 -2.52 -7.74
CA ASN A 54 1.16 -2.29 -7.50
C ASN A 54 1.43 -0.83 -7.11
N PHE A 55 2.16 -0.62 -6.04
CA PHE A 55 2.45 0.77 -5.59
C PHE A 55 3.97 0.96 -5.41
N SER A 56 4.44 2.18 -5.54
CA SER A 56 5.90 2.45 -5.38
C SER A 56 6.13 3.46 -4.25
N VAL A 57 6.94 3.12 -3.28
CA VAL A 57 7.19 4.07 -2.14
C VAL A 57 8.68 4.46 -2.05
N ALA A 58 9.38 4.48 -3.16
CA ALA A 58 10.82 4.86 -3.14
C ALA A 58 10.95 6.39 -3.12
N GLU A 59 10.38 7.06 -4.09
CA GLU A 59 10.46 8.56 -4.13
C GLU A 59 9.04 9.16 -4.03
N CYS A 60 8.22 8.64 -3.13
CA CYS A 60 6.84 9.18 -2.98
C CYS A 60 6.65 9.79 -1.59
N GLN A 61 5.74 10.72 -1.46
CA GLN A 61 5.49 11.36 -0.14
C GLN A 61 4.35 10.64 0.59
N LEU A 62 4.44 10.54 1.89
CA LEU A 62 3.36 9.85 2.67
C LEU A 62 2.72 10.81 3.68
N MET A 63 1.43 10.71 3.88
CA MET A 63 0.74 11.61 4.85
C MET A 63 -0.39 10.86 5.56
N LYS A 64 -0.69 11.21 6.79
CA LYS A 64 -1.78 10.53 7.54
C LYS A 64 -3.01 11.45 7.60
N THR A 65 -4.20 10.90 7.49
CA THR A 65 -5.43 11.75 7.53
C THR A 65 -6.64 10.95 8.03
N GLU A 66 -7.71 11.64 8.35
CA GLU A 66 -8.95 10.95 8.84
C GLU A 66 -10.11 11.19 7.86
N ARG A 67 -9.80 11.50 6.63
CA ARG A 67 -10.87 11.76 5.61
C ARG A 67 -10.57 10.94 4.33
N PRO A 68 -11.60 10.39 3.73
CA PRO A 68 -13.00 10.53 4.23
C PRO A 68 -13.24 9.70 5.50
N ARG A 69 -12.45 8.68 5.72
CA ARG A 69 -12.64 7.83 6.93
C ARG A 69 -11.40 7.91 7.84
N PRO A 70 -11.57 7.48 9.07
CA PRO A 70 -10.44 7.52 10.05
C PRO A 70 -9.34 6.52 9.68
N ASN A 71 -8.14 6.75 10.18
CA ASN A 71 -6.98 5.84 9.88
C ASN A 71 -6.74 5.76 8.37
N THR A 72 -6.51 6.89 7.73
CA THR A 72 -6.30 6.89 6.25
C THR A 72 -4.87 7.36 5.92
N PHE A 73 -4.32 6.86 4.85
CA PHE A 73 -2.94 7.26 4.44
C PHE A 73 -2.98 7.89 3.04
N VAL A 74 -2.39 9.06 2.90
CA VAL A 74 -2.37 9.74 1.57
C VAL A 74 -0.96 9.74 1.00
N ILE A 75 -0.75 9.17 -0.15
CA ILE A 75 0.61 9.14 -0.75
C ILE A 75 0.62 9.93 -2.07
N ARG A 76 1.56 10.82 -2.25
CA ARG A 76 1.60 11.63 -3.50
C ARG A 76 2.96 11.48 -4.21
N CYS A 77 2.94 11.28 -5.50
CA CYS A 77 4.22 11.13 -6.27
C CYS A 77 4.30 12.19 -7.37
N LEU A 78 5.49 12.56 -7.77
CA LEU A 78 5.63 13.60 -8.85
C LEU A 78 5.76 12.95 -10.23
N GLN A 79 5.45 11.68 -10.35
CA GLN A 79 5.54 10.99 -11.68
C GLN A 79 4.16 10.86 -12.34
N TRP A 80 3.27 11.80 -12.09
CA TRP A 80 1.90 11.76 -12.70
C TRP A 80 1.18 10.46 -12.31
N THR A 81 1.32 9.40 -13.08
CA THR A 81 0.65 8.10 -12.77
C THR A 81 -0.88 8.23 -12.82
N THR A 82 -1.58 7.12 -12.90
CA THR A 82 -3.07 7.16 -12.94
C THR A 82 -3.62 7.25 -11.51
N VAL A 83 -4.91 7.16 -11.35
CA VAL A 83 -5.52 7.24 -9.97
C VAL A 83 -5.08 8.54 -9.27
N ILE A 84 -5.75 9.63 -9.56
CA ILE A 84 -5.38 10.94 -8.92
C ILE A 84 -5.57 10.85 -7.40
N GLU A 85 -4.70 11.51 -6.65
CA GLU A 85 -4.80 11.49 -5.16
C GLU A 85 -4.80 10.04 -4.64
N ARG A 86 -3.64 9.43 -4.58
CA ARG A 86 -3.57 8.02 -4.08
C ARG A 86 -3.86 7.98 -2.57
N THR A 87 -5.04 7.56 -2.20
CA THR A 87 -5.40 7.49 -0.75
C THR A 87 -5.84 6.07 -0.38
N PHE A 88 -5.39 5.57 0.74
CA PHE A 88 -5.79 4.20 1.17
C PHE A 88 -6.03 4.17 2.69
N HIS A 89 -7.01 3.43 3.13
CA HIS A 89 -7.32 3.35 4.60
C HIS A 89 -6.77 2.05 5.17
N VAL A 90 -6.46 2.04 6.45
CA VAL A 90 -5.93 0.78 7.07
C VAL A 90 -7.03 0.07 7.87
N ASP A 91 -6.87 -1.20 8.12
CA ASP A 91 -7.90 -1.97 8.88
C ASP A 91 -7.92 -1.53 10.36
N SER A 92 -6.86 -0.96 10.87
CA SER A 92 -6.83 -0.52 12.30
C SER A 92 -5.91 0.68 12.48
N PRO A 93 -6.05 1.35 13.60
CA PRO A 93 -5.20 2.52 13.91
C PRO A 93 -3.75 2.07 14.17
N ASP A 94 -3.58 0.90 14.75
CA ASP A 94 -2.20 0.39 15.01
C ASP A 94 -1.50 0.08 13.68
N GLU A 95 -2.23 -0.35 12.68
CA GLU A 95 -1.62 -0.67 11.36
C GLU A 95 -1.04 0.60 10.72
N ARG A 96 -1.76 1.70 10.78
CA ARG A 96 -1.24 2.97 10.17
C ARG A 96 0.14 3.31 10.75
N GLU A 97 0.33 3.13 12.04
CA GLU A 97 1.67 3.41 12.64
C GLU A 97 2.70 2.40 12.14
N GLU A 98 2.30 1.16 11.96
CA GLU A 98 3.24 0.12 11.47
C GLU A 98 3.59 0.39 10.00
N TRP A 99 2.64 0.83 9.21
CA TRP A 99 2.91 1.12 7.77
C TRP A 99 3.95 2.23 7.64
N MET A 100 3.77 3.32 8.36
CA MET A 100 4.76 4.44 8.28
C MET A 100 6.16 3.94 8.67
N ARG A 101 6.25 3.23 9.77
CA ARG A 101 7.58 2.69 10.21
C ARG A 101 8.14 1.74 9.13
N ALA A 102 7.31 0.90 8.57
CA ALA A 102 7.78 -0.03 7.50
C ALA A 102 8.20 0.75 6.25
N ILE A 103 7.45 1.76 5.88
CA ILE A 103 7.81 2.58 4.68
C ILE A 103 9.16 3.27 4.90
N GLN A 104 9.40 3.79 6.08
CA GLN A 104 10.69 4.47 6.36
C GLN A 104 11.84 3.45 6.33
N MET A 105 11.65 2.28 6.89
CA MET A 105 12.73 1.24 6.89
C MET A 105 13.11 0.88 5.46
N VAL A 106 12.12 0.67 4.60
CA VAL A 106 12.42 0.32 3.18
C VAL A 106 12.99 1.55 2.46
N ALA A 107 12.38 2.69 2.64
CA ALA A 107 12.89 3.93 1.97
C ALA A 107 14.34 4.19 2.40
N ASN A 108 14.68 3.87 3.63
CA ASN A 108 16.08 4.09 4.10
C ASN A 108 17.05 3.11 3.41
N SER A 109 16.54 2.00 2.92
CA SER A 109 17.43 1.00 2.25
C SER A 109 17.63 1.36 0.77
N LEU A 110 16.61 1.89 0.11
CA LEU A 110 16.76 2.25 -1.33
C LEU A 110 16.60 3.77 -1.52
N LYS A 111 17.13 4.56 -0.63
CA LYS A 111 17.02 6.05 -0.76
C LYS A 111 18.01 6.59 -1.81
N MET A 1 14.00 -13.79 -12.43
CA MET A 1 14.97 -12.68 -12.15
C MET A 1 14.45 -11.80 -11.01
N ASN A 2 15.21 -10.80 -10.62
CA ASN A 2 14.80 -9.87 -9.51
C ASN A 2 14.63 -10.63 -8.18
N GLU A 3 15.59 -10.53 -7.30
CA GLU A 3 15.50 -11.23 -5.99
C GLU A 3 15.02 -10.25 -4.91
N VAL A 4 13.73 -10.05 -4.80
CA VAL A 4 13.19 -9.10 -3.78
C VAL A 4 12.23 -9.83 -2.82
N SER A 5 12.50 -9.76 -1.54
CA SER A 5 11.60 -10.43 -0.56
C SER A 5 10.51 -9.45 -0.10
N VAL A 6 9.70 -9.84 0.86
CA VAL A 6 8.62 -8.93 1.35
C VAL A 6 9.04 -8.26 2.67
N ILE A 7 8.72 -7.00 2.83
CA ILE A 7 9.10 -6.28 4.09
C ILE A 7 7.89 -6.21 5.04
N LYS A 8 6.69 -6.08 4.52
CA LYS A 8 5.50 -6.01 5.43
C LYS A 8 4.21 -6.37 4.67
N GLU A 9 3.33 -7.10 5.31
CA GLU A 9 2.04 -7.51 4.66
C GLU A 9 0.88 -7.20 5.62
N GLY A 10 -0.12 -6.50 5.14
CA GLY A 10 -1.29 -6.17 6.02
C GLY A 10 -2.52 -5.86 5.18
N TRP A 11 -3.69 -6.09 5.71
CA TRP A 11 -4.95 -5.80 4.94
C TRP A 11 -5.24 -4.30 4.99
N LEU A 12 -5.35 -3.68 3.84
CA LEU A 12 -5.62 -2.21 3.80
C LEU A 12 -6.88 -1.93 2.98
N HIS A 13 -7.51 -0.80 3.18
CA HIS A 13 -8.75 -0.48 2.41
C HIS A 13 -8.45 0.55 1.31
N LYS A 14 -8.83 0.26 0.10
CA LYS A 14 -8.58 1.22 -1.03
C LYS A 14 -9.91 1.59 -1.72
N ARG A 15 -10.09 2.85 -2.04
CA ARG A 15 -11.35 3.28 -2.72
C ARG A 15 -11.28 2.94 -4.22
N GLY A 16 -12.39 2.65 -4.84
CA GLY A 16 -12.37 2.30 -6.29
C GLY A 16 -13.52 2.99 -7.02
N GLU A 17 -13.41 3.11 -8.33
CA GLU A 17 -14.48 3.76 -9.16
C GLU A 17 -14.77 5.19 -8.71
N TYR A 18 -15.74 5.83 -9.33
CA TYR A 18 -16.08 7.23 -8.93
C TYR A 18 -16.84 7.24 -7.59
N ILE A 19 -17.32 6.10 -7.15
CA ILE A 19 -18.07 6.05 -5.85
C ILE A 19 -17.08 6.19 -4.67
N LYS A 20 -17.57 6.59 -3.52
CA LYS A 20 -16.67 6.74 -2.33
C LYS A 20 -16.73 5.49 -1.45
N THR A 21 -16.52 4.33 -2.02
CA THR A 21 -16.57 3.07 -1.21
C THR A 21 -15.15 2.51 -1.04
N TRP A 22 -14.86 1.94 0.10
CA TRP A 22 -13.50 1.36 0.34
C TRP A 22 -13.59 -0.15 0.54
N ARG A 23 -12.74 -0.90 -0.13
CA ARG A 23 -12.77 -2.39 0.02
C ARG A 23 -11.46 -2.89 0.67
N PRO A 24 -11.61 -3.81 1.60
CA PRO A 24 -10.43 -4.38 2.31
C PRO A 24 -9.62 -5.28 1.37
N ARG A 25 -8.34 -5.05 1.26
CA ARG A 25 -7.49 -5.87 0.35
C ARG A 25 -6.15 -6.19 1.03
N TYR A 26 -5.63 -7.37 0.84
CA TYR A 26 -4.33 -7.72 1.47
C TYR A 26 -3.19 -6.99 0.76
N PHE A 27 -2.66 -5.95 1.36
CA PHE A 27 -1.56 -5.18 0.72
C PHE A 27 -0.21 -5.55 1.34
N LEU A 28 0.80 -5.77 0.54
CA LEU A 28 2.13 -6.14 1.10
C LEU A 28 3.25 -5.41 0.36
N LEU A 29 4.20 -4.86 1.07
CA LEU A 29 5.32 -4.13 0.39
C LEU A 29 6.56 -5.02 0.29
N LYS A 30 7.20 -5.02 -0.85
CA LYS A 30 8.42 -5.86 -1.05
C LYS A 30 9.70 -5.03 -0.88
N SER A 31 10.84 -5.68 -1.00
CA SER A 31 12.16 -4.97 -0.85
C SER A 31 12.41 -4.00 -2.02
N ASP A 32 11.63 -4.09 -3.07
CA ASP A 32 11.83 -3.17 -4.23
C ASP A 32 11.13 -1.83 -4.00
N GLY A 33 10.46 -1.68 -2.88
CA GLY A 33 9.75 -0.39 -2.62
C GLY A 33 8.45 -0.39 -3.41
N SER A 34 7.77 -1.51 -3.45
CA SER A 34 6.50 -1.60 -4.21
C SER A 34 5.42 -2.29 -3.37
N PHE A 35 4.25 -1.70 -3.30
CA PHE A 35 3.15 -2.30 -2.50
C PHE A 35 2.26 -3.16 -3.41
N ILE A 36 2.05 -4.40 -3.05
CA ILE A 36 1.18 -5.28 -3.89
C ILE A 36 -0.18 -5.44 -3.22
N GLY A 37 -1.23 -5.10 -3.92
CA GLY A 37 -2.60 -5.21 -3.35
C GLY A 37 -3.24 -6.53 -3.78
N TYR A 38 -3.76 -7.27 -2.86
CA TYR A 38 -4.42 -8.57 -3.20
C TYR A 38 -5.90 -8.54 -2.82
N LYS A 39 -6.72 -9.24 -3.56
CA LYS A 39 -8.19 -9.26 -3.24
C LYS A 39 -8.47 -10.24 -2.09
N GLU A 40 -7.66 -11.27 -1.97
CA GLU A 40 -7.87 -12.28 -0.88
C GLU A 40 -6.52 -12.74 -0.32
N ARG A 41 -6.46 -13.89 0.29
CA ARG A 41 -5.18 -14.40 0.87
C ARG A 41 -4.84 -15.79 0.28
N PRO A 42 -4.66 -15.84 -1.02
CA PRO A 42 -4.33 -17.13 -1.69
C PRO A 42 -2.84 -17.47 -1.49
N GLU A 43 -2.55 -18.67 -1.07
CA GLU A 43 -1.12 -19.06 -0.86
C GLU A 43 -0.74 -20.22 -1.79
N ALA A 44 -1.46 -21.32 -1.72
CA ALA A 44 -1.16 -22.51 -2.58
C ALA A 44 0.21 -23.11 -2.20
N PRO A 45 0.45 -24.32 -2.66
CA PRO A 45 1.74 -25.01 -2.36
C PRO A 45 2.89 -24.37 -3.13
N ASP A 46 2.69 -24.05 -4.39
CA ASP A 46 3.79 -23.42 -5.19
C ASP A 46 3.78 -21.90 -5.01
N GLN A 47 2.69 -21.33 -4.53
CA GLN A 47 2.60 -19.84 -4.35
C GLN A 47 2.79 -19.16 -5.71
N THR A 48 2.20 -19.73 -6.74
CA THR A 48 2.33 -19.15 -8.11
C THR A 48 1.13 -18.25 -8.41
N LEU A 49 0.90 -17.27 -7.58
CA LEU A 49 -0.25 -16.34 -7.79
C LEU A 49 0.27 -14.94 -8.13
N PRO A 50 -0.24 -14.39 -9.21
CA PRO A 50 0.19 -13.04 -9.67
C PRO A 50 -0.41 -11.94 -8.76
N PRO A 51 0.27 -10.81 -8.70
CA PRO A 51 -0.20 -9.68 -7.86
C PRO A 51 -1.38 -8.96 -8.55
N LEU A 52 -2.54 -8.98 -7.94
CA LEU A 52 -3.73 -8.31 -8.55
C LEU A 52 -3.52 -6.79 -8.67
N ASN A 53 -3.05 -6.16 -7.61
CA ASN A 53 -2.81 -4.69 -7.66
C ASN A 53 -1.33 -4.39 -7.43
N ASN A 54 -0.75 -3.52 -8.23
CA ASN A 54 0.70 -3.20 -8.06
C ASN A 54 0.89 -1.70 -7.82
N PHE A 55 1.44 -1.34 -6.68
CA PHE A 55 1.66 0.11 -6.36
C PHE A 55 3.17 0.36 -6.16
N SER A 56 3.65 1.52 -6.50
CA SER A 56 5.11 1.81 -6.32
C SER A 56 5.31 2.93 -5.28
N VAL A 57 6.22 2.73 -4.36
CA VAL A 57 6.48 3.77 -3.32
C VAL A 57 7.90 4.34 -3.47
N ALA A 58 8.53 4.14 -4.61
CA ALA A 58 9.91 4.68 -4.82
C ALA A 58 9.87 6.19 -5.01
N GLU A 59 10.52 6.92 -4.13
CA GLU A 59 10.53 8.42 -4.23
C GLU A 59 9.10 8.97 -4.25
N CYS A 60 8.29 8.60 -3.28
CA CYS A 60 6.88 9.09 -3.24
C CYS A 60 6.63 9.89 -1.96
N GLN A 61 5.72 10.83 -2.00
CA GLN A 61 5.41 11.64 -0.79
C GLN A 61 4.24 11.02 -0.01
N LEU A 62 4.40 10.83 1.27
CA LEU A 62 3.31 10.23 2.09
C LEU A 62 2.80 11.22 3.15
N MET A 63 1.55 11.10 3.53
CA MET A 63 0.99 12.03 4.55
C MET A 63 -0.20 11.38 5.28
N LYS A 64 -0.26 11.51 6.59
CA LYS A 64 -1.40 10.93 7.35
C LYS A 64 -2.58 11.90 7.30
N THR A 65 -3.79 11.41 7.34
CA THR A 65 -4.97 12.33 7.27
C THR A 65 -6.18 11.76 8.03
N GLU A 66 -7.09 12.62 8.39
CA GLU A 66 -8.31 12.18 9.13
C GLU A 66 -9.51 12.07 8.16
N ARG A 67 -9.31 12.39 6.90
CA ARG A 67 -10.43 12.30 5.91
C ARG A 67 -10.02 11.43 4.71
N PRO A 68 -10.97 10.71 4.16
CA PRO A 68 -12.37 10.74 4.67
C PRO A 68 -12.49 10.04 6.05
N ARG A 69 -11.58 9.16 6.37
CA ARG A 69 -11.64 8.48 7.70
C ARG A 69 -10.36 8.75 8.49
N PRO A 70 -10.45 8.61 9.80
CA PRO A 70 -9.28 8.85 10.67
C PRO A 70 -8.24 7.74 10.49
N ASN A 71 -7.00 8.02 10.81
CA ASN A 71 -5.91 6.99 10.66
C ASN A 71 -5.80 6.54 9.19
N THR A 72 -5.85 7.47 8.28
CA THR A 72 -5.75 7.11 6.82
C THR A 72 -4.39 7.60 6.27
N PHE A 73 -3.91 6.98 5.23
CA PHE A 73 -2.59 7.39 4.65
C PHE A 73 -2.79 7.89 3.21
N VAL A 74 -2.29 9.07 2.91
CA VAL A 74 -2.43 9.62 1.53
C VAL A 74 -1.05 9.79 0.89
N ILE A 75 -0.87 9.27 -0.30
CA ILE A 75 0.45 9.40 -1.00
C ILE A 75 0.24 9.98 -2.40
N ARG A 76 0.93 11.05 -2.73
CA ARG A 76 0.76 11.66 -4.08
C ARG A 76 1.74 11.03 -5.07
N CYS A 77 3.00 11.44 -5.05
CA CYS A 77 4.03 10.87 -5.99
C CYS A 77 3.62 11.10 -7.46
N LEU A 78 4.49 10.80 -8.39
CA LEU A 78 4.15 10.99 -9.82
C LEU A 78 3.74 9.66 -10.43
N GLN A 79 2.62 9.13 -10.00
CA GLN A 79 2.15 7.81 -10.54
C GLN A 79 1.52 7.99 -11.92
N TRP A 80 1.92 7.17 -12.86
CA TRP A 80 1.35 7.27 -14.24
C TRP A 80 0.51 6.01 -14.55
N THR A 81 0.94 4.87 -14.08
CA THR A 81 0.17 3.61 -14.33
C THR A 81 -0.68 3.26 -13.10
N THR A 82 -1.31 2.11 -13.11
CA THR A 82 -2.17 1.70 -11.94
C THR A 82 -3.25 2.76 -11.67
N VAL A 83 -3.95 3.16 -12.71
CA VAL A 83 -5.04 4.18 -12.56
C VAL A 83 -4.45 5.46 -11.90
N ILE A 84 -5.00 5.90 -10.78
CA ILE A 84 -4.48 7.13 -10.12
C ILE A 84 -4.76 7.06 -8.61
N GLU A 85 -4.38 5.97 -7.97
CA GLU A 85 -4.64 5.82 -6.50
C GLU A 85 -3.76 6.78 -5.70
N ARG A 86 -4.25 7.22 -4.57
CA ARG A 86 -3.46 8.16 -3.70
C ARG A 86 -3.92 8.08 -2.24
N THR A 87 -5.21 7.89 -2.00
CA THR A 87 -5.70 7.80 -0.58
C THR A 87 -5.90 6.33 -0.20
N PHE A 88 -5.13 5.84 0.74
CA PHE A 88 -5.28 4.41 1.16
C PHE A 88 -5.55 4.34 2.67
N HIS A 89 -6.51 3.54 3.06
CA HIS A 89 -6.86 3.41 4.51
C HIS A 89 -6.33 2.10 5.07
N VAL A 90 -6.08 2.03 6.34
CA VAL A 90 -5.56 0.77 6.96
C VAL A 90 -6.67 0.04 7.73
N ASP A 91 -6.47 -1.21 8.04
CA ASP A 91 -7.52 -1.98 8.79
C ASP A 91 -7.72 -1.40 10.21
N SER A 92 -6.71 -0.80 10.79
CA SER A 92 -6.86 -0.22 12.16
C SER A 92 -5.81 0.87 12.42
N PRO A 93 -5.98 1.59 13.51
CA PRO A 93 -5.01 2.66 13.87
C PRO A 93 -3.66 2.04 14.22
N ASP A 94 -3.66 0.91 14.89
CA ASP A 94 -2.38 0.22 15.23
C ASP A 94 -1.67 -0.17 13.93
N GLU A 95 -2.42 -0.63 12.95
CA GLU A 95 -1.80 -1.01 11.64
C GLU A 95 -1.17 0.23 11.01
N ARG A 96 -1.88 1.33 11.00
CA ARG A 96 -1.33 2.61 10.42
C ARG A 96 0.00 2.96 11.11
N GLU A 97 0.09 2.75 12.41
CA GLU A 97 1.35 3.04 13.14
C GLU A 97 2.46 2.10 12.64
N GLU A 98 2.15 0.84 12.44
CA GLU A 98 3.18 -0.13 11.95
C GLU A 98 3.62 0.28 10.53
N TRP A 99 2.69 0.68 9.69
CA TRP A 99 3.05 1.09 8.30
C TRP A 99 4.04 2.25 8.35
N MET A 100 3.78 3.25 9.17
CA MET A 100 4.71 4.43 9.26
C MET A 100 6.13 3.95 9.61
N ARG A 101 6.25 3.12 10.62
CA ARG A 101 7.59 2.62 11.03
C ARG A 101 8.18 1.73 9.91
N ALA A 102 7.37 0.87 9.33
CA ALA A 102 7.87 -0.02 8.24
C ALA A 102 8.24 0.80 7.00
N ILE A 103 7.47 1.82 6.68
CA ILE A 103 7.79 2.68 5.50
C ILE A 103 9.12 3.39 5.72
N GLN A 104 9.36 3.86 6.92
CA GLN A 104 10.67 4.54 7.20
C GLN A 104 11.83 3.56 6.97
N MET A 105 11.67 2.33 7.40
CA MET A 105 12.75 1.32 7.19
C MET A 105 12.99 1.11 5.69
N VAL A 106 11.92 0.96 4.92
CA VAL A 106 12.08 0.77 3.45
C VAL A 106 12.65 2.06 2.81
N ALA A 107 12.16 3.20 3.24
CA ALA A 107 12.66 4.49 2.68
C ALA A 107 14.17 4.64 2.93
N ASN A 108 14.66 4.15 4.04
CA ASN A 108 16.12 4.25 4.33
C ASN A 108 16.93 3.41 3.33
N SER A 109 16.50 2.19 3.10
CA SER A 109 17.23 1.31 2.13
C SER A 109 16.93 1.72 0.68
N LEU A 110 15.94 2.57 0.47
CA LEU A 110 15.60 3.00 -0.92
C LEU A 110 16.56 4.10 -1.40
N LYS A 111 17.20 4.80 -0.50
CA LYS A 111 18.15 5.89 -0.92
C LYS A 111 19.49 5.72 -0.21
N MET A 1 16.93 -2.78 -10.67
CA MET A 1 16.50 -3.40 -9.38
C MET A 1 15.79 -4.74 -9.65
N ASN A 2 16.01 -5.72 -8.82
CA ASN A 2 15.35 -7.06 -9.00
C ASN A 2 15.49 -7.92 -7.74
N GLU A 3 14.81 -9.04 -7.70
CA GLU A 3 14.89 -9.95 -6.51
C GLU A 3 14.54 -9.18 -5.23
N VAL A 4 13.32 -8.70 -5.13
CA VAL A 4 12.91 -7.93 -3.92
C VAL A 4 12.15 -8.85 -2.95
N SER A 5 12.61 -8.93 -1.73
CA SER A 5 11.92 -9.79 -0.72
C SER A 5 10.77 -9.02 -0.07
N VAL A 6 9.89 -9.72 0.62
CA VAL A 6 8.75 -9.02 1.29
C VAL A 6 9.17 -8.56 2.69
N ILE A 7 8.82 -7.36 3.05
CA ILE A 7 9.19 -6.83 4.41
C ILE A 7 8.00 -6.94 5.38
N LYS A 8 6.80 -6.69 4.91
CA LYS A 8 5.62 -6.78 5.83
C LYS A 8 4.35 -7.19 5.06
N GLU A 9 3.37 -7.68 5.77
CA GLU A 9 2.09 -8.10 5.12
C GLU A 9 0.89 -7.67 5.99
N GLY A 10 -0.14 -7.13 5.38
CA GLY A 10 -1.32 -6.69 6.18
C GLY A 10 -2.48 -6.37 5.24
N TRP A 11 -3.66 -6.15 5.78
CA TRP A 11 -4.83 -5.84 4.91
C TRP A 11 -5.11 -4.33 4.93
N LEU A 12 -5.30 -3.72 3.78
CA LEU A 12 -5.57 -2.26 3.75
C LEU A 12 -6.83 -1.98 2.91
N HIS A 13 -7.61 -1.01 3.31
CA HIS A 13 -8.85 -0.67 2.54
C HIS A 13 -8.55 0.23 1.35
N LYS A 14 -9.16 -0.03 0.23
CA LYS A 14 -8.93 0.80 -0.99
C LYS A 14 -10.27 1.35 -1.52
N ARG A 15 -10.31 2.62 -1.85
CA ARG A 15 -11.59 3.21 -2.38
C ARG A 15 -11.86 2.68 -3.79
N GLY A 16 -13.10 2.33 -4.08
CA GLY A 16 -13.46 1.79 -5.42
C GLY A 16 -12.92 2.71 -6.53
N GLU A 17 -13.54 3.86 -6.71
CA GLU A 17 -13.06 4.80 -7.78
C GLU A 17 -13.66 6.19 -7.56
N TYR A 18 -14.95 6.34 -7.74
CA TYR A 18 -15.59 7.68 -7.54
C TYR A 18 -16.50 7.67 -6.30
N ILE A 19 -17.10 6.55 -5.99
CA ILE A 19 -18.00 6.48 -4.79
C ILE A 19 -17.16 6.57 -3.50
N LYS A 20 -17.78 6.83 -2.38
CA LYS A 20 -17.02 6.93 -1.09
C LYS A 20 -17.01 5.58 -0.36
N THR A 21 -16.75 4.50 -1.06
CA THR A 21 -16.71 3.16 -0.41
C THR A 21 -15.29 2.61 -0.44
N TRP A 22 -14.85 2.02 0.64
CA TRP A 22 -13.47 1.45 0.69
C TRP A 22 -13.52 -0.04 0.97
N ARG A 23 -12.97 -0.85 0.09
CA ARG A 23 -12.98 -2.33 0.32
C ARG A 23 -11.62 -2.81 0.84
N PRO A 24 -11.66 -3.74 1.76
CA PRO A 24 -10.40 -4.28 2.34
C PRO A 24 -9.63 -5.11 1.30
N ARG A 25 -8.33 -4.96 1.27
CA ARG A 25 -7.49 -5.72 0.29
C ARG A 25 -6.20 -6.20 0.96
N TYR A 26 -5.72 -7.37 0.62
CA TYR A 26 -4.47 -7.87 1.27
C TYR A 26 -3.26 -7.14 0.66
N PHE A 27 -2.65 -6.28 1.43
CA PHE A 27 -1.47 -5.51 0.92
C PHE A 27 -0.16 -6.16 1.38
N LEU A 28 0.80 -6.25 0.49
CA LEU A 28 2.12 -6.86 0.85
C LEU A 28 3.23 -5.84 0.62
N LEU A 29 4.04 -5.58 1.62
CA LEU A 29 5.14 -4.60 1.47
C LEU A 29 6.45 -5.32 1.12
N LYS A 30 7.18 -4.80 0.16
CA LYS A 30 8.46 -5.47 -0.23
C LYS A 30 9.67 -4.58 0.12
N SER A 31 10.86 -5.11 -0.06
CA SER A 31 12.10 -4.32 0.25
C SER A 31 12.36 -3.25 -0.83
N ASP A 32 11.58 -3.22 -1.87
CA ASP A 32 11.79 -2.19 -2.94
C ASP A 32 11.15 -0.86 -2.54
N GLY A 33 10.56 -0.80 -1.36
CA GLY A 33 9.92 0.47 -0.92
C GLY A 33 8.56 0.58 -1.60
N SER A 34 7.87 -0.53 -1.73
CA SER A 34 6.54 -0.52 -2.40
C SER A 34 5.68 -1.68 -1.90
N PHE A 35 4.40 -1.47 -1.75
CA PHE A 35 3.51 -2.58 -1.28
C PHE A 35 2.34 -2.75 -2.25
N ILE A 36 2.03 -3.98 -2.60
CA ILE A 36 0.93 -4.24 -3.57
C ILE A 36 -0.32 -4.78 -2.83
N GLY A 37 -1.46 -4.22 -3.12
CA GLY A 37 -2.72 -4.68 -2.46
C GLY A 37 -3.47 -5.63 -3.39
N TYR A 38 -3.93 -6.74 -2.88
CA TYR A 38 -4.67 -7.72 -3.71
C TYR A 38 -6.14 -7.76 -3.27
N LYS A 39 -7.06 -7.92 -4.20
CA LYS A 39 -8.52 -7.98 -3.83
C LYS A 39 -8.74 -9.04 -2.73
N GLU A 40 -8.06 -10.15 -2.84
CA GLU A 40 -8.20 -11.23 -1.82
C GLU A 40 -6.84 -11.92 -1.62
N ARG A 41 -6.82 -13.07 -0.99
CA ARG A 41 -5.51 -13.78 -0.79
C ARG A 41 -5.06 -14.39 -2.13
N PRO A 42 -3.98 -13.86 -2.66
CA PRO A 42 -3.46 -14.35 -3.96
C PRO A 42 -2.70 -15.67 -3.81
N GLU A 43 -2.93 -16.59 -4.70
CA GLU A 43 -2.23 -17.91 -4.66
C GLU A 43 -2.64 -18.75 -5.87
N ALA A 44 -3.93 -18.90 -6.08
CA ALA A 44 -4.45 -19.71 -7.24
C ALA A 44 -4.03 -21.18 -7.09
N PRO A 45 -4.75 -22.04 -7.79
CA PRO A 45 -4.44 -23.49 -7.74
C PRO A 45 -3.14 -23.79 -8.53
N ASP A 46 -3.00 -23.20 -9.70
CA ASP A 46 -1.77 -23.45 -10.52
C ASP A 46 -1.65 -22.36 -11.60
N GLN A 47 -1.67 -21.11 -11.20
CA GLN A 47 -1.56 -19.99 -12.17
C GLN A 47 -1.44 -18.66 -11.43
N THR A 48 -0.26 -18.10 -11.39
CA THR A 48 -0.07 -16.79 -10.69
C THR A 48 -0.92 -15.70 -11.35
N LEU A 49 -1.70 -15.00 -10.58
CA LEU A 49 -2.57 -13.92 -11.14
C LEU A 49 -1.91 -12.54 -10.93
N PRO A 50 -2.33 -11.59 -11.73
CA PRO A 50 -1.78 -10.21 -11.64
C PRO A 50 -2.32 -9.49 -10.40
N PRO A 51 -1.55 -8.54 -9.92
CA PRO A 51 -1.95 -7.76 -8.72
C PRO A 51 -3.12 -6.81 -9.04
N LEU A 52 -3.89 -6.46 -8.04
CA LEU A 52 -5.06 -5.55 -8.28
C LEU A 52 -4.72 -4.11 -7.86
N ASN A 53 -3.85 -3.95 -6.90
CA ASN A 53 -3.48 -2.56 -6.44
C ASN A 53 -1.96 -2.46 -6.24
N ASN A 54 -1.35 -1.41 -6.76
CA ASN A 54 0.13 -1.26 -6.59
C ASN A 54 0.47 0.07 -5.89
N PHE A 55 1.43 0.04 -4.99
CA PHE A 55 1.81 1.29 -4.27
C PHE A 55 3.34 1.38 -4.16
N SER A 56 3.91 2.51 -4.50
CA SER A 56 5.40 2.66 -4.39
C SER A 56 5.76 3.91 -3.59
N VAL A 57 6.61 3.77 -2.59
CA VAL A 57 7.00 4.94 -1.75
C VAL A 57 8.53 5.04 -1.61
N ALA A 58 9.27 4.54 -2.58
CA ALA A 58 10.76 4.63 -2.51
C ALA A 58 11.19 6.07 -2.84
N GLU A 59 11.01 6.48 -4.08
CA GLU A 59 11.38 7.88 -4.47
C GLU A 59 10.10 8.72 -4.61
N CYS A 60 9.10 8.44 -3.80
CA CYS A 60 7.82 9.22 -3.88
C CYS A 60 7.53 9.90 -2.54
N GLN A 61 6.36 10.47 -2.40
CA GLN A 61 5.99 11.15 -1.12
C GLN A 61 4.67 10.60 -0.58
N LEU A 62 4.63 10.23 0.68
CA LEU A 62 3.38 9.69 1.27
C LEU A 62 3.01 10.46 2.55
N MET A 63 1.75 10.75 2.73
CA MET A 63 1.31 11.52 3.94
C MET A 63 0.07 10.87 4.56
N LYS A 64 -0.11 11.01 5.86
CA LYS A 64 -1.30 10.41 6.52
C LYS A 64 -2.44 11.45 6.58
N THR A 65 -3.66 10.99 6.65
CA THR A 65 -4.82 11.96 6.71
C THR A 65 -6.01 11.34 7.44
N GLU A 66 -7.00 12.14 7.75
CA GLU A 66 -8.21 11.62 8.48
C GLU A 66 -9.46 11.72 7.58
N ARG A 67 -9.29 11.79 6.28
CA ARG A 67 -10.48 11.88 5.38
C ARG A 67 -10.27 11.00 4.12
N PRO A 68 -11.37 10.50 3.59
CA PRO A 68 -12.71 10.76 4.17
C PRO A 68 -12.91 10.02 5.52
N ARG A 69 -12.08 9.03 5.79
CA ARG A 69 -12.21 8.29 7.08
C ARG A 69 -10.91 8.44 7.89
N PRO A 70 -10.99 8.18 9.17
CA PRO A 70 -9.79 8.31 10.05
C PRO A 70 -8.75 7.23 9.72
N ASN A 71 -7.51 7.45 10.11
CA ASN A 71 -6.42 6.46 9.83
C ASN A 71 -6.32 6.19 8.32
N THR A 72 -5.96 7.20 7.56
CA THR A 72 -5.85 7.02 6.07
C THR A 72 -4.46 7.42 5.57
N PHE A 73 -4.03 6.80 4.49
CA PHE A 73 -2.69 7.12 3.90
C PHE A 73 -2.85 7.63 2.46
N VAL A 74 -2.23 8.73 2.15
CA VAL A 74 -2.33 9.30 0.76
C VAL A 74 -0.94 9.53 0.17
N ILE A 75 -0.76 9.31 -1.11
CA ILE A 75 0.59 9.51 -1.73
C ILE A 75 0.45 10.31 -3.03
N ARG A 76 0.96 11.52 -3.07
CA ARG A 76 0.89 12.35 -4.30
C ARG A 76 2.02 11.97 -5.27
N CYS A 77 3.20 12.51 -5.06
CA CYS A 77 4.38 12.20 -5.95
C CYS A 77 4.15 12.74 -7.37
N LEU A 78 5.12 13.48 -7.90
CA LEU A 78 4.99 14.03 -9.28
C LEU A 78 3.73 14.90 -9.41
N GLN A 79 3.80 16.14 -8.99
CA GLN A 79 2.61 17.05 -9.10
C GLN A 79 2.79 18.03 -10.26
N TRP A 80 2.77 17.54 -11.47
CA TRP A 80 2.94 18.45 -12.66
C TRP A 80 1.58 18.91 -13.17
N THR A 81 0.77 18.01 -13.68
CA THR A 81 -0.57 18.39 -14.21
C THR A 81 -1.62 17.37 -13.78
N THR A 82 -2.16 17.52 -12.59
CA THR A 82 -3.20 16.56 -12.09
C THR A 82 -2.70 15.12 -12.18
N VAL A 83 -1.84 14.73 -11.27
CA VAL A 83 -1.29 13.34 -11.30
C VAL A 83 -2.30 12.35 -10.68
N ILE A 84 -2.15 11.08 -10.95
CA ILE A 84 -3.09 10.06 -10.37
C ILE A 84 -2.83 9.88 -8.87
N GLU A 85 -3.41 10.72 -8.04
CA GLU A 85 -3.21 10.61 -6.57
C GLU A 85 -3.70 9.25 -6.04
N ARG A 86 -2.99 8.67 -5.11
CA ARG A 86 -3.42 7.35 -4.55
C ARG A 86 -3.74 7.47 -3.06
N THR A 87 -4.91 7.04 -2.66
CA THR A 87 -5.30 7.13 -1.22
C THR A 87 -5.87 5.79 -0.75
N PHE A 88 -5.51 5.34 0.43
CA PHE A 88 -6.04 4.06 0.95
C PHE A 88 -6.22 4.14 2.48
N HIS A 89 -7.13 3.35 3.01
CA HIS A 89 -7.38 3.37 4.48
C HIS A 89 -6.82 2.10 5.13
N VAL A 90 -6.49 2.14 6.39
CA VAL A 90 -5.94 0.91 7.05
C VAL A 90 -7.06 0.14 7.78
N ASP A 91 -6.87 -1.13 7.98
CA ASP A 91 -7.92 -1.95 8.68
C ASP A 91 -7.92 -1.64 10.19
N SER A 92 -6.82 -1.19 10.73
CA SER A 92 -6.77 -0.87 12.19
C SER A 92 -5.75 0.26 12.44
N PRO A 93 -5.84 0.87 13.60
CA PRO A 93 -4.91 1.98 13.95
C PRO A 93 -3.47 1.46 14.08
N ASP A 94 -3.31 0.29 14.65
CA ASP A 94 -1.93 -0.30 14.78
C ASP A 94 -1.34 -0.57 13.38
N GLU A 95 -2.17 -0.89 12.42
CA GLU A 95 -1.66 -1.15 11.04
C GLU A 95 -1.12 0.14 10.43
N ARG A 96 -1.87 1.22 10.48
CA ARG A 96 -1.38 2.51 9.90
C ARG A 96 -0.02 2.88 10.52
N GLU A 97 0.13 2.66 11.81
CA GLU A 97 1.43 2.97 12.48
C GLU A 97 2.53 2.01 11.98
N GLU A 98 2.18 0.77 11.76
CA GLU A 98 3.18 -0.22 11.26
C GLU A 98 3.59 0.12 9.83
N TRP A 99 2.67 0.58 9.02
CA TRP A 99 3.02 0.93 7.60
C TRP A 99 3.98 2.12 7.58
N MET A 100 3.69 3.15 8.34
CA MET A 100 4.60 4.35 8.36
C MET A 100 6.01 3.92 8.79
N ARG A 101 6.11 3.12 9.82
CA ARG A 101 7.45 2.66 10.28
C ARG A 101 8.10 1.76 9.23
N ALA A 102 7.33 0.86 8.65
CA ALA A 102 7.90 -0.05 7.61
C ALA A 102 8.31 0.75 6.37
N ILE A 103 7.50 1.70 5.96
CA ILE A 103 7.83 2.54 4.77
C ILE A 103 9.14 3.31 5.02
N GLN A 104 9.29 3.85 6.21
CA GLN A 104 10.54 4.62 6.53
C GLN A 104 11.75 3.69 6.57
N MET A 105 11.61 2.51 7.13
CA MET A 105 12.76 1.56 7.21
C MET A 105 13.24 1.19 5.79
N VAL A 106 12.33 0.87 4.90
CA VAL A 106 12.74 0.51 3.52
C VAL A 106 13.19 1.77 2.76
N ALA A 107 12.46 2.86 2.93
CA ALA A 107 12.83 4.13 2.22
C ALA A 107 14.24 4.58 2.65
N ASN A 108 14.60 4.38 3.90
CA ASN A 108 15.97 4.79 4.35
C ASN A 108 17.03 3.84 3.80
N SER A 109 16.66 2.63 3.46
CA SER A 109 17.65 1.65 2.92
C SER A 109 17.85 1.85 1.41
N LEU A 110 16.80 2.13 0.68
CA LEU A 110 16.96 2.33 -0.80
C LEU A 110 16.78 3.80 -1.21
N LYS A 111 16.65 4.70 -0.25
CA LYS A 111 16.47 6.16 -0.58
C LYS A 111 15.21 6.36 -1.43
N MET A 1 14.49 -3.62 -8.02
CA MET A 1 14.06 -5.02 -8.25
C MET A 1 15.28 -5.96 -8.25
N ASN A 2 16.02 -6.00 -7.16
CA ASN A 2 17.22 -6.89 -7.10
C ASN A 2 17.15 -7.77 -5.85
N GLU A 3 16.66 -8.98 -6.00
CA GLU A 3 16.55 -9.92 -4.83
C GLU A 3 15.81 -9.23 -3.68
N VAL A 4 14.58 -8.85 -3.90
CA VAL A 4 13.79 -8.14 -2.84
C VAL A 4 12.89 -9.13 -2.09
N SER A 5 12.92 -9.06 -0.78
CA SER A 5 12.05 -9.98 0.03
C SER A 5 10.88 -9.18 0.62
N VAL A 6 9.91 -9.85 1.21
CA VAL A 6 8.76 -9.12 1.80
C VAL A 6 9.11 -8.66 3.22
N ILE A 7 8.80 -7.42 3.55
CA ILE A 7 9.13 -6.90 4.91
C ILE A 7 7.86 -6.85 5.78
N LYS A 8 6.71 -6.55 5.21
CA LYS A 8 5.47 -6.49 6.02
C LYS A 8 4.23 -6.66 5.14
N GLU A 9 3.26 -7.41 5.62
CA GLU A 9 2.00 -7.61 4.84
C GLU A 9 0.78 -7.40 5.74
N GLY A 10 -0.30 -6.86 5.20
CA GLY A 10 -1.51 -6.61 6.05
C GLY A 10 -2.72 -6.29 5.16
N TRP A 11 -3.86 -6.12 5.78
CA TRP A 11 -5.10 -5.80 5.00
C TRP A 11 -5.33 -4.27 4.97
N LEU A 12 -5.76 -3.75 3.85
CA LEU A 12 -6.01 -2.27 3.76
C LEU A 12 -7.35 -2.02 3.07
N HIS A 13 -8.02 -0.94 3.39
CA HIS A 13 -9.33 -0.64 2.75
C HIS A 13 -9.15 0.31 1.56
N LYS A 14 -9.51 -0.14 0.38
CA LYS A 14 -9.39 0.71 -0.84
C LYS A 14 -10.74 0.83 -1.55
N ARG A 15 -11.09 2.02 -1.99
CA ARG A 15 -12.41 2.23 -2.68
C ARG A 15 -12.44 1.46 -4.01
N GLY A 16 -13.62 1.09 -4.44
CA GLY A 16 -13.75 0.32 -5.73
C GLY A 16 -13.43 1.23 -6.93
N GLU A 17 -13.97 0.89 -8.09
CA GLU A 17 -13.69 1.71 -9.31
C GLU A 17 -14.28 3.12 -9.17
N TYR A 18 -15.58 3.24 -9.09
CA TYR A 18 -16.21 4.59 -8.96
C TYR A 18 -17.32 4.60 -7.89
N ILE A 19 -17.37 3.59 -7.04
CA ILE A 19 -18.42 3.57 -5.98
C ILE A 19 -17.93 4.31 -4.74
N LYS A 20 -18.83 4.85 -3.94
CA LYS A 20 -18.42 5.59 -2.72
C LYS A 20 -18.28 4.60 -1.53
N THR A 21 -17.65 3.47 -1.76
CA THR A 21 -17.47 2.47 -0.65
C THR A 21 -16.04 1.92 -0.68
N TRP A 22 -15.48 1.68 0.47
CA TRP A 22 -14.08 1.14 0.53
C TRP A 22 -14.10 -0.34 0.94
N ARG A 23 -13.34 -1.16 0.26
CA ARG A 23 -13.30 -2.62 0.61
C ARG A 23 -11.91 -3.01 1.08
N PRO A 24 -11.86 -4.02 1.94
CA PRO A 24 -10.56 -4.50 2.48
C PRO A 24 -9.79 -5.32 1.44
N ARG A 25 -8.50 -5.14 1.37
CA ARG A 25 -7.65 -5.89 0.39
C ARG A 25 -6.35 -6.34 1.06
N TYR A 26 -5.86 -7.51 0.76
CA TYR A 26 -4.59 -7.97 1.41
C TYR A 26 -3.38 -7.49 0.58
N PHE A 27 -2.58 -6.64 1.15
CA PHE A 27 -1.39 -6.12 0.40
C PHE A 27 -0.09 -6.52 1.12
N LEU A 28 1.02 -6.44 0.43
CA LEU A 28 2.33 -6.79 1.07
C LEU A 28 3.43 -5.83 0.59
N LEU A 29 4.27 -5.40 1.50
CA LEU A 29 5.37 -4.45 1.13
C LEU A 29 6.72 -5.19 1.12
N LYS A 30 7.48 -5.04 0.07
CA LYS A 30 8.80 -5.72 -0.01
C LYS A 30 9.93 -4.72 0.28
N SER A 31 11.16 -5.19 0.30
CA SER A 31 12.32 -4.28 0.55
C SER A 31 12.58 -3.37 -0.67
N ASP A 32 11.77 -3.46 -1.69
CA ASP A 32 11.97 -2.60 -2.89
C ASP A 32 11.39 -1.20 -2.67
N GLY A 33 10.66 -1.00 -1.59
CA GLY A 33 10.05 0.33 -1.32
C GLY A 33 8.73 0.44 -2.06
N SER A 34 8.03 -0.67 -2.20
CA SER A 34 6.72 -0.65 -2.92
C SER A 34 5.86 -1.84 -2.45
N PHE A 35 4.57 -1.63 -2.32
CA PHE A 35 3.67 -2.74 -1.88
C PHE A 35 2.44 -2.82 -2.78
N ILE A 36 1.98 -4.03 -3.07
CA ILE A 36 0.80 -4.20 -3.95
C ILE A 36 -0.40 -4.71 -3.15
N GLY A 37 -1.57 -4.13 -3.37
CA GLY A 37 -2.78 -4.57 -2.62
C GLY A 37 -3.64 -5.49 -3.49
N TYR A 38 -3.92 -6.67 -2.99
CA TYR A 38 -4.77 -7.63 -3.77
C TYR A 38 -6.22 -7.55 -3.31
N LYS A 39 -7.17 -7.73 -4.19
CA LYS A 39 -8.61 -7.68 -3.78
C LYS A 39 -8.85 -8.61 -2.59
N GLU A 40 -8.15 -9.73 -2.55
CA GLU A 40 -8.29 -10.69 -1.42
C GLU A 40 -6.89 -11.07 -0.93
N ARG A 41 -6.75 -12.18 -0.25
CA ARG A 41 -5.39 -12.59 0.24
C ARG A 41 -4.97 -13.93 -0.38
N PRO A 42 -4.97 -14.00 -1.70
CA PRO A 42 -4.58 -15.25 -2.40
C PRO A 42 -3.06 -15.46 -2.32
N GLU A 43 -2.61 -16.59 -1.85
CA GLU A 43 -1.14 -16.86 -1.77
C GLU A 43 -0.72 -17.92 -2.79
N ALA A 44 -1.47 -19.01 -2.89
CA ALA A 44 -1.12 -20.09 -3.88
C ALA A 44 0.29 -20.65 -3.63
N PRO A 45 0.64 -21.67 -4.39
CA PRO A 45 1.99 -22.29 -4.24
C PRO A 45 3.07 -21.35 -4.79
N ASP A 46 2.81 -20.69 -5.90
CA ASP A 46 3.82 -19.76 -6.48
C ASP A 46 3.27 -18.32 -6.51
N GLN A 47 2.08 -18.09 -5.99
CA GLN A 47 1.49 -16.72 -5.99
C GLN A 47 1.34 -16.23 -7.42
N THR A 48 0.79 -17.05 -8.28
CA THR A 48 0.62 -16.64 -9.71
C THR A 48 -0.71 -15.91 -9.90
N LEU A 49 -0.93 -14.87 -9.15
CA LEU A 49 -2.19 -14.09 -9.27
C LEU A 49 -1.88 -12.64 -9.68
N PRO A 50 -2.73 -12.09 -10.51
CA PRO A 50 -2.52 -10.69 -10.98
C PRO A 50 -2.82 -9.69 -9.84
N PRO A 51 -1.94 -8.75 -9.67
CA PRO A 51 -2.12 -7.72 -8.61
C PRO A 51 -3.27 -6.77 -8.94
N LEU A 52 -4.01 -6.35 -7.94
CA LEU A 52 -5.16 -5.42 -8.18
C LEU A 52 -4.71 -3.96 -8.06
N ASN A 53 -3.92 -3.66 -7.06
CA ASN A 53 -3.43 -2.25 -6.88
C ASN A 53 -1.92 -2.24 -6.64
N ASN A 54 -1.19 -1.45 -7.39
CA ASN A 54 0.28 -1.37 -7.21
C ASN A 54 0.65 -0.03 -6.55
N PHE A 55 1.37 -0.06 -5.46
CA PHE A 55 1.75 1.21 -4.77
C PHE A 55 3.26 1.25 -4.52
N SER A 56 3.88 2.37 -4.81
CA SER A 56 5.36 2.49 -4.59
C SER A 56 5.68 3.76 -3.79
N VAL A 57 6.76 3.74 -3.06
CA VAL A 57 7.15 4.94 -2.24
C VAL A 57 8.67 5.19 -2.34
N ALA A 58 9.26 4.94 -3.48
CA ALA A 58 10.73 5.17 -3.63
C ALA A 58 11.01 6.65 -3.90
N GLU A 59 10.50 7.18 -4.99
CA GLU A 59 10.72 8.62 -5.31
C GLU A 59 9.46 9.45 -5.02
N CYS A 60 8.43 8.85 -4.48
CA CYS A 60 7.18 9.61 -4.18
C CYS A 60 7.15 10.07 -2.72
N GLN A 61 6.07 10.66 -2.29
CA GLN A 61 5.96 11.13 -0.88
C GLN A 61 4.64 10.66 -0.26
N LEU A 62 4.70 10.11 0.94
CA LEU A 62 3.44 9.62 1.59
C LEU A 62 3.07 10.53 2.77
N MET A 63 1.80 10.64 3.05
CA MET A 63 1.35 11.51 4.19
C MET A 63 0.07 10.94 4.81
N LYS A 64 -0.03 10.95 6.11
CA LYS A 64 -1.27 10.43 6.77
C LYS A 64 -2.36 11.51 6.77
N THR A 65 -3.60 11.13 6.67
CA THR A 65 -4.70 12.15 6.65
C THR A 65 -5.98 11.58 7.29
N GLU A 66 -7.00 12.40 7.38
CA GLU A 66 -8.29 11.94 8.00
C GLU A 66 -9.44 12.02 6.98
N ARG A 67 -9.12 12.11 5.71
CA ARG A 67 -10.20 12.19 4.67
C ARG A 67 -9.89 11.21 3.52
N PRO A 68 -10.92 10.58 3.01
CA PRO A 68 -12.31 10.80 3.52
C PRO A 68 -12.52 10.16 4.91
N ARG A 69 -11.71 9.18 5.28
CA ARG A 69 -11.88 8.53 6.62
C ARG A 69 -10.65 8.79 7.51
N PRO A 70 -10.82 8.59 8.80
CA PRO A 70 -9.71 8.82 9.75
C PRO A 70 -8.62 7.73 9.59
N ASN A 71 -7.41 8.04 10.00
CA ASN A 71 -6.29 7.06 9.87
C ASN A 71 -6.14 6.60 8.42
N THR A 72 -5.93 7.53 7.51
CA THR A 72 -5.79 7.18 6.07
C THR A 72 -4.38 7.51 5.57
N PHE A 73 -3.93 6.83 4.56
CA PHE A 73 -2.57 7.08 4.01
C PHE A 73 -2.64 7.57 2.56
N VAL A 74 -2.00 8.67 2.25
CA VAL A 74 -2.03 9.21 0.86
C VAL A 74 -0.59 9.33 0.32
N ILE A 75 -0.33 8.75 -0.82
CA ILE A 75 1.05 8.84 -1.41
C ILE A 75 0.99 9.42 -2.82
N ARG A 76 1.93 10.25 -3.18
CA ARG A 76 1.91 10.86 -4.54
C ARG A 76 3.31 11.34 -4.95
N CYS A 77 3.67 11.15 -6.19
CA CYS A 77 5.01 11.62 -6.68
C CYS A 77 4.87 13.02 -7.26
N LEU A 78 5.22 14.03 -6.49
CA LEU A 78 5.10 15.45 -6.97
C LEU A 78 3.62 15.82 -7.18
N GLN A 79 3.04 16.54 -6.24
CA GLN A 79 1.61 16.94 -6.37
C GLN A 79 1.44 17.94 -7.50
N TRP A 80 0.27 18.01 -8.10
CA TRP A 80 0.04 18.98 -9.21
C TRP A 80 -1.39 19.53 -9.14
N THR A 81 -2.38 18.68 -9.19
CA THR A 81 -3.79 19.14 -9.12
C THR A 81 -4.53 18.44 -7.97
N THR A 82 -5.82 18.69 -7.82
CA THR A 82 -6.59 18.02 -6.73
C THR A 82 -6.80 16.54 -7.07
N VAL A 83 -7.92 16.19 -7.69
CA VAL A 83 -8.19 14.76 -8.07
C VAL A 83 -7.78 13.82 -6.91
N ILE A 84 -8.61 13.69 -5.91
CA ILE A 84 -8.28 12.79 -4.77
C ILE A 84 -8.01 11.37 -5.27
N GLU A 85 -6.79 10.91 -5.14
CA GLU A 85 -6.44 9.53 -5.61
C GLU A 85 -5.23 9.02 -4.82
N ARG A 86 -4.81 7.80 -5.10
CA ARG A 86 -3.64 7.20 -4.38
C ARG A 86 -3.84 7.27 -2.85
N THR A 87 -5.07 7.19 -2.40
CA THR A 87 -5.34 7.25 -0.93
C THR A 87 -5.98 5.93 -0.46
N PHE A 88 -5.47 5.35 0.60
CA PHE A 88 -6.05 4.08 1.11
C PHE A 88 -6.26 4.16 2.62
N HIS A 89 -7.21 3.42 3.14
CA HIS A 89 -7.48 3.45 4.61
C HIS A 89 -7.02 2.15 5.26
N VAL A 90 -6.69 2.18 6.52
CA VAL A 90 -6.23 0.91 7.20
C VAL A 90 -7.40 0.30 7.99
N ASP A 91 -7.34 -0.97 8.28
CA ASP A 91 -8.44 -1.63 9.06
C ASP A 91 -8.32 -1.28 10.55
N SER A 92 -7.13 -0.97 11.00
CA SER A 92 -6.94 -0.63 12.45
C SER A 92 -5.99 0.57 12.58
N PRO A 93 -6.06 1.22 13.71
CA PRO A 93 -5.17 2.39 13.97
C PRO A 93 -3.72 1.94 14.09
N ASP A 94 -3.50 0.75 14.59
CA ASP A 94 -2.10 0.23 14.72
C ASP A 94 -1.53 -0.09 13.33
N GLU A 95 -2.36 -0.54 12.41
CA GLU A 95 -1.88 -0.87 11.04
C GLU A 95 -1.27 0.37 10.38
N ARG A 96 -1.95 1.49 10.42
CA ARG A 96 -1.40 2.74 9.79
C ARG A 96 -0.03 3.08 10.39
N GLU A 97 0.12 2.96 11.68
CA GLU A 97 1.43 3.27 12.34
C GLU A 97 2.47 2.21 11.94
N GLU A 98 2.06 0.98 11.74
CA GLU A 98 3.03 -0.08 11.36
C GLU A 98 3.56 0.18 9.95
N TRP A 99 2.71 0.63 9.05
CA TRP A 99 3.18 0.92 7.66
C TRP A 99 4.16 2.08 7.66
N MET A 100 3.87 3.12 8.40
CA MET A 100 4.79 4.30 8.46
C MET A 100 6.18 3.83 8.91
N ARG A 101 6.25 3.00 9.93
CA ARG A 101 7.57 2.50 10.42
C ARG A 101 8.22 1.64 9.33
N ALA A 102 7.46 0.81 8.66
CA ALA A 102 8.03 -0.06 7.59
C ALA A 102 8.57 0.80 6.43
N ILE A 103 7.85 1.83 6.05
CA ILE A 103 8.33 2.71 4.93
C ILE A 103 9.63 3.40 5.35
N GLN A 104 9.70 3.90 6.56
CA GLN A 104 10.94 4.58 7.04
C GLN A 104 12.13 3.61 7.02
N MET A 105 11.90 2.36 7.36
CA MET A 105 12.99 1.35 7.36
C MET A 105 13.46 1.08 5.92
N VAL A 106 12.53 0.90 5.01
CA VAL A 106 12.91 0.65 3.59
C VAL A 106 13.54 1.93 3.00
N ALA A 107 12.99 3.07 3.31
CA ALA A 107 13.54 4.37 2.79
C ALA A 107 15.01 4.53 3.21
N ASN A 108 15.38 4.03 4.36
CA ASN A 108 16.80 4.15 4.83
C ASN A 108 17.73 3.52 3.78
N SER A 109 17.38 2.36 3.28
CA SER A 109 18.24 1.70 2.25
C SER A 109 17.88 2.22 0.85
N LEU A 110 16.65 2.66 0.67
CA LEU A 110 16.22 3.18 -0.67
C LEU A 110 16.98 4.48 -0.99
N LYS A 111 17.07 5.38 -0.04
CA LYS A 111 17.80 6.68 -0.27
C LYS A 111 17.21 7.44 -1.47
N MET A 1 11.10 -12.27 -14.32
CA MET A 1 12.13 -12.55 -13.26
C MET A 1 11.69 -11.96 -11.91
N ASN A 2 12.17 -12.51 -10.83
CA ASN A 2 11.80 -11.99 -9.47
C ASN A 2 12.83 -12.41 -8.43
N GLU A 3 13.26 -11.48 -7.60
CA GLU A 3 14.28 -11.82 -6.55
C GLU A 3 14.14 -10.86 -5.35
N VAL A 4 12.93 -10.61 -4.92
CA VAL A 4 12.72 -9.69 -3.76
C VAL A 4 11.89 -10.38 -2.67
N SER A 5 12.30 -10.29 -1.43
CA SER A 5 11.53 -10.94 -0.32
C SER A 5 10.43 -9.99 0.18
N VAL A 6 9.68 -10.42 1.16
CA VAL A 6 8.58 -9.55 1.70
C VAL A 6 8.98 -9.00 3.08
N ILE A 7 8.69 -7.75 3.32
CA ILE A 7 9.03 -7.13 4.64
C ILE A 7 7.78 -7.00 5.52
N LYS A 8 6.62 -6.75 4.95
CA LYS A 8 5.40 -6.60 5.80
C LYS A 8 4.14 -7.00 5.02
N GLU A 9 3.23 -7.68 5.69
CA GLU A 9 1.96 -8.09 5.02
C GLU A 9 0.76 -7.69 5.89
N GLY A 10 -0.25 -7.09 5.30
CA GLY A 10 -1.43 -6.66 6.10
C GLY A 10 -2.62 -6.38 5.18
N TRP A 11 -3.80 -6.25 5.73
CA TRP A 11 -5.00 -5.96 4.90
C TRP A 11 -5.40 -4.49 5.03
N LEU A 12 -5.59 -3.81 3.93
CA LEU A 12 -5.97 -2.37 3.98
C LEU A 12 -7.29 -2.14 3.21
N HIS A 13 -7.94 -1.03 3.45
CA HIS A 13 -9.23 -0.75 2.74
C HIS A 13 -9.04 0.22 1.59
N LYS A 14 -9.59 -0.10 0.44
CA LYS A 14 -9.46 0.80 -0.75
C LYS A 14 -10.87 1.15 -1.28
N ARG A 15 -11.11 2.38 -1.60
CA ARG A 15 -12.45 2.80 -2.12
C ARG A 15 -12.70 2.15 -3.49
N GLY A 16 -13.94 1.86 -3.80
CA GLY A 16 -14.26 1.21 -5.11
C GLY A 16 -14.09 2.23 -6.25
N GLU A 17 -14.68 1.97 -7.38
CA GLU A 17 -14.56 2.91 -8.53
C GLU A 17 -15.51 4.10 -8.38
N TYR A 18 -16.77 3.83 -8.18
CA TYR A 18 -17.78 4.93 -8.03
C TYR A 18 -18.59 4.76 -6.72
N ILE A 19 -18.72 3.55 -6.23
CA ILE A 19 -19.50 3.35 -4.96
C ILE A 19 -18.84 4.11 -3.80
N LYS A 20 -19.64 4.58 -2.87
CA LYS A 20 -19.08 5.33 -1.70
C LYS A 20 -18.72 4.37 -0.57
N THR A 21 -17.92 3.37 -0.85
CA THR A 21 -17.54 2.38 0.22
C THR A 21 -16.10 1.92 0.03
N TRP A 22 -15.44 1.58 1.11
CA TRP A 22 -14.02 1.11 1.03
C TRP A 22 -13.98 -0.41 1.23
N ARG A 23 -13.40 -1.13 0.31
CA ARG A 23 -13.32 -2.62 0.44
C ARG A 23 -11.93 -3.04 0.92
N PRO A 24 -11.91 -4.10 1.71
CA PRO A 24 -10.63 -4.62 2.25
C PRO A 24 -9.78 -5.31 1.16
N ARG A 25 -8.48 -5.16 1.23
CA ARG A 25 -7.56 -5.77 0.22
C ARG A 25 -6.29 -6.25 0.91
N TYR A 26 -5.71 -7.34 0.45
CA TYR A 26 -4.45 -7.84 1.09
C TYR A 26 -3.23 -7.09 0.50
N PHE A 27 -2.54 -6.36 1.33
CA PHE A 27 -1.34 -5.61 0.83
C PHE A 27 -0.05 -6.35 1.21
N LEU A 28 0.98 -6.20 0.41
CA LEU A 28 2.26 -6.89 0.71
C LEU A 28 3.44 -5.96 0.42
N LEU A 29 4.26 -5.71 1.40
CA LEU A 29 5.46 -4.83 1.20
C LEU A 29 6.68 -5.72 0.94
N LYS A 30 7.44 -5.42 -0.08
CA LYS A 30 8.64 -6.26 -0.39
C LYS A 30 9.94 -5.50 -0.13
N SER A 31 11.06 -6.18 -0.25
CA SER A 31 12.38 -5.52 -0.02
C SER A 31 12.77 -4.60 -1.20
N ASP A 32 11.95 -4.53 -2.22
CA ASP A 32 12.28 -3.64 -3.38
C ASP A 32 11.91 -2.18 -3.04
N GLY A 33 11.14 -1.98 -2.01
CA GLY A 33 10.74 -0.60 -1.62
C GLY A 33 9.37 -0.30 -2.21
N SER A 34 8.51 -1.28 -2.28
CA SER A 34 7.15 -1.06 -2.85
C SER A 34 6.17 -2.11 -2.33
N PHE A 35 4.92 -1.76 -2.16
CA PHE A 35 3.91 -2.73 -1.67
C PHE A 35 2.65 -2.66 -2.53
N ILE A 36 2.08 -3.80 -2.85
CA ILE A 36 0.85 -3.80 -3.72
C ILE A 36 -0.36 -4.31 -2.93
N GLY A 37 -1.51 -3.69 -3.15
CA GLY A 37 -2.75 -4.12 -2.44
C GLY A 37 -3.58 -4.98 -3.38
N TYR A 38 -3.71 -6.25 -3.07
CA TYR A 38 -4.51 -7.17 -3.93
C TYR A 38 -5.95 -7.27 -3.42
N LYS A 39 -6.89 -7.56 -4.29
CA LYS A 39 -8.32 -7.69 -3.84
C LYS A 39 -8.44 -8.81 -2.79
N GLU A 40 -7.57 -9.78 -2.84
CA GLU A 40 -7.59 -10.91 -1.86
C GLU A 40 -6.21 -11.57 -1.83
N ARG A 41 -6.10 -12.77 -1.31
CA ARG A 41 -4.77 -13.46 -1.28
C ARG A 41 -4.39 -13.89 -2.71
N PRO A 42 -3.37 -13.25 -3.25
CA PRO A 42 -2.92 -13.57 -4.62
C PRO A 42 -2.03 -14.82 -4.65
N GLU A 43 -2.09 -15.57 -5.72
CA GLU A 43 -1.23 -16.79 -5.85
C GLU A 43 -1.30 -17.34 -7.28
N ALA A 44 -2.49 -17.50 -7.81
CA ALA A 44 -2.66 -18.04 -9.20
C ALA A 44 -2.14 -19.48 -9.30
N PRO A 45 -2.42 -20.12 -10.42
CA PRO A 45 -1.95 -21.51 -10.64
C PRO A 45 -0.43 -21.55 -10.87
N ASP A 46 0.08 -20.67 -11.69
CA ASP A 46 1.55 -20.62 -11.95
C ASP A 46 2.04 -19.17 -11.84
N GLN A 47 1.55 -18.29 -12.66
CA GLN A 47 1.97 -16.86 -12.60
C GLN A 47 1.02 -15.98 -13.43
N THR A 48 -0.27 -16.20 -13.29
CA THR A 48 -1.27 -15.39 -14.06
C THR A 48 -2.19 -14.65 -13.10
N LEU A 49 -1.63 -13.82 -12.27
CA LEU A 49 -2.44 -13.03 -11.29
C LEU A 49 -2.36 -11.52 -11.60
N PRO A 50 -3.50 -10.94 -11.90
CA PRO A 50 -3.55 -9.49 -12.22
C PRO A 50 -3.52 -8.64 -10.95
N PRO A 51 -2.63 -7.68 -10.91
CA PRO A 51 -2.50 -6.78 -9.73
C PRO A 51 -3.67 -5.78 -9.68
N LEU A 52 -4.17 -5.49 -8.50
CA LEU A 52 -5.30 -4.53 -8.37
C LEU A 52 -4.78 -3.12 -8.06
N ASN A 53 -3.91 -2.98 -7.08
CA ASN A 53 -3.38 -1.63 -6.73
C ASN A 53 -1.90 -1.73 -6.35
N ASN A 54 -1.06 -0.90 -6.91
CA ASN A 54 0.40 -0.97 -6.57
C ASN A 54 0.85 0.35 -5.92
N PHE A 55 1.67 0.26 -4.89
CA PHE A 55 2.16 1.49 -4.21
C PHE A 55 3.69 1.47 -4.11
N SER A 56 4.35 2.45 -4.65
CA SER A 56 5.85 2.49 -4.57
C SER A 56 6.29 3.52 -3.52
N VAL A 57 7.05 3.09 -2.54
CA VAL A 57 7.51 4.05 -1.48
C VAL A 57 8.87 4.66 -1.82
N ALA A 58 9.50 4.24 -2.90
CA ALA A 58 10.83 4.82 -3.27
C ALA A 58 10.66 6.29 -3.66
N GLU A 59 11.34 7.19 -2.97
CA GLU A 59 11.21 8.65 -3.28
C GLU A 59 9.72 9.05 -3.26
N CYS A 60 9.24 9.76 -4.26
CA CYS A 60 7.79 10.16 -4.29
C CYS A 60 7.41 10.96 -3.03
N GLN A 61 6.14 11.05 -2.73
CA GLN A 61 5.70 11.80 -1.52
C GLN A 61 4.54 11.05 -0.82
N LEU A 62 4.64 10.86 0.46
CA LEU A 62 3.56 10.14 1.21
C LEU A 62 3.04 11.01 2.36
N MET A 63 1.73 11.09 2.50
CA MET A 63 1.14 11.91 3.59
C MET A 63 -0.08 11.22 4.19
N LYS A 64 -0.14 11.09 5.49
CA LYS A 64 -1.31 10.43 6.14
C LYS A 64 -2.45 11.45 6.32
N THR A 65 -3.68 10.99 6.36
CA THR A 65 -4.83 11.93 6.51
C THR A 65 -5.98 11.27 7.28
N GLU A 66 -7.03 12.01 7.51
CA GLU A 66 -8.20 11.44 8.26
C GLU A 66 -9.50 11.67 7.45
N ARG A 67 -9.39 11.69 6.15
CA ARG A 67 -10.61 11.91 5.30
C ARG A 67 -10.55 11.00 4.06
N PRO A 68 -11.68 10.47 3.67
CA PRO A 68 -12.97 10.72 4.38
C PRO A 68 -13.03 9.97 5.73
N ARG A 69 -12.07 9.12 6.01
CA ARG A 69 -12.09 8.37 7.31
C ARG A 69 -10.75 8.57 8.04
N PRO A 70 -10.76 8.31 9.33
CA PRO A 70 -9.53 8.47 10.15
C PRO A 70 -8.48 7.40 9.82
N ASN A 71 -7.23 7.68 10.10
CA ASN A 71 -6.13 6.71 9.81
C ASN A 71 -6.09 6.37 8.31
N THR A 72 -5.81 7.34 7.48
CA THR A 72 -5.76 7.07 6.01
C THR A 72 -4.34 7.32 5.47
N PHE A 73 -3.98 6.64 4.41
CA PHE A 73 -2.62 6.82 3.82
C PHE A 73 -2.73 7.29 2.37
N VAL A 74 -2.03 8.35 2.03
CA VAL A 74 -2.09 8.88 0.62
C VAL A 74 -0.67 9.13 0.10
N ILE A 75 -0.37 8.64 -1.09
CA ILE A 75 0.99 8.88 -1.66
C ILE A 75 0.87 9.32 -3.13
N ARG A 76 1.24 10.55 -3.41
CA ARG A 76 1.14 11.05 -4.83
C ARG A 76 2.47 11.65 -5.28
N CYS A 77 2.83 11.43 -6.52
CA CYS A 77 4.11 11.99 -7.05
C CYS A 77 4.19 11.80 -8.58
N LEU A 78 3.72 12.78 -9.32
CA LEU A 78 3.76 12.67 -10.81
C LEU A 78 4.30 13.96 -11.43
N GLN A 79 3.45 14.94 -11.68
CA GLN A 79 3.92 16.23 -12.26
C GLN A 79 2.76 17.24 -12.29
N TRP A 80 1.77 17.00 -13.12
CA TRP A 80 0.60 17.93 -13.21
C TRP A 80 -0.70 17.15 -13.47
N THR A 81 -0.69 15.85 -13.29
CA THR A 81 -1.93 15.05 -13.53
C THR A 81 -2.71 14.87 -12.23
N THR A 82 -3.93 15.36 -12.19
CA THR A 82 -4.76 15.24 -10.95
C THR A 82 -5.64 13.98 -11.01
N VAL A 83 -5.46 13.07 -10.09
CA VAL A 83 -6.27 11.81 -10.09
C VAL A 83 -6.80 11.52 -8.68
N ILE A 84 -7.58 10.48 -8.53
CA ILE A 84 -8.13 10.12 -7.18
C ILE A 84 -7.67 8.72 -6.77
N GLU A 85 -6.44 8.37 -7.07
CA GLU A 85 -5.92 7.02 -6.70
C GLU A 85 -4.75 7.15 -5.72
N ARG A 86 -3.99 6.08 -5.53
CA ARG A 86 -2.82 6.11 -4.59
C ARG A 86 -3.25 6.46 -3.16
N THR A 87 -4.48 6.19 -2.79
CA THR A 87 -4.96 6.50 -1.41
C THR A 87 -5.74 5.31 -0.84
N PHE A 88 -5.48 4.94 0.38
CA PHE A 88 -6.22 3.80 1.01
C PHE A 88 -6.38 4.02 2.52
N HIS A 89 -7.29 3.31 3.13
CA HIS A 89 -7.52 3.45 4.60
C HIS A 89 -7.08 2.18 5.33
N VAL A 90 -6.69 2.28 6.58
CA VAL A 90 -6.26 1.04 7.32
C VAL A 90 -7.41 0.54 8.21
N ASP A 91 -7.42 -0.72 8.52
CA ASP A 91 -8.51 -1.28 9.37
C ASP A 91 -8.17 -1.06 10.87
N SER A 92 -6.92 -0.84 11.20
CA SER A 92 -6.56 -0.63 12.63
C SER A 92 -5.59 0.56 12.75
N PRO A 93 -5.59 1.17 13.92
CA PRO A 93 -4.69 2.31 14.18
C PRO A 93 -3.24 1.83 14.20
N ASP A 94 -3.03 0.64 14.72
CA ASP A 94 -1.65 0.07 14.77
C ASP A 94 -1.20 -0.29 13.33
N GLU A 95 -2.11 -0.65 12.47
CA GLU A 95 -1.74 -0.98 11.07
C GLU A 95 -1.18 0.26 10.38
N ARG A 96 -1.89 1.36 10.45
CA ARG A 96 -1.39 2.63 9.83
C ARG A 96 -0.03 3.00 10.43
N GLU A 97 0.11 2.82 11.72
CA GLU A 97 1.42 3.14 12.37
C GLU A 97 2.49 2.15 11.91
N GLU A 98 2.12 0.91 11.71
CA GLU A 98 3.12 -0.10 11.24
C GLU A 98 3.56 0.22 9.81
N TRP A 99 2.66 0.64 8.96
CA TRP A 99 3.04 0.98 7.55
C TRP A 99 4.01 2.17 7.58
N MET A 100 3.72 3.18 8.35
CA MET A 100 4.64 4.36 8.44
C MET A 100 5.99 3.90 8.97
N ARG A 101 5.98 3.07 9.99
CA ARG A 101 7.26 2.55 10.57
C ARG A 101 8.00 1.70 9.52
N ALA A 102 7.27 0.88 8.79
CA ALA A 102 7.91 0.03 7.74
C ALA A 102 8.45 0.92 6.62
N ILE A 103 7.70 1.92 6.22
CA ILE A 103 8.18 2.84 5.13
C ILE A 103 9.48 3.52 5.55
N GLN A 104 9.58 3.92 6.79
CA GLN A 104 10.83 4.59 7.28
C GLN A 104 12.02 3.62 7.20
N MET A 105 11.82 2.38 7.57
CA MET A 105 12.93 1.38 7.50
C MET A 105 13.25 1.06 6.05
N VAL A 106 12.24 0.90 5.22
CA VAL A 106 12.48 0.60 3.78
C VAL A 106 13.10 1.83 3.10
N ALA A 107 12.62 3.01 3.43
CA ALA A 107 13.17 4.26 2.82
C ALA A 107 14.67 4.36 3.12
N ASN A 108 15.12 3.86 4.25
CA ASN A 108 16.57 3.92 4.57
C ASN A 108 17.37 3.20 3.48
N SER A 109 16.89 2.08 3.02
CA SER A 109 17.61 1.33 1.93
C SER A 109 17.17 1.85 0.55
N LEU A 110 16.15 2.68 0.49
CA LEU A 110 15.68 3.22 -0.81
C LEU A 110 16.30 4.60 -1.10
N LYS A 111 17.32 4.98 -0.36
CA LYS A 111 17.97 6.31 -0.59
C LYS A 111 18.58 6.40 -2.00
#